data_5PZU
#
_entry.id   5PZU
#
_cell.length_a   67.657
_cell.length_b   83.267
_cell.length_c   277.759
_cell.angle_alpha   90.000
_cell.angle_beta   90.000
_cell.angle_gamma   90.000
#
_symmetry.space_group_name_H-M   'P 21 21 21'
#
loop_
_entity.id
_entity.type
_entity.pdbx_description
1 polymer 'Fructose-1,6-bisphosphatase 1'
2 non-polymer '{5-[2-amino-5-(2-methylpropyl)-1,3-thiazol-4-yl]furan-2-yl}phosphonic acid'
3 water water
#
_entity_poly.entity_id   1
_entity_poly.type   'polypeptide(L)'
_entity_poly.pdbx_seq_one_letter_code
;MADQAPFDTDVNTLTRFVMEEGRKARGTGELTQLLNSLCTAVKAISSAVRKAGIAHLYGIAGSTNVTGDQVKKLDVLSND
LVMNMLKSSFATCVLVSEEDKHAIIVEPEKRGKYVVCFDPLDGSSNIDCLVSVGTIFGIYRKKSTDEPSEKDALQPGRNL
VAAGYALYGSATMLVLAMDCGVNCFMLDPAIGEFILVDKDVKIKKKGKIYSLNEGYAKDFDPAVTEYIQRKKFPPDNSAP
YGARYVGSMVADVHRTLVYGGIFLYPANKKSPNGKLRLLYECNPMAYVMEKAGGMATTGKEAVLDVIPTDIHQRAPVILG
SPDDVLEFLKVYEKHSAQ
;
_entity_poly.pdbx_strand_id   A,B,C,D
#
loop_
_chem_comp.id
_chem_comp.type
_chem_comp.name
_chem_comp.formula
94D non-polymer '{5-[2-amino-5-(2-methylpropyl)-1,3-thiazol-4-yl]furan-2-yl}phosphonic acid' 'C11 H15 N2 O4 P S'
#
# COMPACT_ATOMS: atom_id res chain seq x y z
N ASP A 10 19.73 15.84 -6.21
CA ASP A 10 18.66 15.39 -7.10
C ASP A 10 18.26 13.96 -6.79
N VAL A 11 16.95 13.71 -6.70
CA VAL A 11 16.46 12.36 -6.49
C VAL A 11 16.78 11.50 -7.71
N ASN A 12 17.00 10.22 -7.47
CA ASN A 12 17.26 9.29 -8.56
C ASN A 12 16.55 7.99 -8.26
N THR A 13 15.91 7.42 -9.27
CA THR A 13 15.22 6.15 -9.15
C THR A 13 16.02 5.07 -9.89
N LEU A 14 15.71 3.82 -9.57
CA LEU A 14 16.35 2.71 -10.28
C LEU A 14 16.07 2.78 -11.77
N THR A 15 14.82 3.10 -12.14
CA THR A 15 14.46 3.19 -13.56
C THR A 15 15.29 4.23 -14.27
N ARG A 16 15.38 5.43 -13.68
CA ARG A 16 16.15 6.51 -14.29
C ARG A 16 17.65 6.18 -14.33
N PHE A 17 18.17 5.59 -13.25
CA PHE A 17 19.59 5.23 -13.18
C PHE A 17 19.95 4.20 -14.25
N VAL A 18 19.14 3.14 -14.36
CA VAL A 18 19.40 2.09 -15.34
C VAL A 18 19.33 2.67 -16.75
N MET A 19 18.34 3.52 -17.01
CA MET A 19 18.20 4.10 -18.33
C MET A 19 19.41 4.94 -18.68
N GLU A 20 19.87 5.77 -17.74
CA GLU A 20 20.99 6.66 -18.00
C GLU A 20 22.29 5.88 -18.17
N GLU A 21 22.49 4.82 -17.39
CA GLU A 21 23.65 3.97 -17.60
C GLU A 21 23.64 3.36 -19.00
N GLY A 22 22.46 2.97 -19.47
CA GLY A 22 22.36 2.45 -20.83
C GLY A 22 22.64 3.51 -21.87
N ARG A 23 22.19 4.75 -21.62
CA ARG A 23 22.51 5.82 -22.54
C ARG A 23 24.01 6.12 -22.57
N LYS A 24 24.63 6.21 -21.39
CA LYS A 24 26.07 6.48 -21.34
C LYS A 24 26.86 5.43 -22.12
N ALA A 25 26.42 4.18 -22.07
CA ALA A 25 27.10 3.10 -22.77
C ALA A 25 26.68 3.00 -24.23
N ARG A 26 25.75 3.86 -24.68
CA ARG A 26 25.27 3.81 -26.05
C ARG A 26 24.73 2.42 -26.41
N GLY A 27 24.06 1.77 -25.45
CA GLY A 27 23.44 0.49 -25.71
C GLY A 27 22.21 0.62 -26.59
N THR A 28 21.71 -0.53 -27.04
CA THR A 28 20.51 -0.57 -27.85
C THR A 28 19.23 -0.54 -27.00
N GLY A 29 19.36 -0.59 -25.69
CA GLY A 29 18.20 -0.61 -24.81
C GLY A 29 17.72 -1.99 -24.42
N GLU A 30 18.36 -3.04 -24.90
CA GLU A 30 17.90 -4.38 -24.57
C GLU A 30 18.15 -4.68 -23.10
N LEU A 31 19.38 -4.42 -22.61
CA LEU A 31 19.70 -4.64 -21.21
C LEU A 31 18.85 -3.76 -20.30
N THR A 32 18.55 -2.54 -20.74
CA THR A 32 17.65 -1.68 -19.98
C THR A 32 16.29 -2.34 -19.82
N GLN A 33 15.74 -2.90 -20.90
CA GLN A 33 14.44 -3.57 -20.79
C GLN A 33 14.53 -4.78 -19.87
N LEU A 34 15.62 -5.55 -19.97
CA LEU A 34 15.83 -6.65 -19.03
C LEU A 34 15.71 -6.17 -17.59
N LEU A 35 16.44 -5.10 -17.24
CA LEU A 35 16.50 -4.64 -15.85
C LEU A 35 15.16 -4.04 -15.39
N ASN A 36 14.48 -3.30 -16.27
CA ASN A 36 13.15 -2.79 -15.93
C ASN A 36 12.22 -3.94 -15.58
N SER A 37 12.29 -5.03 -16.36
CA SER A 37 11.45 -6.20 -16.12
C SER A 37 11.77 -6.84 -14.80
N LEU A 38 13.06 -6.95 -14.47
CA LEU A 38 13.46 -7.54 -13.21
C LEU A 38 12.99 -6.67 -12.06
N CYS A 39 13.11 -5.36 -12.21
CA CYS A 39 12.65 -4.43 -11.20
C CYS A 39 11.18 -4.66 -10.90
N THR A 40 10.37 -4.79 -11.94
CA THR A 40 8.94 -5.07 -11.80
C THR A 40 8.71 -6.40 -11.09
N ALA A 41 9.46 -7.44 -11.47
CA ALA A 41 9.30 -8.72 -10.80
C ALA A 41 9.61 -8.61 -9.31
N VAL A 42 10.66 -7.86 -8.98
CA VAL A 42 11.11 -7.76 -7.59
C VAL A 42 10.06 -7.05 -6.73
N LYS A 43 9.46 -5.99 -7.28
CA LYS A 43 8.39 -5.30 -6.56
C LYS A 43 7.21 -6.24 -6.32
N ALA A 44 6.90 -7.09 -7.31
CA ALA A 44 5.80 -8.03 -7.15
C ALA A 44 6.15 -9.10 -6.14
N ILE A 45 7.41 -9.54 -6.10
CA ILE A 45 7.82 -10.48 -5.06
C ILE A 45 7.73 -9.83 -3.69
N SER A 46 8.23 -8.60 -3.56
CA SER A 46 8.15 -7.92 -2.27
C SER A 46 6.73 -7.86 -1.78
N SER A 47 5.81 -7.41 -2.64
CA SER A 47 4.41 -7.32 -2.28
C SER A 47 3.88 -8.65 -1.74
N ALA A 48 4.23 -9.76 -2.40
CA ALA A 48 3.74 -11.07 -1.96
C ALA A 48 4.43 -11.52 -0.67
N VAL A 49 5.74 -11.26 -0.55
CA VAL A 49 6.48 -11.64 0.66
C VAL A 49 5.89 -10.94 1.89
N ARG A 50 5.54 -9.67 1.76
CA ARG A 50 4.92 -8.93 2.85
C ARG A 50 3.45 -9.29 3.06
N LYS A 51 2.92 -10.26 2.31
CA LYS A 51 1.60 -10.86 2.56
C LYS A 51 0.43 -9.95 2.18
N ALA A 52 0.62 -9.06 1.20
CA ALA A 52 -0.54 -8.36 0.65
C ALA A 52 -1.55 -9.37 0.13
N GLY A 53 -2.81 -9.22 0.57
CA GLY A 53 -3.89 -10.06 0.13
C GLY A 53 -4.06 -11.33 0.92
N ILE A 54 -3.27 -11.54 1.99
CA ILE A 54 -3.37 -12.76 2.76
C ILE A 54 -4.75 -12.90 3.37
N ALA A 55 -5.47 -11.78 3.52
CA ALA A 55 -6.82 -11.85 4.08
C ALA A 55 -7.74 -12.70 3.22
N HIS A 56 -7.52 -12.70 1.90
CA HIS A 56 -8.34 -13.50 1.00
C HIS A 56 -8.05 -14.99 1.16
N LEU A 57 -6.80 -15.35 1.44
CA LEU A 57 -6.50 -16.75 1.73
C LEU A 57 -7.16 -17.22 3.01
N TYR A 58 -7.44 -16.32 3.94
CA TYR A 58 -8.03 -16.72 5.21
C TYR A 58 -9.54 -16.47 5.26
N GLY A 59 -10.17 -16.27 4.10
CA GLY A 59 -11.62 -16.32 4.01
C GLY A 59 -12.37 -15.01 4.14
N ILE A 60 -11.71 -13.86 3.94
CA ILE A 60 -12.39 -12.57 4.15
C ILE A 60 -13.58 -12.42 3.21
N ALA A 61 -13.51 -12.97 2.00
CA ALA A 61 -14.62 -12.91 1.06
C ALA A 61 -15.32 -14.26 0.92
N GLY A 62 -15.12 -15.15 1.88
CA GLY A 62 -15.73 -16.48 1.86
C GLY A 62 -14.86 -17.42 1.06
N VAL A 71 -2.59 -18.68 -3.77
CA VAL A 71 -2.61 -20.08 -3.34
C VAL A 71 -1.25 -20.77 -3.58
N LYS A 72 -0.42 -20.20 -4.44
CA LYS A 72 0.91 -20.75 -4.66
C LYS A 72 1.82 -20.43 -3.48
N LYS A 73 2.71 -21.37 -3.16
CA LYS A 73 3.81 -21.04 -2.27
C LYS A 73 4.63 -19.90 -2.86
N LEU A 74 5.22 -19.08 -1.98
CA LEU A 74 5.96 -17.89 -2.41
C LEU A 74 7.15 -18.23 -3.29
N ASP A 75 7.82 -19.35 -3.05
CA ASP A 75 8.97 -19.67 -3.89
C ASP A 75 8.54 -20.01 -5.32
N VAL A 76 7.38 -20.63 -5.49
CA VAL A 76 6.87 -20.92 -6.83
C VAL A 76 6.39 -19.64 -7.51
N LEU A 77 5.60 -18.82 -6.79
CA LEU A 77 5.14 -17.55 -7.35
C LEU A 77 6.32 -16.68 -7.77
N SER A 78 7.34 -16.59 -6.89
CA SER A 78 8.52 -15.79 -7.21
C SER A 78 9.21 -16.28 -8.47
N ASN A 79 9.37 -17.59 -8.61
CA ASN A 79 9.96 -18.13 -9.84
C ASN A 79 9.11 -17.77 -11.04
N ASP A 80 7.79 -17.90 -10.94
CA ASP A 80 6.89 -17.57 -12.03
C ASP A 80 6.99 -16.09 -12.40
N LEU A 81 7.11 -15.22 -11.40
CA LEU A 81 7.22 -13.77 -11.67
C LEU A 81 8.50 -13.44 -12.42
N VAL A 82 9.63 -13.95 -11.95
CA VAL A 82 10.90 -13.66 -12.61
C VAL A 82 10.93 -14.27 -14.00
N MET A 83 10.55 -15.55 -14.11
CA MET A 83 10.55 -16.21 -15.42
C MET A 83 9.72 -15.43 -16.43
N ASN A 84 8.48 -15.09 -16.06
CA ASN A 84 7.59 -14.42 -17.01
C ASN A 84 8.06 -13.01 -17.33
N MET A 85 8.54 -12.27 -16.33
CA MET A 85 8.96 -10.89 -16.62
C MET A 85 10.20 -10.88 -17.49
N LEU A 86 11.14 -11.80 -17.25
CA LEU A 86 12.35 -11.84 -18.07
C LEU A 86 12.03 -12.30 -19.50
N LYS A 87 11.19 -13.32 -19.65
CA LYS A 87 10.77 -13.75 -20.98
C LYS A 87 10.16 -12.61 -21.77
N SER A 88 9.23 -11.89 -21.15
CA SER A 88 8.51 -10.83 -21.85
C SER A 88 9.35 -9.58 -22.02
N SER A 89 10.58 -9.55 -21.53
CA SER A 89 11.46 -8.42 -21.83
C SER A 89 12.00 -8.46 -23.26
N PHE A 90 11.94 -9.62 -23.91
CA PHE A 90 12.57 -9.83 -25.22
C PHE A 90 14.07 -9.61 -25.18
N ALA A 91 14.68 -9.70 -24.00
CA ALA A 91 16.10 -9.46 -23.84
C ALA A 91 16.91 -10.71 -23.50
N THR A 92 16.27 -11.85 -23.23
CA THR A 92 16.96 -13.03 -22.73
C THR A 92 16.79 -14.19 -23.70
N CYS A 93 17.71 -15.17 -23.60
CA CYS A 93 17.63 -16.37 -24.40
C CYS A 93 17.80 -17.64 -23.55
N VAL A 94 18.50 -17.55 -22.42
CA VAL A 94 18.70 -18.69 -21.53
C VAL A 94 18.46 -18.27 -20.08
N LEU A 95 17.66 -19.05 -19.36
CA LEU A 95 17.30 -18.72 -17.99
C LEU A 95 17.56 -19.92 -17.08
N VAL A 96 18.36 -19.71 -16.04
CA VAL A 96 18.66 -20.72 -15.04
C VAL A 96 18.08 -20.29 -13.71
N SER A 97 17.26 -21.14 -13.11
CA SER A 97 16.64 -20.87 -11.84
C SER A 97 16.97 -22.01 -10.88
N GLU A 98 17.15 -21.64 -9.61
CA GLU A 98 17.23 -22.63 -8.56
C GLU A 98 16.07 -23.63 -8.62
N GLU A 99 14.91 -23.21 -9.10
CA GLU A 99 13.74 -24.07 -9.10
C GLU A 99 13.65 -25.02 -10.28
N ASP A 100 14.51 -24.88 -11.28
CA ASP A 100 14.38 -25.67 -12.49
C ASP A 100 15.63 -26.50 -12.75
N LYS A 101 15.42 -27.81 -12.97
CA LYS A 101 16.54 -28.72 -13.19
C LYS A 101 17.34 -28.33 -14.43
N HIS A 102 16.66 -28.01 -15.52
CA HIS A 102 17.34 -27.62 -16.75
C HIS A 102 17.13 -26.14 -17.04
N ALA A 103 18.10 -25.57 -17.76
CA ALA A 103 17.96 -24.18 -18.19
C ALA A 103 16.74 -24.03 -19.07
N ILE A 104 16.06 -22.93 -18.93
CA ILE A 104 14.93 -22.60 -19.79
C ILE A 104 15.48 -21.88 -21.02
N ILE A 105 15.10 -22.35 -22.19
CA ILE A 105 15.48 -21.74 -23.45
C ILE A 105 14.29 -20.93 -23.91
N VAL A 106 14.52 -19.62 -24.10
CA VAL A 106 13.44 -18.73 -24.45
C VAL A 106 13.01 -18.99 -25.89
N GLU A 107 11.70 -19.01 -26.11
CA GLU A 107 11.17 -19.30 -27.43
C GLU A 107 11.68 -18.27 -28.44
N PRO A 108 11.86 -18.68 -29.70
CA PRO A 108 12.56 -17.83 -30.68
C PRO A 108 12.07 -16.40 -30.76
N GLU A 109 10.75 -16.19 -30.78
CA GLU A 109 10.24 -14.85 -31.03
C GLU A 109 10.54 -13.87 -29.90
N LYS A 110 10.87 -14.36 -28.70
CA LYS A 110 11.14 -13.51 -27.54
C LYS A 110 12.62 -13.45 -27.18
N ARG A 111 13.50 -14.00 -28.01
CA ARG A 111 14.90 -14.12 -27.62
C ARG A 111 15.65 -12.80 -27.71
N GLY A 112 16.42 -12.50 -26.66
CA GLY A 112 17.48 -11.54 -26.70
C GLY A 112 18.83 -12.19 -26.51
N LYS A 113 19.83 -11.37 -26.19
CA LYS A 113 21.20 -11.87 -26.14
C LYS A 113 21.67 -12.23 -24.72
N TYR A 114 20.84 -12.06 -23.70
CA TYR A 114 21.32 -12.19 -22.33
C TYR A 114 20.95 -13.52 -21.70
N VAL A 115 21.83 -14.00 -20.85
CA VAL A 115 21.66 -15.20 -20.05
C VAL A 115 21.51 -14.76 -18.59
N VAL A 116 20.46 -15.24 -17.93
CA VAL A 116 20.19 -14.83 -16.56
C VAL A 116 20.10 -16.07 -15.67
N CYS A 117 20.90 -16.09 -14.61
CA CYS A 117 20.84 -17.10 -13.57
C CYS A 117 20.31 -16.44 -12.30
N PHE A 118 19.32 -17.04 -11.67
CA PHE A 118 18.74 -16.35 -10.52
C PHE A 118 18.20 -17.35 -9.51
N ASP A 119 18.15 -16.90 -8.27
CA ASP A 119 17.44 -17.60 -7.20
C ASP A 119 16.24 -16.75 -6.82
N PRO A 120 15.02 -17.16 -7.17
CA PRO A 120 13.89 -16.23 -7.04
C PRO A 120 13.50 -15.89 -5.61
N LEU A 121 13.69 -16.81 -4.65
CA LEU A 121 13.38 -16.53 -3.24
C LEU A 121 14.39 -17.31 -2.39
N ASP A 122 15.61 -16.78 -2.30
CA ASP A 122 16.64 -17.39 -1.47
C ASP A 122 16.28 -17.27 0.00
N GLY A 123 16.51 -18.35 0.74
CA GLY A 123 16.19 -18.42 2.15
C GLY A 123 14.74 -18.74 2.45
N SER A 124 13.92 -18.98 1.41
CA SER A 124 12.47 -19.14 1.60
C SER A 124 12.10 -20.45 2.26
N SER A 125 13.03 -21.42 2.31
CA SER A 125 12.75 -22.65 3.04
C SER A 125 12.49 -22.37 4.51
N ASN A 126 13.02 -21.24 5.00
CA ASN A 126 12.80 -20.79 6.37
C ASN A 126 11.90 -19.56 6.42
N ILE A 127 11.10 -19.33 5.37
CA ILE A 127 10.19 -18.20 5.34
C ILE A 127 9.08 -18.33 6.37
N ASP A 128 8.85 -19.53 6.91
CA ASP A 128 7.78 -19.72 7.89
C ASP A 128 8.03 -18.98 9.20
N CYS A 129 9.26 -18.57 9.50
CA CYS A 129 9.54 -17.79 10.70
C CYS A 129 9.74 -16.30 10.42
N LEU A 130 9.42 -15.84 9.21
CA LEU A 130 9.46 -14.42 8.82
C LEU A 130 10.87 -13.84 8.84
N VAL A 131 11.87 -14.72 8.76
CA VAL A 131 13.25 -14.30 8.55
C VAL A 131 13.36 -13.60 7.19
N SER A 132 14.28 -12.63 7.10
CA SER A 132 14.57 -11.98 5.81
C SER A 132 14.81 -13.02 4.72
N VAL A 133 14.27 -12.73 3.53
CA VAL A 133 14.52 -13.52 2.34
C VAL A 133 14.92 -12.57 1.21
N GLY A 134 15.29 -13.15 0.08
CA GLY A 134 15.81 -12.33 -0.99
C GLY A 134 15.71 -12.98 -2.36
N THR A 135 16.09 -12.20 -3.36
CA THR A 135 16.23 -12.64 -4.73
C THR A 135 17.65 -12.36 -5.17
N ILE A 136 18.30 -13.31 -5.84
CA ILE A 136 19.67 -13.12 -6.32
C ILE A 136 19.69 -13.31 -7.84
N PHE A 137 20.45 -12.48 -8.55
CA PHE A 137 20.49 -12.60 -10.00
C PHE A 137 21.89 -12.29 -10.53
N GLY A 138 22.23 -12.93 -11.63
CA GLY A 138 23.44 -12.66 -12.38
C GLY A 138 23.13 -12.65 -13.87
N ILE A 139 23.66 -11.65 -14.59
CA ILE A 139 23.32 -11.44 -15.99
C ILE A 139 24.58 -11.57 -16.84
N TYR A 140 24.53 -12.48 -17.82
CA TYR A 140 25.58 -12.71 -18.78
C TYR A 140 25.13 -12.38 -20.20
N ARG A 141 26.10 -12.10 -21.07
N ARG A 141 26.10 -12.12 -21.07
CA ARG A 141 25.86 -12.08 -22.50
CA ARG A 141 25.84 -12.06 -22.51
C ARG A 141 26.21 -13.43 -23.10
C ARG A 141 26.24 -13.38 -23.15
N LYS A 142 25.35 -13.91 -23.99
CA LYS A 142 25.62 -15.16 -24.69
C LYS A 142 26.87 -15.02 -25.57
N LYS A 143 27.80 -15.98 -25.41
CA LYS A 143 29.12 -15.88 -26.04
C LYS A 143 29.25 -16.70 -27.32
N SER A 144 28.39 -17.68 -27.54
CA SER A 144 28.55 -18.59 -28.67
C SER A 144 27.59 -18.22 -29.79
N THR A 145 27.97 -18.60 -31.01
CA THR A 145 27.12 -18.41 -32.18
C THR A 145 26.20 -19.60 -32.41
N ASP A 146 26.26 -20.61 -31.56
CA ASP A 146 25.38 -21.75 -31.63
C ASP A 146 23.95 -21.36 -31.23
N GLU A 147 23.03 -22.27 -31.53
CA GLU A 147 21.68 -22.17 -30.99
C GLU A 147 21.75 -22.15 -29.47
N PRO A 148 21.00 -21.26 -28.80
CA PRO A 148 21.13 -21.13 -27.35
C PRO A 148 20.80 -22.44 -26.64
N SER A 149 21.59 -22.74 -25.62
CA SER A 149 21.44 -23.97 -24.86
C SER A 149 21.95 -23.72 -23.46
N GLU A 150 21.76 -24.72 -22.60
CA GLU A 150 22.20 -24.65 -21.21
C GLU A 150 23.68 -24.28 -21.09
N LYS A 151 24.51 -24.68 -22.06
CA LYS A 151 25.95 -24.42 -22.00
C LYS A 151 26.25 -22.93 -21.96
N ASP A 152 25.34 -22.11 -22.50
CA ASP A 152 25.53 -20.66 -22.47
C ASP A 152 25.50 -20.09 -21.06
N ALA A 153 24.99 -20.84 -20.10
CA ALA A 153 25.02 -20.43 -18.71
C ALA A 153 26.28 -20.89 -17.99
N LEU A 154 27.12 -21.69 -18.66
CA LEU A 154 28.33 -22.24 -18.04
C LEU A 154 29.52 -21.31 -18.27
N GLN A 155 29.39 -20.09 -17.72
CA GLN A 155 30.42 -19.08 -17.81
C GLN A 155 30.96 -18.78 -16.42
N PRO A 156 32.25 -18.46 -16.29
CA PRO A 156 32.75 -18.03 -14.99
C PRO A 156 32.15 -16.70 -14.60
N GLY A 157 32.04 -16.47 -13.30
CA GLY A 157 31.43 -15.25 -12.81
C GLY A 157 32.12 -13.99 -13.27
N ARG A 158 33.41 -14.07 -13.63
N ARG A 158 33.41 -14.08 -13.63
CA ARG A 158 34.11 -12.87 -14.07
CA ARG A 158 34.13 -12.91 -14.10
C ARG A 158 33.64 -12.39 -15.44
C ARG A 158 33.54 -12.34 -15.37
N ASN A 159 32.71 -13.10 -16.08
CA ASN A 159 32.09 -12.65 -17.32
C ASN A 159 30.80 -11.89 -17.06
N LEU A 160 30.39 -11.76 -15.79
CA LEU A 160 29.13 -11.10 -15.48
C LEU A 160 29.07 -9.68 -16.03
N VAL A 161 27.94 -9.33 -16.62
CA VAL A 161 27.64 -7.97 -17.05
C VAL A 161 27.02 -7.16 -15.92
N ALA A 162 26.14 -7.79 -15.16
CA ALA A 162 25.55 -7.18 -13.98
C ALA A 162 25.11 -8.30 -13.04
N ALA A 163 25.00 -7.96 -11.77
CA ALA A 163 24.58 -8.91 -10.75
C ALA A 163 24.11 -8.12 -9.54
N GLY A 164 23.41 -8.80 -8.64
CA GLY A 164 23.00 -8.14 -7.42
C GLY A 164 21.91 -8.93 -6.73
N TYR A 165 21.17 -8.24 -5.88
CA TYR A 165 20.16 -8.94 -5.11
C TYR A 165 19.13 -7.95 -4.59
N ALA A 166 17.93 -8.46 -4.31
CA ALA A 166 16.91 -7.75 -3.57
C ALA A 166 16.76 -8.45 -2.22
N LEU A 167 16.78 -7.67 -1.15
CA LEU A 167 16.59 -8.17 0.19
C LEU A 167 15.21 -7.74 0.69
N TYR A 168 14.34 -8.69 1.02
CA TYR A 168 13.04 -8.39 1.63
C TYR A 168 13.21 -8.54 3.14
N GLY A 169 13.77 -7.50 3.75
CA GLY A 169 14.02 -7.50 5.17
C GLY A 169 13.06 -6.58 5.91
N SER A 170 13.57 -5.77 6.84
CA SER A 170 12.70 -4.79 7.47
C SER A 170 12.16 -3.79 6.45
N ALA A 171 12.97 -3.46 5.45
CA ALA A 171 12.52 -2.80 4.25
C ALA A 171 13.08 -3.58 3.06
N THR A 172 12.61 -3.26 1.88
CA THR A 172 13.07 -3.95 0.67
C THR A 172 14.10 -3.08 -0.04
N MET A 173 15.26 -3.65 -0.32
CA MET A 173 16.33 -2.93 -0.98
C MET A 173 16.84 -3.75 -2.15
N LEU A 174 17.18 -3.06 -3.24
CA LEU A 174 17.82 -3.67 -4.39
C LEU A 174 19.27 -3.20 -4.45
N VAL A 175 20.21 -4.15 -4.46
CA VAL A 175 21.64 -3.87 -4.59
C VAL A 175 22.04 -4.29 -5.99
N LEU A 176 22.57 -3.35 -6.78
CA LEU A 176 22.90 -3.57 -8.19
C LEU A 176 24.37 -3.32 -8.42
N ALA A 177 25.07 -4.33 -8.94
CA ALA A 177 26.49 -4.22 -9.24
C ALA A 177 26.69 -4.24 -10.74
N MET A 178 27.54 -3.33 -11.23
CA MET A 178 27.99 -3.32 -12.62
C MET A 178 29.43 -2.81 -12.62
N ASP A 179 29.99 -2.58 -13.80
CA ASP A 179 31.36 -2.08 -13.88
C ASP A 179 31.51 -0.76 -13.14
N CYS A 180 30.47 0.08 -13.13
CA CYS A 180 30.54 1.37 -12.46
C CYS A 180 30.52 1.27 -10.93
N GLY A 181 30.41 0.07 -10.35
CA GLY A 181 30.38 -0.08 -8.91
C GLY A 181 29.07 -0.63 -8.37
N VAL A 182 28.84 -0.51 -7.07
CA VAL A 182 27.65 -1.05 -6.41
C VAL A 182 26.76 0.10 -5.95
N ASN A 183 25.47 0.01 -6.26
CA ASN A 183 24.50 1.02 -5.86
C ASN A 183 23.27 0.38 -5.24
N CYS A 184 22.77 1.00 -4.17
CA CYS A 184 21.73 0.46 -3.33
C CYS A 184 20.49 1.32 -3.44
N PHE A 185 19.35 0.68 -3.70
CA PHE A 185 18.08 1.36 -3.96
C PHE A 185 17.06 0.86 -2.95
N MET A 186 16.43 1.78 -2.24
CA MET A 186 15.39 1.42 -1.29
C MET A 186 14.02 1.45 -1.96
N LEU A 187 13.26 0.40 -1.80
CA LEU A 187 11.91 0.37 -2.35
C LEU A 187 11.01 1.23 -1.46
N ASP A 188 10.43 2.26 -2.05
CA ASP A 188 9.39 3.04 -1.38
C ASP A 188 8.06 2.41 -1.75
N PRO A 189 7.44 1.64 -0.86
CA PRO A 189 6.21 0.92 -1.24
C PRO A 189 5.00 1.82 -1.41
N ALA A 190 5.03 3.06 -0.93
CA ALA A 190 3.89 3.95 -1.17
C ALA A 190 3.73 4.26 -2.66
N ILE A 191 4.83 4.25 -3.42
CA ILE A 191 4.81 4.61 -4.83
C ILE A 191 5.44 3.56 -5.74
N GLY A 192 5.89 2.43 -5.22
CA GLY A 192 6.53 1.44 -6.05
C GLY A 192 7.71 1.97 -6.84
N GLU A 193 8.62 2.67 -6.17
CA GLU A 193 9.83 3.21 -6.79
C GLU A 193 11.03 2.82 -5.96
N PHE A 194 12.08 2.33 -6.62
CA PHE A 194 13.35 2.10 -5.94
C PHE A 194 14.16 3.40 -5.93
N ILE A 195 14.46 3.91 -4.74
CA ILE A 195 15.14 5.19 -4.57
C ILE A 195 16.62 4.94 -4.33
N LEU A 196 17.48 5.59 -5.11
CA LEU A 196 18.92 5.46 -4.89
C LEU A 196 19.29 6.12 -3.56
N VAL A 197 19.80 5.33 -2.61
CA VAL A 197 20.10 5.84 -1.28
C VAL A 197 21.56 5.67 -0.88
N ASP A 198 22.34 4.78 -1.53
CA ASP A 198 23.75 4.59 -1.21
C ASP A 198 24.51 4.39 -2.52
N LYS A 199 25.43 5.31 -2.84
CA LYS A 199 26.09 5.34 -4.14
C LYS A 199 27.51 4.81 -4.06
N ASP A 200 27.88 4.02 -5.07
CA ASP A 200 29.25 3.52 -5.23
C ASP A 200 29.74 2.96 -3.90
N VAL A 201 29.02 1.95 -3.40
CA VAL A 201 29.30 1.45 -2.06
C VAL A 201 30.60 0.67 -2.04
N LYS A 202 31.36 0.85 -0.96
CA LYS A 202 32.59 0.12 -0.70
C LYS A 202 32.52 -0.51 0.68
N ILE A 203 33.00 -1.74 0.80
CA ILE A 203 33.01 -2.45 2.07
C ILE A 203 34.23 -2.01 2.88
N LYS A 204 34.10 -2.10 4.21
CA LYS A 204 35.20 -1.84 5.13
C LYS A 204 36.39 -2.73 4.84
N LYS A 205 37.60 -2.19 5.03
CA LYS A 205 38.79 -3.00 4.83
C LYS A 205 38.87 -4.15 5.83
N LYS A 206 38.37 -3.94 7.05
CA LYS A 206 38.38 -5.01 8.04
C LYS A 206 37.16 -4.84 8.93
N GLY A 207 36.47 -5.93 9.22
CA GLY A 207 35.27 -5.90 10.02
C GLY A 207 35.48 -6.47 11.42
N LYS A 208 34.35 -6.65 12.12
CA LYS A 208 34.37 -7.18 13.47
C LYS A 208 33.29 -8.24 13.70
N ILE A 209 32.79 -8.88 12.65
CA ILE A 209 31.74 -9.89 12.75
C ILE A 209 32.11 -11.09 11.90
N TYR A 210 31.84 -12.30 12.40
CA TYR A 210 31.94 -13.49 11.57
C TYR A 210 30.59 -14.18 11.49
N SER A 211 30.33 -14.82 10.34
CA SER A 211 29.00 -15.37 10.06
C SER A 211 29.14 -16.76 9.45
N LEU A 212 28.73 -17.78 10.20
CA LEU A 212 28.65 -19.16 9.71
C LEU A 212 27.88 -19.99 10.74
N ASN A 213 27.42 -21.15 10.30
CA ASN A 213 26.67 -22.06 11.16
C ASN A 213 27.66 -22.86 12.00
N GLU A 214 27.88 -22.41 13.25
CA GLU A 214 28.81 -23.09 14.15
C GLU A 214 28.24 -24.36 14.77
N GLY A 215 26.95 -24.65 14.57
CA GLY A 215 26.41 -25.89 15.11
C GLY A 215 27.05 -27.13 14.49
N TYR A 216 27.58 -27.00 13.28
CA TYR A 216 28.23 -28.11 12.61
C TYR A 216 29.74 -28.07 12.78
N ALA A 217 30.19 -27.51 13.91
CA ALA A 217 31.60 -27.40 14.24
C ALA A 217 32.30 -28.75 14.19
N LYS A 218 31.58 -29.83 14.52
CA LYS A 218 32.22 -31.15 14.52
C LYS A 218 32.67 -31.57 13.12
N ASP A 219 32.10 -30.96 12.07
CA ASP A 219 32.46 -31.26 10.70
C ASP A 219 33.40 -30.24 10.08
N PHE A 220 33.83 -29.23 10.84
CA PHE A 220 34.65 -28.16 10.28
C PHE A 220 35.99 -28.67 9.76
N ASP A 221 36.42 -28.07 8.65
CA ASP A 221 37.81 -28.18 8.23
C ASP A 221 38.72 -27.56 9.30
N PRO A 222 39.93 -28.13 9.49
CA PRO A 222 40.85 -27.56 10.49
C PRO A 222 41.16 -26.10 10.28
N ALA A 223 41.24 -25.64 9.03
CA ALA A 223 41.52 -24.23 8.79
C ALA A 223 40.37 -23.34 9.29
N VAL A 224 39.14 -23.77 9.04
CA VAL A 224 37.96 -23.05 9.53
C VAL A 224 37.91 -23.09 11.04
N THR A 225 38.14 -24.28 11.63
CA THR A 225 38.21 -24.38 13.07
C THR A 225 39.23 -23.40 13.63
N GLU A 226 40.44 -23.37 13.05
CA GLU A 226 41.47 -22.48 13.57
C GLU A 226 41.08 -21.02 13.41
N TYR A 227 40.54 -20.65 12.25
CA TYR A 227 40.18 -19.26 12.01
C TYR A 227 39.12 -18.77 12.97
N ILE A 228 38.05 -19.56 13.18
CA ILE A 228 36.99 -19.14 14.09
C ILE A 228 37.54 -19.06 15.52
N GLN A 229 38.44 -19.98 15.88
CA GLN A 229 39.09 -19.87 17.17
C GLN A 229 39.85 -18.55 17.32
N ARG A 230 40.47 -18.07 16.25
CA ARG A 230 41.16 -16.78 16.32
C ARG A 230 40.20 -15.62 16.50
N LYS A 231 38.97 -15.73 15.99
CA LYS A 231 37.98 -14.66 16.17
C LYS A 231 37.44 -14.61 17.60
N LYS A 232 37.26 -15.77 18.25
CA LYS A 232 36.72 -15.78 19.60
C LYS A 232 37.82 -15.57 20.64
N PHE A 233 39.00 -16.09 20.39
CA PHE A 233 40.12 -16.02 21.32
C PHE A 233 41.28 -15.41 20.55
N PRO A 234 41.27 -14.10 20.37
CA PRO A 234 42.30 -13.46 19.56
C PRO A 234 43.66 -13.60 20.21
N PRO A 235 44.68 -14.01 19.46
CA PRO A 235 46.02 -14.13 20.04
C PRO A 235 46.67 -12.79 20.35
N ASP A 236 46.23 -11.70 19.72
CA ASP A 236 46.88 -10.40 19.84
C ASP A 236 46.21 -9.48 20.86
N ASN A 237 45.55 -10.05 21.87
CA ASN A 237 44.91 -9.28 22.95
C ASN A 237 43.91 -8.25 22.43
N SER A 238 43.42 -8.42 21.20
CA SER A 238 42.34 -7.63 20.64
C SER A 238 40.99 -8.13 21.13
N ALA A 239 39.93 -7.36 20.84
CA ALA A 239 38.61 -7.81 21.25
C ALA A 239 38.09 -8.89 20.29
N PRO A 240 37.43 -9.93 20.81
CA PRO A 240 36.86 -10.95 19.92
C PRO A 240 35.79 -10.34 19.01
N TYR A 241 35.65 -10.94 17.83
CA TYR A 241 34.58 -10.56 16.91
C TYR A 241 33.23 -10.93 17.48
N GLY A 242 32.19 -10.18 17.07
CA GLY A 242 30.83 -10.61 17.29
C GLY A 242 30.39 -11.64 16.26
N ALA A 243 29.38 -12.43 16.63
CA ALA A 243 28.82 -13.45 15.75
C ALA A 243 27.39 -13.09 15.33
N ARG A 244 27.09 -13.29 14.04
CA ARG A 244 25.75 -13.14 13.49
C ARG A 244 25.56 -14.21 12.44
N TYR A 245 24.41 -14.89 12.47
CA TYR A 245 24.12 -15.87 11.41
C TYR A 245 22.60 -15.94 11.24
N VAL A 246 22.11 -15.22 10.23
CA VAL A 246 20.68 -15.20 9.94
C VAL A 246 20.26 -16.52 9.30
N GLY A 247 21.12 -17.11 8.49
CA GLY A 247 20.75 -18.32 7.78
C GLY A 247 20.05 -18.05 6.47
N SER A 248 19.94 -16.78 6.08
CA SER A 248 19.45 -16.37 4.77
C SER A 248 20.61 -15.65 4.08
N MET A 249 21.07 -16.19 2.95
CA MET A 249 22.32 -15.71 2.38
C MET A 249 22.27 -14.23 2.07
N VAL A 250 21.16 -13.77 1.48
CA VAL A 250 21.02 -12.36 1.13
C VAL A 250 21.16 -11.48 2.38
N ALA A 251 20.56 -11.90 3.49
CA ALA A 251 20.61 -11.10 4.72
C ALA A 251 22.02 -11.04 5.30
N ASP A 252 22.70 -12.19 5.36
CA ASP A 252 24.05 -12.23 5.93
C ASP A 252 25.03 -11.48 5.05
N VAL A 253 24.92 -11.63 3.72
CA VAL A 253 25.83 -10.93 2.82
C VAL A 253 25.59 -9.43 2.87
N HIS A 254 24.32 -9.00 2.89
CA HIS A 254 24.08 -7.56 2.94
C HIS A 254 24.65 -6.95 4.22
N ARG A 255 24.47 -7.64 5.35
CA ARG A 255 25.07 -7.16 6.59
C ARG A 255 26.59 -7.09 6.43
N THR A 256 27.19 -8.10 5.80
CA THR A 256 28.63 -8.08 5.56
C THR A 256 29.04 -6.87 4.73
N LEU A 257 28.29 -6.56 3.68
CA LEU A 257 28.55 -5.36 2.89
C LEU A 257 28.44 -4.09 3.73
N VAL A 258 27.36 -3.97 4.50
CA VAL A 258 27.10 -2.71 5.19
C VAL A 258 28.02 -2.53 6.40
N TYR A 259 28.28 -3.59 7.15
CA TYR A 259 29.03 -3.48 8.38
C TYR A 259 30.46 -3.98 8.28
N GLY A 260 30.80 -4.71 7.22
CA GLY A 260 32.08 -5.37 7.14
C GLY A 260 32.07 -6.68 7.91
N GLY A 261 33.18 -7.41 7.78
CA GLY A 261 33.35 -8.69 8.42
C GLY A 261 33.52 -9.78 7.39
N ILE A 262 33.12 -11.00 7.77
CA ILE A 262 33.35 -12.18 6.93
C ILE A 262 32.12 -13.10 7.02
N PHE A 263 31.76 -13.69 5.88
CA PHE A 263 30.70 -14.68 5.78
C PHE A 263 31.31 -15.96 5.20
N LEU A 264 30.95 -17.10 5.80
CA LEU A 264 31.54 -18.38 5.42
C LEU A 264 30.48 -19.46 5.23
N TYR A 265 30.50 -20.12 4.06
CA TYR A 265 29.87 -21.43 3.90
C TYR A 265 30.93 -22.31 3.25
N PRO A 266 31.90 -22.77 4.03
CA PRO A 266 33.06 -23.44 3.44
C PRO A 266 32.81 -24.92 3.12
N ALA A 267 33.76 -25.48 2.38
CA ALA A 267 33.76 -26.91 2.16
C ALA A 267 34.13 -27.62 3.46
N ASN A 268 33.60 -28.82 3.64
CA ASN A 268 33.94 -29.59 4.83
C ASN A 268 34.09 -31.05 4.43
N LYS A 269 34.19 -31.90 5.45
CA LYS A 269 34.49 -33.31 5.24
C LYS A 269 33.32 -34.02 4.60
N LYS A 270 32.09 -33.66 5.00
CA LYS A 270 30.86 -34.19 4.43
C LYS A 270 30.43 -33.50 3.13
N SER A 271 30.87 -32.26 2.90
CA SER A 271 30.47 -31.46 1.74
C SER A 271 31.71 -30.86 1.10
N PRO A 272 32.43 -31.64 0.29
CA PRO A 272 33.71 -31.14 -0.23
C PRO A 272 33.55 -29.99 -1.20
N ASN A 273 32.38 -29.79 -1.79
CA ASN A 273 32.16 -28.63 -2.64
C ASN A 273 31.30 -27.54 -1.99
N GLY A 274 31.11 -27.58 -0.67
CA GLY A 274 30.24 -26.60 -0.08
C GLY A 274 28.77 -26.94 -0.30
N LYS A 275 27.92 -26.01 0.12
CA LYS A 275 26.47 -26.18 -0.05
C LYS A 275 25.84 -25.19 -1.01
N LEU A 276 26.31 -23.94 -1.00
CA LEU A 276 25.69 -22.92 -1.83
C LEU A 276 25.97 -23.18 -3.30
N ARG A 277 25.08 -22.66 -4.16
CA ARG A 277 25.11 -22.95 -5.59
C ARG A 277 25.95 -21.89 -6.30
N LEU A 278 26.86 -22.34 -7.16
CA LEU A 278 27.81 -21.42 -7.80
C LEU A 278 27.12 -20.39 -8.67
N LEU A 279 26.19 -20.85 -9.53
CA LEU A 279 25.74 -20.02 -10.65
C LEU A 279 24.86 -18.86 -10.18
N TYR A 280 23.95 -19.13 -9.24
CA TYR A 280 22.95 -18.14 -8.85
C TYR A 280 22.98 -17.81 -7.36
N GLU A 281 24.01 -18.24 -6.63
CA GLU A 281 24.18 -17.76 -5.27
C GLU A 281 25.58 -17.18 -5.11
N CYS A 282 26.61 -18.00 -5.34
CA CYS A 282 27.98 -17.56 -5.06
C CYS A 282 28.46 -16.49 -6.03
N ASN A 283 28.30 -16.71 -7.34
CA ASN A 283 28.84 -15.76 -8.31
C ASN A 283 28.28 -14.35 -8.14
N PRO A 284 26.95 -14.15 -8.07
CA PRO A 284 26.46 -12.78 -7.90
C PRO A 284 26.96 -12.10 -6.63
N MET A 285 26.96 -12.81 -5.50
CA MET A 285 27.42 -12.20 -4.26
C MET A 285 28.91 -11.91 -4.32
N ALA A 286 29.69 -12.82 -4.91
CA ALA A 286 31.12 -12.57 -5.13
C ALA A 286 31.34 -11.36 -6.05
N TYR A 287 30.52 -11.22 -7.08
CA TYR A 287 30.66 -10.08 -7.99
C TYR A 287 30.36 -8.78 -7.26
N VAL A 288 29.25 -8.73 -6.52
CA VAL A 288 28.93 -7.56 -5.70
C VAL A 288 30.08 -7.27 -4.74
N MET A 289 30.58 -8.31 -4.06
CA MET A 289 31.65 -8.10 -3.11
C MET A 289 32.86 -7.47 -3.79
N GLU A 290 33.30 -8.04 -4.91
CA GLU A 290 34.52 -7.53 -5.54
C GLU A 290 34.31 -6.11 -6.06
N LYS A 291 33.13 -5.81 -6.62
CA LYS A 291 32.86 -4.43 -7.06
C LYS A 291 32.78 -3.46 -5.88
N ALA A 292 32.56 -3.96 -4.67
CA ALA A 292 32.56 -3.13 -3.47
C ALA A 292 33.91 -3.07 -2.79
N GLY A 293 34.96 -3.62 -3.42
CA GLY A 293 36.27 -3.66 -2.79
C GLY A 293 36.47 -4.78 -1.80
N GLY A 294 35.59 -5.78 -1.79
CA GLY A 294 35.73 -6.93 -0.93
C GLY A 294 36.35 -8.11 -1.67
N MET A 295 36.32 -9.27 -1.02
CA MET A 295 36.90 -10.48 -1.56
C MET A 295 35.91 -11.63 -1.44
N ALA A 296 36.10 -12.64 -2.29
CA ALA A 296 35.25 -13.82 -2.26
C ALA A 296 36.05 -15.00 -2.83
N THR A 297 36.32 -15.99 -1.98
CA THR A 297 37.19 -17.11 -2.35
C THR A 297 36.53 -18.43 -2.00
N THR A 298 36.92 -19.48 -2.73
CA THR A 298 36.52 -20.84 -2.36
C THR A 298 37.43 -21.44 -1.31
N GLY A 299 38.46 -20.71 -0.91
CA GLY A 299 39.56 -21.27 -0.15
C GLY A 299 40.72 -21.51 -1.09
N LYS A 300 40.42 -22.08 -2.26
CA LYS A 300 41.42 -22.42 -3.26
C LYS A 300 41.59 -21.38 -4.36
N GLU A 301 40.55 -20.60 -4.66
CA GLU A 301 40.62 -19.65 -5.77
C GLU A 301 39.47 -18.67 -5.63
N ALA A 302 39.53 -17.62 -6.45
CA ALA A 302 38.44 -16.67 -6.50
C ALA A 302 37.18 -17.34 -7.01
N VAL A 303 36.05 -17.07 -6.33
CA VAL A 303 34.78 -17.62 -6.80
C VAL A 303 34.55 -17.26 -8.26
N LEU A 304 34.83 -16.01 -8.63
CA LEU A 304 34.60 -15.52 -9.98
C LEU A 304 35.49 -16.20 -11.02
N ASP A 305 36.52 -16.93 -10.60
CA ASP A 305 37.36 -17.64 -11.55
C ASP A 305 36.95 -19.09 -11.77
N VAL A 306 36.05 -19.65 -10.94
CA VAL A 306 35.65 -21.03 -11.14
C VAL A 306 34.88 -21.13 -12.46
N ILE A 307 35.25 -22.10 -13.29
CA ILE A 307 34.54 -22.34 -14.55
C ILE A 307 33.57 -23.49 -14.33
N PRO A 308 32.26 -23.25 -14.33
CA PRO A 308 31.32 -24.32 -13.99
C PRO A 308 31.18 -25.33 -15.11
N THR A 309 30.87 -26.56 -14.71
CA THR A 309 30.53 -27.64 -15.62
C THR A 309 29.07 -28.09 -15.49
N ASP A 310 28.37 -27.65 -14.44
CA ASP A 310 26.97 -28.02 -14.20
C ASP A 310 26.24 -26.80 -13.65
N ILE A 311 25.07 -26.47 -14.19
CA ILE A 311 24.43 -25.21 -13.79
C ILE A 311 24.03 -25.22 -12.32
N HIS A 312 23.84 -26.39 -11.71
CA HIS A 312 23.49 -26.46 -10.30
C HIS A 312 24.66 -26.91 -9.43
N GLN A 313 25.88 -26.78 -9.90
CA GLN A 313 27.01 -27.21 -9.09
C GLN A 313 27.17 -26.28 -7.89
N ARG A 314 27.71 -26.85 -6.82
CA ARG A 314 27.90 -26.12 -5.57
C ARG A 314 29.33 -25.59 -5.49
N ALA A 315 29.53 -24.60 -4.63
CA ALA A 315 30.88 -24.07 -4.42
C ALA A 315 31.01 -23.61 -2.97
N PRO A 316 32.17 -23.80 -2.35
CA PRO A 316 32.41 -23.15 -1.07
C PRO A 316 32.59 -21.65 -1.26
N VAL A 317 32.21 -20.89 -0.25
CA VAL A 317 32.32 -19.44 -0.35
C VAL A 317 32.75 -18.86 1.00
N ILE A 318 33.76 -18.01 0.96
CA ILE A 318 34.22 -17.21 2.08
C ILE A 318 34.35 -15.81 1.52
N LEU A 319 33.60 -14.85 2.07
CA LEU A 319 33.58 -13.54 1.44
C LEU A 319 33.43 -12.45 2.48
N GLY A 320 33.80 -11.24 2.08
CA GLY A 320 33.59 -10.06 2.91
C GLY A 320 34.77 -9.12 2.91
N SER A 321 35.06 -8.51 4.05
CA SER A 321 36.13 -7.53 4.13
C SER A 321 37.46 -8.17 3.72
N PRO A 322 38.27 -7.49 2.91
CA PRO A 322 39.50 -8.13 2.39
C PRO A 322 40.51 -8.52 3.46
N ASP A 323 40.72 -7.69 4.49
CA ASP A 323 41.66 -8.10 5.53
C ASP A 323 41.20 -9.39 6.22
N ASP A 324 39.88 -9.59 6.35
CA ASP A 324 39.40 -10.81 6.97
C ASP A 324 39.52 -12.01 6.04
N VAL A 325 39.16 -11.86 4.78
CA VAL A 325 39.31 -12.96 3.83
C VAL A 325 40.78 -13.32 3.71
N LEU A 326 41.65 -12.31 3.62
CA LEU A 326 43.08 -12.57 3.51
C LEU A 326 43.58 -13.30 4.74
N GLU A 327 43.10 -12.92 5.94
CA GLU A 327 43.50 -13.63 7.14
C GLU A 327 43.03 -15.07 7.09
N PHE A 328 41.80 -15.30 6.60
CA PHE A 328 41.31 -16.66 6.44
C PHE A 328 42.21 -17.48 5.52
N LEU A 329 42.62 -16.90 4.38
CA LEU A 329 43.45 -17.62 3.42
C LEU A 329 44.82 -17.96 3.99
N LYS A 330 45.38 -17.08 4.83
CA LYS A 330 46.63 -17.41 5.50
C LYS A 330 46.49 -18.66 6.36
N VAL A 331 45.42 -18.73 7.15
CA VAL A 331 45.18 -19.93 7.96
C VAL A 331 44.94 -21.14 7.07
N TYR A 332 44.18 -20.96 5.98
CA TYR A 332 43.88 -22.07 5.08
C TYR A 332 45.16 -22.61 4.45
N GLU A 333 46.01 -21.72 3.95
CA GLU A 333 47.27 -22.13 3.32
C GLU A 333 48.23 -22.72 4.35
N LYS A 334 48.16 -22.22 5.60
CA LYS A 334 48.94 -22.81 6.68
C LYS A 334 48.58 -24.28 6.88
N HIS A 335 47.33 -24.66 6.61
CA HIS A 335 46.89 -26.05 6.63
C HIS A 335 46.93 -26.67 5.24
N SER A 336 47.67 -26.05 4.32
CA SER A 336 47.83 -26.51 2.92
C SER A 336 46.52 -26.40 2.14
N ASP B 10 -14.00 -19.52 9.16
CA ASP B 10 -14.29 -18.11 9.34
C ASP B 10 -13.05 -17.26 9.63
N VAL B 11 -12.92 -16.16 8.88
CA VAL B 11 -11.84 -15.22 9.11
C VAL B 11 -12.01 -14.51 10.45
N ASN B 12 -10.89 -14.14 11.06
CA ASN B 12 -10.89 -13.41 12.33
C ASN B 12 -9.79 -12.36 12.27
N THR B 13 -10.07 -11.17 12.80
CA THR B 13 -9.11 -10.08 12.87
C THR B 13 -8.64 -9.85 14.30
N LEU B 14 -7.51 -9.16 14.43
CA LEU B 14 -7.05 -8.74 15.75
C LEU B 14 -8.08 -7.88 16.47
N THR B 15 -8.70 -6.94 15.75
CA THR B 15 -9.74 -6.09 16.32
C THR B 15 -10.90 -6.91 16.88
N ARG B 16 -11.40 -7.84 16.08
CA ARG B 16 -12.54 -8.66 16.48
C ARG B 16 -12.16 -9.62 17.59
N PHE B 17 -10.96 -10.19 17.52
CA PHE B 17 -10.50 -11.12 18.56
C PHE B 17 -10.34 -10.41 19.91
N VAL B 18 -9.71 -9.23 19.93
CA VAL B 18 -9.51 -8.50 21.19
C VAL B 18 -10.85 -8.10 21.78
N MET B 19 -11.77 -7.63 20.93
CA MET B 19 -13.09 -7.22 21.38
C MET B 19 -13.84 -8.41 21.98
N GLU B 20 -13.77 -9.57 21.34
CA GLU B 20 -14.52 -10.72 21.83
C GLU B 20 -13.95 -11.25 23.14
N GLU B 21 -12.63 -11.28 23.27
CA GLU B 21 -12.04 -11.68 24.55
C GLU B 21 -12.46 -10.75 25.67
N GLY B 22 -12.56 -9.44 25.38
CA GLY B 22 -12.99 -8.50 26.40
C GLY B 22 -14.45 -8.69 26.79
N ARG B 23 -15.30 -9.03 25.82
CA ARG B 23 -16.69 -9.31 26.13
C ARG B 23 -16.85 -10.57 26.97
N LYS B 24 -16.14 -11.64 26.61
CA LYS B 24 -16.18 -12.86 27.40
C LYS B 24 -15.75 -12.57 28.84
N ALA B 25 -14.81 -11.66 29.03
CA ALA B 25 -14.33 -11.32 30.36
C ALA B 25 -15.24 -10.31 31.06
N ARG B 26 -16.30 -9.85 30.41
CA ARG B 26 -17.21 -8.84 30.97
C ARG B 26 -16.43 -7.60 31.42
N GLY B 27 -15.38 -7.25 30.68
CA GLY B 27 -14.62 -6.06 30.98
C GLY B 27 -15.38 -4.78 30.66
N THR B 28 -14.83 -3.67 31.13
CA THR B 28 -15.43 -2.36 30.85
C THR B 28 -15.02 -1.80 29.49
N GLY B 29 -14.13 -2.46 28.76
CA GLY B 29 -13.68 -1.97 27.46
C GLY B 29 -12.41 -1.15 27.49
N GLU B 30 -11.82 -0.92 28.66
CA GLU B 30 -10.62 -0.12 28.76
C GLU B 30 -9.41 -0.86 28.19
N LEU B 31 -9.26 -2.14 28.57
CA LEU B 31 -8.18 -2.91 27.99
C LEU B 31 -8.35 -3.07 26.48
N THR B 32 -9.60 -3.24 26.01
CA THR B 32 -9.82 -3.34 24.57
C THR B 32 -9.33 -2.07 23.85
N GLN B 33 -9.63 -0.89 24.41
CA GLN B 33 -9.18 0.38 23.83
C GLN B 33 -7.65 0.48 23.84
N LEU B 34 -7.03 0.02 24.93
CA LEU B 34 -5.58 -0.12 24.99
C LEU B 34 -5.05 -0.91 23.81
N LEU B 35 -5.56 -2.13 23.63
CA LEU B 35 -5.01 -3.04 22.64
C LEU B 35 -5.27 -2.55 21.22
N ASN B 36 -6.44 -1.97 20.98
CA ASN B 36 -6.70 -1.38 19.66
C ASN B 36 -5.76 -0.23 19.38
N SER B 37 -5.48 0.60 20.40
CA SER B 37 -4.54 1.71 20.23
C SER B 37 -3.15 1.19 19.92
N LEU B 38 -2.76 0.09 20.57
CA LEU B 38 -1.47 -0.52 20.29
C LEU B 38 -1.43 -1.09 18.88
N CYS B 39 -2.53 -1.71 18.46
CA CYS B 39 -2.62 -2.25 17.10
C CYS B 39 -2.39 -1.16 16.06
N THR B 40 -3.04 -0.01 16.25
CA THR B 40 -2.83 1.12 15.33
C THR B 40 -1.37 1.56 15.30
N ALA B 41 -0.75 1.72 16.48
CA ALA B 41 0.64 2.16 16.52
C ALA B 41 1.54 1.19 15.76
N VAL B 42 1.30 -0.10 15.93
CA VAL B 42 2.13 -1.13 15.30
C VAL B 42 2.03 -1.08 13.78
N LYS B 43 0.82 -0.83 13.26
CA LYS B 43 0.70 -0.67 11.81
C LYS B 43 1.46 0.56 11.32
N ALA B 44 1.44 1.64 12.08
CA ALA B 44 2.15 2.85 11.69
C ALA B 44 3.66 2.64 11.77
N ILE B 45 4.13 1.91 12.78
CA ILE B 45 5.55 1.59 12.86
C ILE B 45 5.96 0.72 11.68
N SER B 46 5.15 -0.30 11.38
CA SER B 46 5.45 -1.16 10.23
C SER B 46 5.56 -0.34 8.95
N SER B 47 4.59 0.55 8.72
CA SER B 47 4.62 1.41 7.53
C SER B 47 5.93 2.19 7.45
N ALA B 48 6.37 2.74 8.59
CA ALA B 48 7.61 3.53 8.61
C ALA B 48 8.83 2.64 8.44
N VAL B 49 8.82 1.46 9.07
CA VAL B 49 9.94 0.54 8.97
C VAL B 49 10.13 0.08 7.53
N ARG B 50 9.03 -0.18 6.81
CA ARG B 50 9.13 -0.57 5.40
C ARG B 50 9.42 0.62 4.49
N LYS B 51 9.63 1.81 5.06
CA LYS B 51 10.14 2.98 4.35
C LYS B 51 9.10 3.58 3.41
N ALA B 52 7.82 3.41 3.72
CA ALA B 52 6.80 4.15 3.00
C ALA B 52 7.10 5.64 3.11
N GLY B 53 7.15 6.32 1.96
CA GLY B 53 7.41 7.73 1.95
C GLY B 53 8.86 8.13 1.92
N ILE B 54 9.79 7.17 1.82
CA ILE B 54 11.21 7.51 1.86
C ILE B 54 11.62 8.37 0.68
N ALA B 55 10.89 8.29 -0.44
CA ALA B 55 11.23 9.11 -1.58
C ALA B 55 11.12 10.60 -1.24
N HIS B 56 10.22 10.95 -0.33
CA HIS B 56 10.11 12.35 0.08
C HIS B 56 11.34 12.79 0.86
N LEU B 57 11.95 11.90 1.63
CA LEU B 57 13.20 12.24 2.31
C LEU B 57 14.35 12.48 1.32
N TYR B 58 14.30 11.87 0.13
CA TYR B 58 15.40 11.97 -0.80
C TYR B 58 15.11 12.94 -1.95
N GLY B 59 14.11 13.82 -1.77
CA GLY B 59 13.93 14.98 -2.63
C GLY B 59 12.98 14.81 -3.79
N ILE B 60 12.06 13.83 -3.75
CA ILE B 60 11.19 13.60 -4.89
C ILE B 60 10.37 14.84 -5.22
N ALA B 61 10.05 15.64 -4.21
CA ALA B 61 9.28 16.88 -4.39
C ALA B 61 10.15 18.13 -4.25
N GLY B 62 11.48 17.97 -4.34
CA GLY B 62 12.38 19.11 -4.26
C GLY B 62 12.76 19.52 -2.85
N LYS B 73 16.07 8.53 14.11
CA LYS B 73 14.71 9.03 13.88
C LYS B 73 13.63 7.94 13.90
N LEU B 74 13.90 6.77 13.31
CA LEU B 74 12.88 5.72 13.30
C LEU B 74 12.58 5.23 14.72
N ASP B 75 13.61 5.11 15.56
CA ASP B 75 13.36 4.69 16.93
C ASP B 75 12.64 5.77 17.72
N VAL B 76 12.88 7.05 17.38
CA VAL B 76 12.17 8.15 18.03
C VAL B 76 10.72 8.20 17.56
N LEU B 77 10.50 8.10 16.24
CA LEU B 77 9.13 8.05 15.71
C LEU B 77 8.34 6.90 16.31
N SER B 78 8.97 5.71 16.40
CA SER B 78 8.29 4.54 16.94
C SER B 78 7.89 4.76 18.38
N ASN B 79 8.78 5.34 19.20
CA ASN B 79 8.42 5.67 20.57
C ASN B 79 7.26 6.66 20.62
N ASP B 80 7.32 7.70 19.76
CA ASP B 80 6.27 8.71 19.74
C ASP B 80 4.92 8.11 19.36
N LEU B 81 4.91 7.19 18.39
CA LEU B 81 3.66 6.54 18.01
C LEU B 81 3.07 5.75 19.16
N VAL B 82 3.88 4.92 19.82
CA VAL B 82 3.36 4.11 20.92
C VAL B 82 2.92 5.00 22.08
N MET B 83 3.76 5.97 22.44
CA MET B 83 3.44 6.88 23.54
C MET B 83 2.13 7.61 23.28
N ASN B 84 1.97 8.19 22.09
CA ASN B 84 0.77 8.97 21.82
C ASN B 84 -0.47 8.11 21.70
N MET B 85 -0.37 6.95 21.08
CA MET B 85 -1.57 6.13 20.95
C MET B 85 -2.00 5.59 22.31
N LEU B 86 -1.03 5.21 23.15
CA LEU B 86 -1.37 4.70 24.48
C LEU B 86 -1.92 5.79 25.38
N LYS B 87 -1.32 6.99 25.35
CA LYS B 87 -1.87 8.10 26.11
C LYS B 87 -3.31 8.39 25.70
N SER B 88 -3.56 8.50 24.40
CA SER B 88 -4.88 8.84 23.89
C SER B 88 -5.87 7.68 23.99
N SER B 89 -5.46 6.51 24.48
CA SER B 89 -6.42 5.44 24.72
C SER B 89 -7.25 5.68 25.97
N PHE B 90 -6.78 6.56 26.86
CA PHE B 90 -7.37 6.78 28.19
C PHE B 90 -7.36 5.50 29.02
N ALA B 91 -6.46 4.56 28.70
CA ALA B 91 -6.40 3.27 29.37
C ALA B 91 -5.16 3.08 30.23
N THR B 92 -4.19 3.99 30.19
CA THR B 92 -2.89 3.80 30.85
C THR B 92 -2.64 4.89 31.90
N CYS B 93 -1.70 4.59 32.81
CA CYS B 93 -1.31 5.56 33.83
C CYS B 93 0.21 5.69 33.92
N VAL B 94 0.93 4.63 33.59
CA VAL B 94 2.39 4.63 33.66
C VAL B 94 2.93 3.96 32.40
N LEU B 95 3.90 4.60 31.75
CA LEU B 95 4.46 4.06 30.51
C LEU B 95 5.96 3.99 30.67
N VAL B 96 6.51 2.79 30.47
CA VAL B 96 7.95 2.58 30.53
C VAL B 96 8.43 2.19 29.13
N SER B 97 9.38 2.93 28.61
CA SER B 97 9.95 2.68 27.30
C SER B 97 11.45 2.54 27.40
N GLU B 98 12.00 1.65 26.58
CA GLU B 98 13.44 1.59 26.40
C GLU B 98 14.03 2.96 26.05
N GLU B 99 13.25 3.84 25.42
CA GLU B 99 13.77 5.10 24.91
C GLU B 99 13.79 6.22 25.94
N ASP B 100 13.17 6.04 27.10
CA ASP B 100 12.97 7.11 28.08
C ASP B 100 13.62 6.74 29.40
N LYS B 101 14.43 7.66 29.93
CA LYS B 101 15.18 7.39 31.15
C LYS B 101 14.28 7.10 32.34
N HIS B 102 13.21 7.87 32.50
CA HIS B 102 12.28 7.71 33.59
C HIS B 102 10.94 7.29 33.04
N ALA B 103 10.12 6.68 33.89
CA ALA B 103 8.76 6.31 33.49
C ALA B 103 7.96 7.56 33.11
N ILE B 104 7.07 7.40 32.14
CA ILE B 104 6.13 8.45 31.78
C ILE B 104 4.87 8.25 32.62
N ILE B 105 4.45 9.30 33.31
CA ILE B 105 3.22 9.29 34.09
C ILE B 105 2.15 10.02 33.28
N VAL B 106 1.03 9.35 33.02
CA VAL B 106 -0.02 9.93 32.18
C VAL B 106 -0.77 11.00 32.96
N GLU B 107 -1.10 12.09 32.28
CA GLU B 107 -1.76 13.21 32.93
C GLU B 107 -3.12 12.77 33.45
N PRO B 108 -3.61 13.39 34.52
CA PRO B 108 -4.85 12.91 35.17
C PRO B 108 -6.05 12.70 34.25
N GLU B 109 -6.36 13.64 33.33
CA GLU B 109 -7.58 13.42 32.57
C GLU B 109 -7.49 12.27 31.57
N LYS B 110 -6.28 11.79 31.25
CA LYS B 110 -6.15 10.70 30.29
C LYS B 110 -5.83 9.36 30.94
N ARG B 111 -5.87 9.27 32.26
CA ARG B 111 -5.43 8.08 32.97
C ARG B 111 -6.45 6.96 32.92
N GLY B 112 -5.97 5.76 32.61
CA GLY B 112 -6.69 4.53 32.90
C GLY B 112 -5.88 3.74 33.91
N LYS B 113 -6.18 2.46 34.06
CA LYS B 113 -5.57 1.67 35.13
C LYS B 113 -4.38 0.83 34.71
N TYR B 114 -3.95 0.89 33.44
CA TYR B 114 -2.91 -0.03 32.97
C TYR B 114 -1.54 0.62 32.92
N VAL B 115 -0.54 -0.19 33.24
CA VAL B 115 0.88 0.15 33.16
C VAL B 115 1.47 -0.64 32.00
N VAL B 116 2.19 0.04 31.10
CA VAL B 116 2.71 -0.60 29.90
C VAL B 116 4.21 -0.37 29.82
N CYS B 117 4.95 -1.46 29.71
CA CYS B 117 6.38 -1.43 29.45
C CYS B 117 6.63 -1.90 28.04
N PHE B 118 7.41 -1.15 27.28
CA PHE B 118 7.57 -1.54 25.89
C PHE B 118 8.94 -1.11 25.40
N ASP B 119 9.39 -1.83 24.38
CA ASP B 119 10.54 -1.46 23.58
C ASP B 119 9.99 -1.12 22.21
N PRO B 120 9.94 0.15 21.81
CA PRO B 120 9.19 0.52 20.60
C PRO B 120 9.81 0.06 19.29
N LEU B 121 11.13 -0.09 19.20
CA LEU B 121 11.77 -0.61 17.97
C LEU B 121 12.97 -1.43 18.44
N ASP B 122 12.70 -2.65 18.89
CA ASP B 122 13.75 -3.54 19.34
C ASP B 122 14.62 -3.97 18.17
N GLY B 123 15.94 -3.98 18.40
CA GLY B 123 16.88 -4.34 17.37
C GLY B 123 17.22 -3.24 16.38
N SER B 124 16.70 -2.03 16.58
CA SER B 124 16.88 -0.97 15.59
C SER B 124 18.32 -0.50 15.47
N SER B 125 19.19 -0.87 16.41
CA SER B 125 20.59 -0.47 16.31
C SER B 125 21.25 -1.04 15.04
N ASN B 126 20.73 -2.14 14.51
CA ASN B 126 21.24 -2.71 13.27
C ASN B 126 20.24 -2.57 12.12
N ILE B 127 19.32 -1.60 12.21
CA ILE B 127 18.37 -1.40 11.13
C ILE B 127 19.07 -0.94 9.86
N ASP B 128 20.31 -0.45 9.99
CA ASP B 128 21.08 -0.01 8.83
C ASP B 128 21.41 -1.15 7.89
N CYS B 129 21.35 -2.39 8.34
CA CYS B 129 21.54 -3.55 7.45
C CYS B 129 20.23 -4.23 7.12
N LEU B 130 19.10 -3.60 7.44
CA LEU B 130 17.74 -4.07 7.12
C LEU B 130 17.39 -5.39 7.79
N VAL B 131 18.06 -5.71 8.89
CA VAL B 131 17.68 -6.83 9.74
C VAL B 131 16.26 -6.63 10.26
N SER B 132 15.57 -7.74 10.52
CA SER B 132 14.27 -7.70 11.20
C SER B 132 14.36 -6.88 12.49
N VAL B 133 13.32 -6.10 12.77
CA VAL B 133 13.20 -5.40 14.04
C VAL B 133 11.80 -5.62 14.58
N GLY B 134 11.55 -5.14 15.80
CA GLY B 134 10.27 -5.44 16.41
C GLY B 134 9.87 -4.46 17.49
N THR B 135 8.64 -4.63 17.96
CA THR B 135 8.10 -3.89 19.09
C THR B 135 7.68 -4.91 20.14
N ILE B 136 8.10 -4.70 21.39
CA ILE B 136 7.81 -5.62 22.48
C ILE B 136 7.01 -4.87 23.53
N PHE B 137 6.00 -5.51 24.11
CA PHE B 137 5.17 -4.80 25.09
C PHE B 137 4.70 -5.77 26.16
N GLY B 138 4.53 -5.24 27.36
CA GLY B 138 3.94 -5.96 28.47
C GLY B 138 2.97 -5.06 29.21
N ILE B 139 1.79 -5.58 29.56
CA ILE B 139 0.72 -4.79 30.17
C ILE B 139 0.41 -5.34 31.55
N TYR B 140 0.46 -4.45 32.55
CA TYR B 140 0.11 -4.74 33.94
C TYR B 140 -1.11 -3.91 34.34
N ARG B 141 -1.85 -4.41 35.32
N ARG B 141 -1.85 -4.40 35.33
CA ARG B 141 -2.94 -3.66 35.94
CA ARG B 141 -2.94 -3.64 35.92
C ARG B 141 -2.41 -3.00 37.21
C ARG B 141 -2.47 -3.02 37.22
N LYS B 142 -2.74 -1.73 37.40
CA LYS B 142 -2.48 -1.04 38.65
C LYS B 142 -3.70 -1.24 39.55
N LYS B 143 -3.47 -1.78 40.75
CA LYS B 143 -4.54 -2.15 41.65
C LYS B 143 -4.73 -1.15 42.78
N SER B 144 -3.76 -0.29 43.01
CA SER B 144 -3.74 0.58 44.18
C SER B 144 -4.31 1.94 43.84
N THR B 145 -4.77 2.63 44.89
CA THR B 145 -5.32 3.98 44.80
C THR B 145 -4.27 5.06 44.98
N ASP B 146 -3.00 4.71 45.09
CA ASP B 146 -1.98 5.73 45.18
C ASP B 146 -1.87 6.46 43.84
N GLU B 147 -1.27 7.64 43.89
CA GLU B 147 -0.93 8.36 42.67
C GLU B 147 0.06 7.54 41.86
N PRO B 148 -0.14 7.40 40.55
CA PRO B 148 0.73 6.52 39.75
C PRO B 148 2.18 7.02 39.72
N SER B 149 3.13 6.08 39.75
CA SER B 149 4.53 6.44 39.72
C SER B 149 5.34 5.32 39.08
N GLU B 150 6.64 5.57 38.91
CA GLU B 150 7.56 4.59 38.36
C GLU B 150 7.53 3.28 39.13
N LYS B 151 7.31 3.34 40.44
CA LYS B 151 7.30 2.12 41.22
C LYS B 151 6.16 1.18 40.82
N ASP B 152 5.07 1.68 40.24
CA ASP B 152 4.01 0.78 39.79
C ASP B 152 4.45 -0.15 38.66
N ALA B 153 5.54 0.17 37.96
CA ALA B 153 6.04 -0.70 36.92
C ALA B 153 7.01 -1.76 37.46
N LEU B 154 7.33 -1.69 38.74
CA LEU B 154 8.30 -2.59 39.35
C LEU B 154 7.56 -3.85 39.82
N GLN B 155 7.05 -4.58 38.83
CA GLN B 155 6.31 -5.80 39.09
C GLN B 155 7.01 -7.01 38.47
N PRO B 156 6.92 -8.18 39.11
CA PRO B 156 7.39 -9.40 38.46
C PRO B 156 6.51 -9.74 37.27
N GLY B 157 7.12 -10.40 36.27
CA GLY B 157 6.40 -10.74 35.04
C GLY B 157 5.17 -11.61 35.22
N ARG B 158 5.12 -12.40 36.30
N ARG B 158 5.13 -12.41 36.29
CA ARG B 158 3.93 -13.22 36.55
CA ARG B 158 3.96 -13.22 36.58
C ARG B 158 2.68 -12.38 36.72
C ARG B 158 2.69 -12.39 36.77
N ASN B 159 2.82 -11.08 36.96
CA ASN B 159 1.67 -10.19 37.11
C ASN B 159 1.12 -9.70 35.79
N LEU B 160 1.75 -10.05 34.67
CA LEU B 160 1.31 -9.56 33.37
C LEU B 160 -0.13 -9.94 33.08
N VAL B 161 -0.87 -8.97 32.56
CA VAL B 161 -2.22 -9.21 32.06
C VAL B 161 -2.18 -9.65 30.60
N ALA B 162 -1.31 -9.03 29.80
CA ALA B 162 -1.15 -9.38 28.40
C ALA B 162 0.25 -8.97 27.99
N ALA B 163 0.76 -9.65 26.96
CA ALA B 163 2.09 -9.31 26.46
C ALA B 163 2.23 -9.85 25.05
N GLY B 164 3.26 -9.38 24.36
CA GLY B 164 3.52 -9.88 23.04
C GLY B 164 4.49 -8.98 22.30
N TYR B 165 4.43 -9.09 20.97
CA TYR B 165 5.38 -8.38 20.15
C TYR B 165 4.85 -8.33 18.73
N ALA B 166 5.31 -7.31 18.00
CA ALA B 166 5.16 -7.20 16.56
C ALA B 166 6.53 -7.43 15.96
N LEU B 167 6.60 -8.32 14.97
CA LEU B 167 7.83 -8.55 14.23
C LEU B 167 7.70 -7.92 12.85
N TYR B 168 8.59 -6.99 12.54
CA TYR B 168 8.65 -6.44 11.19
C TYR B 168 9.75 -7.19 10.44
N GLY B 169 9.40 -8.39 9.97
CA GLY B 169 10.36 -9.24 9.28
C GLY B 169 10.11 -9.28 7.78
N SER B 170 10.19 -10.48 7.18
CA SER B 170 9.80 -10.58 5.78
C SER B 170 8.33 -10.20 5.59
N ALA B 171 7.48 -10.52 6.58
CA ALA B 171 6.16 -9.90 6.71
C ALA B 171 6.03 -9.40 8.14
N THR B 172 4.93 -8.68 8.41
CA THR B 172 4.66 -8.15 9.74
C THR B 172 3.64 -9.03 10.48
N MET B 173 4.03 -9.49 11.67
CA MET B 173 3.15 -10.33 12.47
C MET B 173 3.08 -9.83 13.89
N LEU B 174 1.88 -9.84 14.47
CA LEU B 174 1.66 -9.50 15.87
C LEU B 174 1.35 -10.79 16.61
N VAL B 175 2.13 -11.07 17.65
CA VAL B 175 1.95 -12.21 18.54
C VAL B 175 1.44 -11.67 19.87
N LEU B 176 0.26 -12.14 20.30
CA LEU B 176 -0.42 -11.64 21.51
C LEU B 176 -0.65 -12.80 22.47
N ALA B 177 -0.15 -12.64 23.69
CA ALA B 177 -0.30 -13.62 24.76
C ALA B 177 -1.19 -13.06 25.85
N MET B 178 -2.14 -13.87 26.31
CA MET B 178 -2.98 -13.58 27.48
C MET B 178 -3.27 -14.90 28.17
N ASP B 179 -4.15 -14.87 29.16
CA ASP B 179 -4.51 -16.09 29.89
C ASP B 179 -5.04 -17.16 28.94
N CYS B 180 -5.80 -16.75 27.92
CA CYS B 180 -6.35 -17.71 26.98
C CYS B 180 -5.30 -18.36 26.06
N GLY B 181 -4.02 -17.99 26.18
CA GLY B 181 -2.98 -18.55 25.34
C GLY B 181 -2.32 -17.55 24.42
N VAL B 182 -1.64 -18.05 23.38
CA VAL B 182 -0.88 -17.25 22.44
C VAL B 182 -1.56 -17.33 21.06
N ASN B 183 -1.73 -16.17 20.41
CA ASN B 183 -2.32 -16.15 19.07
C ASN B 183 -1.52 -15.21 18.17
N CYS B 184 -1.35 -15.62 16.90
CA CYS B 184 -0.47 -14.92 15.95
C CYS B 184 -1.29 -14.33 14.81
N PHE B 185 -1.06 -13.05 14.53
CA PHE B 185 -1.84 -12.29 13.56
C PHE B 185 -0.91 -11.75 12.48
N MET B 186 -1.22 -12.03 11.21
CA MET B 186 -0.45 -11.51 10.09
C MET B 186 -1.08 -10.21 9.60
N LEU B 187 -0.25 -9.18 9.44
CA LEU B 187 -0.73 -7.90 8.92
C LEU B 187 -0.89 -8.02 7.41
N ASP B 188 -2.11 -7.86 6.91
CA ASP B 188 -2.31 -7.75 5.47
C ASP B 188 -2.18 -6.28 5.10
N PRO B 189 -1.06 -5.87 4.50
CA PRO B 189 -0.87 -4.43 4.23
C PRO B 189 -1.79 -3.87 3.16
N ALA B 190 -2.44 -4.70 2.34
CA ALA B 190 -3.39 -4.17 1.37
C ALA B 190 -4.58 -3.51 2.04
N ILE B 191 -4.95 -3.99 3.24
CA ILE B 191 -6.12 -3.49 3.95
C ILE B 191 -5.80 -3.02 5.36
N GLY B 192 -4.53 -3.07 5.77
CA GLY B 192 -4.13 -2.67 7.12
C GLY B 192 -4.91 -3.39 8.19
N GLU B 193 -4.98 -4.71 8.08
CA GLU B 193 -5.73 -5.55 9.01
C GLU B 193 -4.84 -6.69 9.46
N PHE B 194 -4.83 -6.96 10.78
CA PHE B 194 -4.15 -8.12 11.32
C PHE B 194 -5.07 -9.33 11.25
N ILE B 195 -4.66 -10.36 10.50
CA ILE B 195 -5.46 -11.56 10.26
C ILE B 195 -4.97 -12.67 11.20
N LEU B 196 -5.89 -13.30 11.92
CA LEU B 196 -5.53 -14.41 12.78
C LEU B 196 -5.12 -15.61 11.91
N VAL B 197 -3.88 -16.06 12.05
CA VAL B 197 -3.38 -17.16 11.21
C VAL B 197 -2.88 -18.35 12.02
N ASP B 198 -2.57 -18.19 13.30
CA ASP B 198 -2.13 -19.31 14.13
C ASP B 198 -2.78 -19.15 15.49
N LYS B 199 -3.65 -20.11 15.85
CA LYS B 199 -4.49 -20.02 17.03
C LYS B 199 -3.91 -20.87 18.13
N ASP B 200 -3.91 -20.34 19.37
CA ASP B 200 -3.52 -21.10 20.56
C ASP B 200 -2.22 -21.86 20.33
N VAL B 201 -1.19 -21.09 20.01
CA VAL B 201 0.06 -21.66 19.55
C VAL B 201 0.79 -22.33 20.72
N LYS B 202 1.39 -23.49 20.45
CA LYS B 202 2.21 -24.18 21.43
C LYS B 202 3.58 -24.44 20.81
N ILE B 203 4.62 -24.24 21.60
CA ILE B 203 5.97 -24.45 21.10
C ILE B 203 6.31 -25.94 21.14
N LYS B 204 7.21 -26.37 20.24
CA LYS B 204 7.68 -27.75 20.25
C LYS B 204 8.27 -28.09 21.61
N LYS B 205 8.07 -29.34 22.02
CA LYS B 205 8.65 -29.81 23.28
C LYS B 205 10.18 -29.72 23.23
N LYS B 206 10.76 -29.99 22.06
CA LYS B 206 12.20 -29.96 21.89
C LYS B 206 12.51 -29.56 20.45
N GLY B 207 13.50 -28.68 20.29
CA GLY B 207 13.91 -28.19 18.99
C GLY B 207 15.27 -28.74 18.56
N LYS B 208 15.81 -28.11 17.50
CA LYS B 208 17.11 -28.51 16.94
C LYS B 208 17.96 -27.32 16.55
N ILE B 209 17.68 -26.14 17.10
CA ILE B 209 18.38 -24.91 16.81
C ILE B 209 18.72 -24.24 18.14
N TYR B 210 19.93 -23.73 18.26
CA TYR B 210 20.30 -22.92 19.40
C TYR B 210 20.72 -21.55 18.90
N SER B 211 20.45 -20.53 19.71
CA SER B 211 20.61 -19.14 19.28
C SER B 211 21.31 -18.35 20.38
N LEU B 212 22.54 -17.91 20.12
CA LEU B 212 23.24 -16.98 21.01
C LEU B 212 24.46 -16.45 20.28
N ASN B 213 25.00 -15.35 20.79
CA ASN B 213 26.19 -14.71 20.23
C ASN B 213 27.40 -15.45 20.76
N GLU B 214 27.98 -16.32 19.95
CA GLU B 214 29.17 -17.06 20.35
C GLU B 214 30.44 -16.23 20.33
N GLY B 215 30.37 -14.96 19.92
CA GLY B 215 31.52 -14.09 20.02
C GLY B 215 31.98 -13.88 21.44
N TYR B 216 31.09 -14.09 22.41
CA TYR B 216 31.40 -13.96 23.83
C TYR B 216 31.81 -15.29 24.44
N ALA B 217 32.29 -16.24 23.63
CA ALA B 217 32.63 -17.56 24.17
C ALA B 217 33.69 -17.45 25.26
N LYS B 218 34.63 -16.52 25.12
CA LYS B 218 35.68 -16.37 26.12
C LYS B 218 35.16 -15.89 27.47
N ASP B 219 33.97 -15.29 27.52
CA ASP B 219 33.39 -14.79 28.76
C ASP B 219 32.32 -15.70 29.35
N PHE B 220 31.97 -16.77 28.64
CA PHE B 220 30.85 -17.60 29.07
C PHE B 220 31.14 -18.25 30.42
N ASP B 221 30.10 -18.35 31.24
CA ASP B 221 30.12 -19.21 32.40
C ASP B 221 30.38 -20.65 31.97
N PRO B 222 31.00 -21.45 32.84
CA PRO B 222 31.23 -22.87 32.48
C PRO B 222 29.97 -23.61 32.07
N ALA B 223 28.82 -23.27 32.67
CA ALA B 223 27.58 -23.96 32.32
C ALA B 223 27.15 -23.69 30.88
N VAL B 224 27.26 -22.44 30.44
CA VAL B 224 26.91 -22.10 29.06
C VAL B 224 27.86 -22.79 28.08
N THR B 225 29.15 -22.69 28.33
CA THR B 225 30.13 -23.37 27.50
C THR B 225 29.80 -24.86 27.38
N GLU B 226 29.50 -25.52 28.51
CA GLU B 226 29.21 -26.95 28.46
C GLU B 226 27.93 -27.23 27.69
N TYR B 227 26.90 -26.40 27.90
CA TYR B 227 25.65 -26.63 27.19
C TYR B 227 25.84 -26.55 25.69
N ILE B 228 26.58 -25.54 25.21
CA ILE B 228 26.78 -25.38 23.77
C ILE B 228 27.62 -26.52 23.22
N GLN B 229 28.60 -26.99 24.00
CA GLN B 229 29.35 -28.19 23.62
C GLN B 229 28.43 -29.38 23.41
N ARG B 230 27.35 -29.46 24.20
CA ARG B 230 26.40 -30.55 24.02
C ARG B 230 25.60 -30.40 22.73
N LYS B 231 25.37 -29.17 22.27
CA LYS B 231 24.64 -28.97 21.02
C LYS B 231 25.49 -29.32 19.80
N LYS B 232 26.80 -29.12 19.88
CA LYS B 232 27.70 -29.42 18.77
C LYS B 232 28.12 -30.89 18.76
N PHE B 233 28.32 -31.48 19.94
CA PHE B 233 28.77 -32.87 20.09
C PHE B 233 27.78 -33.56 21.03
N PRO B 234 26.65 -34.02 20.51
CA PRO B 234 25.57 -34.56 21.38
C PRO B 234 25.99 -35.80 22.14
N PRO B 235 25.71 -35.85 23.46
CA PRO B 235 26.12 -37.01 24.26
C PRO B 235 25.37 -38.29 23.93
N ASP B 236 24.16 -38.20 23.37
CA ASP B 236 23.33 -39.35 23.08
C ASP B 236 23.43 -39.80 21.63
N ASN B 237 24.49 -39.39 20.93
CA ASN B 237 24.70 -39.76 19.53
C ASN B 237 23.64 -39.18 18.59
N SER B 238 22.93 -38.14 19.00
CA SER B 238 22.00 -37.48 18.09
C SER B 238 22.76 -36.52 17.17
N ALA B 239 22.02 -35.96 16.16
CA ALA B 239 22.62 -35.00 15.24
C ALA B 239 22.79 -33.65 15.92
N PRO B 240 23.89 -32.94 15.66
CA PRO B 240 24.11 -31.63 16.29
C PRO B 240 23.02 -30.63 15.94
N TYR B 241 22.76 -29.71 16.84
CA TYR B 241 21.83 -28.63 16.56
C TYR B 241 22.41 -27.68 15.50
N GLY B 242 21.53 -27.05 14.71
CA GLY B 242 21.94 -25.94 13.89
C GLY B 242 22.03 -24.66 14.70
N ALA B 243 22.81 -23.70 14.20
CA ALA B 243 22.98 -22.42 14.87
C ALA B 243 22.30 -21.31 14.07
N ARG B 244 21.60 -20.43 14.78
CA ARG B 244 21.00 -19.24 14.17
C ARG B 244 21.14 -18.11 15.17
N TYR B 245 21.59 -16.94 14.73
CA TYR B 245 21.60 -15.79 15.63
C TYR B 245 21.43 -14.54 14.77
N VAL B 246 20.20 -14.05 14.72
CA VAL B 246 19.95 -12.86 13.92
C VAL B 246 20.51 -11.63 14.62
N GLY B 247 20.51 -11.62 15.96
CA GLY B 247 20.96 -10.46 16.68
C GLY B 247 19.88 -9.45 16.91
N SER B 248 18.65 -9.77 16.52
CA SER B 248 17.48 -9.00 16.84
C SER B 248 16.60 -9.87 17.70
N MET B 249 16.35 -9.45 18.95
CA MET B 249 15.73 -10.33 19.91
C MET B 249 14.41 -10.87 19.41
N VAL B 250 13.57 -10.00 18.83
CA VAL B 250 12.25 -10.43 18.37
C VAL B 250 12.37 -11.45 17.25
N ALA B 251 13.31 -11.24 16.33
CA ALA B 251 13.45 -12.20 15.23
C ALA B 251 13.87 -13.56 15.77
N ASP B 252 14.87 -13.58 16.67
CA ASP B 252 15.39 -14.84 17.18
C ASP B 252 14.36 -15.56 18.04
N VAL B 253 13.65 -14.81 18.90
CA VAL B 253 12.64 -15.43 19.75
C VAL B 253 11.46 -15.90 18.92
N HIS B 254 11.03 -15.11 17.92
CA HIS B 254 9.92 -15.59 17.09
C HIS B 254 10.28 -16.90 16.41
N ARG B 255 11.49 -16.99 15.85
CA ARG B 255 11.92 -18.25 15.25
C ARG B 255 11.89 -19.38 16.27
N THR B 256 12.36 -19.11 17.50
CA THR B 256 12.29 -20.11 18.55
C THR B 256 10.85 -20.57 18.79
N LEU B 257 9.90 -19.63 18.80
CA LEU B 257 8.50 -19.98 18.96
C LEU B 257 8.01 -20.89 17.84
N VAL B 258 8.30 -20.52 16.59
CA VAL B 258 7.74 -21.19 15.40
C VAL B 258 8.40 -22.54 15.13
N TYR B 259 9.71 -22.62 15.29
CA TYR B 259 10.46 -23.83 14.97
C TYR B 259 10.88 -24.62 16.19
N GLY B 260 10.81 -24.06 17.39
CA GLY B 260 11.33 -24.69 18.58
C GLY B 260 12.82 -24.44 18.76
N GLY B 261 13.33 -24.85 19.92
CA GLY B 261 14.73 -24.72 20.23
C GLY B 261 14.97 -23.80 21.42
N ILE B 262 16.13 -23.15 21.41
CA ILE B 262 16.55 -22.40 22.58
C ILE B 262 17.23 -21.09 22.16
N PHE B 263 16.96 -20.03 22.91
CA PHE B 263 17.59 -18.74 22.76
C PHE B 263 18.28 -18.37 24.07
N LEU B 264 19.50 -17.85 23.98
CA LEU B 264 20.29 -17.52 25.16
C LEU B 264 20.91 -16.15 24.99
N TYR B 265 20.72 -15.30 26.00
CA TYR B 265 21.57 -14.12 26.22
C TYR B 265 22.05 -14.15 27.66
N PRO B 266 23.12 -14.90 27.94
CA PRO B 266 23.63 -15.06 29.29
C PRO B 266 24.55 -13.90 29.66
N ALA B 267 25.03 -13.92 30.90
CA ALA B 267 25.99 -12.92 31.33
C ALA B 267 27.33 -13.05 30.59
N ASN B 268 27.99 -11.91 30.38
CA ASN B 268 29.37 -11.87 29.87
C ASN B 268 30.09 -10.74 30.60
N LYS B 269 31.34 -10.45 30.20
CA LYS B 269 32.12 -9.45 30.93
C LYS B 269 31.63 -8.02 30.66
N LYS B 270 31.13 -7.74 29.46
CA LYS B 270 30.56 -6.43 29.23
C LYS B 270 29.19 -6.29 29.87
N SER B 271 28.50 -7.40 30.09
CA SER B 271 27.15 -7.40 30.66
C SER B 271 27.04 -8.50 31.72
N PRO B 272 27.56 -8.25 32.93
CA PRO B 272 27.58 -9.31 33.97
C PRO B 272 26.20 -9.69 34.53
N ASN B 273 25.18 -8.84 34.37
CA ASN B 273 23.78 -9.17 34.67
C ASN B 273 23.01 -9.48 33.41
N GLY B 274 23.72 -9.84 32.34
CA GLY B 274 23.13 -9.97 31.03
C GLY B 274 23.02 -8.60 30.42
N LYS B 275 22.50 -8.56 29.20
CA LYS B 275 22.33 -7.30 28.48
C LYS B 275 20.88 -6.95 28.22
N LEU B 276 20.01 -7.93 28.00
CA LEU B 276 18.63 -7.64 27.68
C LEU B 276 17.92 -7.05 28.90
N ARG B 277 16.86 -6.28 28.65
CA ARG B 277 16.19 -5.56 29.72
C ARG B 277 15.03 -6.38 30.27
N LEU B 278 14.95 -6.47 31.59
CA LEU B 278 13.96 -7.35 32.21
C LEU B 278 12.54 -6.90 31.88
N LEU B 279 12.28 -5.60 31.97
CA LEU B 279 10.91 -5.11 32.02
C LEU B 279 10.19 -5.20 30.67
N TYR B 280 10.89 -4.82 29.59
CA TYR B 280 10.25 -4.69 28.28
C TYR B 280 10.94 -5.52 27.22
N GLU B 281 11.86 -6.41 27.60
CA GLU B 281 12.37 -7.42 26.70
C GLU B 281 12.18 -8.81 27.28
N CYS B 282 12.79 -9.12 28.42
CA CYS B 282 12.75 -10.48 28.94
C CYS B 282 11.34 -10.87 29.41
N ASN B 283 10.71 -10.04 30.24
CA ASN B 283 9.42 -10.43 30.80
C ASN B 283 8.36 -10.71 29.73
N PRO B 284 8.10 -9.82 28.75
CA PRO B 284 7.09 -10.15 27.74
C PRO B 284 7.42 -11.43 26.97
N MET B 285 8.69 -11.64 26.60
CA MET B 285 9.03 -12.85 25.86
C MET B 285 8.90 -14.10 26.73
N ALA B 286 9.31 -14.02 28.00
CA ALA B 286 9.11 -15.12 28.95
C ALA B 286 7.63 -15.42 29.11
N TYR B 287 6.80 -14.38 29.09
CA TYR B 287 5.36 -14.57 29.20
C TYR B 287 4.81 -15.28 27.98
N VAL B 288 5.19 -14.80 26.79
CA VAL B 288 4.76 -15.48 25.57
C VAL B 288 5.17 -16.93 25.60
N MET B 289 6.43 -17.19 25.96
CA MET B 289 6.95 -18.56 25.98
C MET B 289 6.17 -19.44 26.94
N GLU B 290 5.98 -18.98 28.18
CA GLU B 290 5.27 -19.84 29.14
C GLU B 290 3.84 -20.07 28.69
N LYS B 291 3.17 -19.04 28.18
CA LYS B 291 1.82 -19.26 27.66
C LYS B 291 1.81 -20.19 26.45
N ALA B 292 2.95 -20.36 25.79
CA ALA B 292 3.06 -21.30 24.66
C ALA B 292 3.51 -22.68 25.09
N GLY B 293 3.63 -22.94 26.39
CA GLY B 293 4.17 -24.20 26.88
C GLY B 293 5.67 -24.26 26.92
N GLY B 294 6.35 -23.12 26.76
CA GLY B 294 7.80 -23.05 26.83
C GLY B 294 8.26 -22.59 28.19
N MET B 295 9.56 -22.30 28.27
CA MET B 295 10.20 -21.90 29.51
C MET B 295 11.12 -20.71 29.28
N ALA B 296 11.41 -20.00 30.38
CA ALA B 296 12.32 -18.85 30.35
C ALA B 296 12.95 -18.67 31.73
N THR B 297 14.26 -18.83 31.80
CA THR B 297 14.96 -18.81 33.07
C THR B 297 16.15 -17.87 32.98
N THR B 298 16.57 -17.33 34.13
CA THR B 298 17.82 -16.61 34.26
C THR B 298 18.98 -17.53 34.56
N GLY B 299 18.71 -18.83 34.74
CA GLY B 299 19.68 -19.74 35.31
C GLY B 299 19.36 -20.04 36.76
N LYS B 300 19.02 -18.99 37.52
CA LYS B 300 18.75 -19.11 38.95
C LYS B 300 17.27 -19.20 39.26
N GLU B 301 16.40 -18.63 38.41
CA GLU B 301 14.97 -18.64 38.67
C GLU B 301 14.27 -18.30 37.37
N ALA B 302 12.95 -18.48 37.37
CA ALA B 302 12.14 -18.09 36.23
C ALA B 302 12.22 -16.59 36.05
N VAL B 303 12.34 -16.15 34.78
CA VAL B 303 12.33 -14.72 34.46
C VAL B 303 11.15 -14.03 35.12
N LEU B 304 9.96 -14.65 35.03
CA LEU B 304 8.75 -14.03 35.53
C LEU B 304 8.71 -13.91 37.05
N ASP B 305 9.63 -14.56 37.77
CA ASP B 305 9.65 -14.43 39.22
C ASP B 305 10.60 -13.36 39.72
N VAL B 306 11.46 -12.83 38.86
CA VAL B 306 12.38 -11.79 39.28
C VAL B 306 11.59 -10.57 39.69
N ILE B 307 11.90 -10.02 40.87
CA ILE B 307 11.26 -8.80 41.35
C ILE B 307 12.19 -7.64 41.01
N PRO B 308 11.83 -6.77 40.07
CA PRO B 308 12.74 -5.71 39.64
C PRO B 308 12.82 -4.60 40.68
N THR B 309 13.98 -3.95 40.72
CA THR B 309 14.19 -2.75 41.53
C THR B 309 14.46 -1.50 40.71
N ASP B 310 14.69 -1.64 39.40
CA ASP B 310 15.00 -0.53 38.50
C ASP B 310 14.32 -0.84 37.17
N ILE B 311 13.61 0.15 36.60
CA ILE B 311 12.83 -0.14 35.40
C ILE B 311 13.71 -0.52 34.21
N HIS B 312 14.99 -0.14 34.21
CA HIS B 312 15.89 -0.51 33.12
C HIS B 312 16.87 -1.61 33.52
N GLN B 313 16.59 -2.34 34.60
CA GLN B 313 17.54 -3.36 35.03
C GLN B 313 17.58 -4.49 34.00
N ARG B 314 18.74 -5.11 33.91
CA ARG B 314 19.00 -6.19 32.96
C ARG B 314 18.88 -7.55 33.64
N ALA B 315 18.71 -8.60 32.81
CA ALA B 315 18.63 -9.97 33.30
C ALA B 315 19.21 -10.91 32.26
N PRO B 316 19.91 -11.96 32.67
CA PRO B 316 20.23 -13.04 31.72
C PRO B 316 18.96 -13.81 31.42
N VAL B 317 18.89 -14.37 30.21
CA VAL B 317 17.70 -15.07 29.79
C VAL B 317 18.09 -16.28 28.93
N ILE B 318 17.45 -17.41 29.22
CA ILE B 318 17.51 -18.61 28.41
C ILE B 318 16.07 -19.06 28.22
N LEU B 319 15.62 -19.17 26.98
CA LEU B 319 14.20 -19.43 26.79
C LEU B 319 13.97 -20.32 25.57
N GLY B 320 12.79 -20.93 25.55
CA GLY B 320 12.39 -21.70 24.38
C GLY B 320 11.72 -23.02 24.72
N SER B 321 11.99 -24.03 23.90
CA SER B 321 11.36 -25.34 24.06
C SER B 321 11.65 -25.90 25.46
N PRO B 322 10.66 -26.53 26.09
CA PRO B 322 10.85 -26.96 27.51
C PRO B 322 11.97 -27.98 27.70
N ASP B 323 12.09 -28.98 26.84
CA ASP B 323 13.17 -29.94 26.98
C ASP B 323 14.54 -29.28 26.80
N ASP B 324 14.63 -28.26 25.96
CA ASP B 324 15.93 -27.61 25.74
C ASP B 324 16.32 -26.76 26.93
N VAL B 325 15.38 -25.98 27.47
CA VAL B 325 15.67 -25.17 28.65
C VAL B 325 15.98 -26.06 29.85
N LEU B 326 15.18 -27.11 30.05
CA LEU B 326 15.44 -28.04 31.15
C LEU B 326 16.80 -28.68 31.04
N GLU B 327 17.24 -28.97 29.82
CA GLU B 327 18.58 -29.50 29.62
C GLU B 327 19.65 -28.48 30.01
N PHE B 328 19.48 -27.22 29.60
CA PHE B 328 20.40 -26.18 30.05
C PHE B 328 20.42 -26.08 31.58
N LEU B 329 19.25 -26.11 32.21
CA LEU B 329 19.18 -26.02 33.67
C LEU B 329 19.84 -27.22 34.34
N LYS B 330 19.76 -28.40 33.71
CA LYS B 330 20.49 -29.54 34.25
C LYS B 330 21.99 -29.27 34.28
N VAL B 331 22.52 -28.74 33.17
CA VAL B 331 23.94 -28.38 33.13
C VAL B 331 24.24 -27.30 34.15
N TYR B 332 23.34 -26.30 34.27
CA TYR B 332 23.56 -25.22 35.22
C TYR B 332 23.61 -25.75 36.64
N GLU B 333 22.67 -26.64 37.01
CA GLU B 333 22.66 -27.17 38.38
C GLU B 333 23.89 -28.01 38.66
N LYS B 334 24.43 -28.65 37.62
CA LYS B 334 25.67 -29.40 37.77
C LYS B 334 26.81 -28.50 38.22
N HIS B 335 26.79 -27.23 37.83
CA HIS B 335 27.79 -26.26 38.26
C HIS B 335 27.32 -25.44 39.44
N SER B 336 26.30 -25.92 40.15
CA SER B 336 25.74 -25.29 41.35
C SER B 336 24.92 -24.05 41.03
N ASP C 10 1.12 -11.18 -23.50
CA ASP C 10 2.22 -10.73 -22.65
C ASP C 10 1.87 -9.46 -21.88
N VAL C 11 2.12 -9.48 -20.57
CA VAL C 11 1.88 -8.28 -19.78
C VAL C 11 2.81 -7.16 -20.24
N ASN C 12 2.33 -5.93 -20.17
CA ASN C 12 3.13 -4.80 -20.59
C ASN C 12 2.96 -3.72 -19.54
N THR C 13 4.07 -3.10 -19.15
CA THR C 13 4.02 -2.00 -18.22
C THR C 13 4.23 -0.70 -18.99
N LEU C 14 3.80 0.40 -18.38
CA LEU C 14 4.07 1.70 -18.99
C LEU C 14 5.57 1.90 -19.19
N THR C 15 6.38 1.51 -18.20
CA THR C 15 7.82 1.63 -18.34
C THR C 15 8.32 0.87 -19.57
N ARG C 16 7.89 -0.37 -19.72
CA ARG C 16 8.33 -1.16 -20.87
C ARG C 16 7.79 -0.60 -22.18
N PHE C 17 6.54 -0.14 -22.16
CA PHE C 17 5.89 0.41 -23.36
C PHE C 17 6.60 1.67 -23.85
N VAL C 18 6.88 2.59 -22.93
CA VAL C 18 7.55 3.83 -23.31
C VAL C 18 8.93 3.56 -23.89
N MET C 19 9.68 2.65 -23.25
CA MET C 19 11.03 2.33 -23.69
C MET C 19 11.02 1.75 -25.09
N GLU C 20 10.09 0.83 -25.34
CA GLU C 20 10.06 0.20 -26.66
C GLU C 20 9.67 1.19 -27.75
N GLU C 21 8.75 2.12 -27.46
CA GLU C 21 8.44 3.14 -28.45
C GLU C 21 9.67 4.02 -28.76
N GLY C 22 10.46 4.34 -27.73
CA GLY C 22 11.67 5.10 -27.97
C GLY C 22 12.71 4.30 -28.74
N ARG C 23 12.78 3.00 -28.50
CA ARG C 23 13.69 2.16 -29.27
C ARG C 23 13.26 2.09 -30.73
N LYS C 24 11.97 1.85 -30.96
CA LYS C 24 11.45 1.78 -32.33
C LYS C 24 11.70 3.09 -33.08
N ALA C 25 11.58 4.22 -32.39
CA ALA C 25 11.79 5.51 -33.01
C ALA C 25 13.27 5.88 -33.12
N ARG C 26 14.16 5.05 -32.59
CA ARG C 26 15.60 5.32 -32.60
C ARG C 26 15.93 6.65 -31.95
N GLY C 27 15.18 6.98 -30.90
CA GLY C 27 15.46 8.17 -30.12
C GLY C 27 16.71 8.00 -29.28
N THR C 28 17.16 9.12 -28.71
CA THR C 28 18.31 9.15 -27.82
C THR C 28 17.98 8.77 -26.38
N GLY C 29 16.71 8.54 -26.06
CA GLY C 29 16.32 8.22 -24.71
C GLY C 29 15.91 9.40 -23.86
N GLU C 30 15.98 10.63 -24.39
CA GLU C 30 15.64 11.80 -23.60
C GLU C 30 14.14 11.85 -23.32
N LEU C 31 13.31 11.65 -24.35
CA LEU C 31 11.87 11.60 -24.13
C LEU C 31 11.49 10.44 -23.22
N THR C 32 12.18 9.30 -23.35
CA THR C 32 11.93 8.19 -22.44
C THR C 32 12.20 8.58 -20.99
N GLN C 33 13.29 9.32 -20.75
CA GLN C 33 13.57 9.77 -19.39
C GLN C 33 12.51 10.75 -18.89
N LEU C 34 12.08 11.67 -19.76
CA LEU C 34 10.97 12.58 -19.41
C LEU C 34 9.73 11.80 -18.97
N LEU C 35 9.28 10.84 -19.79
CA LEU C 35 8.03 10.12 -19.50
C LEU C 35 8.18 9.23 -18.27
N ASN C 36 9.34 8.62 -18.07
CA ASN C 36 9.58 7.85 -16.84
C ASN C 36 9.52 8.76 -15.61
N SER C 37 10.07 9.96 -15.70
CA SER C 37 10.01 10.91 -14.61
C SER C 37 8.56 11.32 -14.31
N LEU C 38 7.78 11.54 -15.36
CA LEU C 38 6.37 11.89 -15.22
C LEU C 38 5.57 10.76 -14.59
N CYS C 39 5.84 9.53 -15.00
CA CYS C 39 5.19 8.37 -14.39
C CYS C 39 5.44 8.31 -12.90
N THR C 40 6.70 8.54 -12.47
CA THR C 40 7.01 8.53 -11.05
C THR C 40 6.25 9.63 -10.33
N ALA C 41 6.19 10.82 -10.91
CA ALA C 41 5.43 11.91 -10.30
C ALA C 41 3.94 11.55 -10.16
N VAL C 42 3.37 10.92 -11.19
CA VAL C 42 1.94 10.59 -11.16
C VAL C 42 1.65 9.60 -10.04
N LYS C 43 2.55 8.60 -9.85
CA LYS C 43 2.36 7.66 -8.75
C LYS C 43 2.49 8.36 -7.39
N ALA C 44 3.40 9.32 -7.26
CA ALA C 44 3.51 10.04 -6.00
C ALA C 44 2.27 10.91 -5.75
N ILE C 45 1.73 11.52 -6.81
CA ILE C 45 0.50 12.31 -6.66
C ILE C 45 -0.66 11.40 -6.25
N SER C 46 -0.82 10.27 -6.93
CA SER C 46 -1.90 9.34 -6.59
C SER C 46 -1.85 8.96 -5.11
N SER C 47 -0.66 8.57 -4.63
CA SER C 47 -0.51 8.21 -3.22
C SER C 47 -0.97 9.34 -2.32
N ALA C 48 -0.59 10.58 -2.64
CA ALA C 48 -0.98 11.72 -1.81
C ALA C 48 -2.48 12.00 -1.94
N VAL C 49 -3.03 11.88 -3.14
CA VAL C 49 -4.44 12.14 -3.36
C VAL C 49 -5.30 11.15 -2.57
N ARG C 50 -4.87 9.88 -2.50
CA ARG C 50 -5.58 8.87 -1.72
C ARG C 50 -5.34 8.99 -0.22
N LYS C 51 -4.55 9.98 0.21
CA LYS C 51 -4.36 10.36 1.60
C LYS C 51 -3.48 9.38 2.38
N ALA C 52 -2.56 8.71 1.69
CA ALA C 52 -1.54 7.95 2.39
C ALA C 52 -0.78 8.86 3.36
N GLY C 53 -0.75 8.45 4.62
CA GLY C 53 -0.03 9.20 5.63
C GLY C 53 -0.82 10.30 6.31
N ILE C 54 -2.12 10.42 6.00
CA ILE C 54 -2.93 11.47 6.60
C ILE C 54 -3.03 11.33 8.11
N ALA C 55 -2.82 10.12 8.64
CA ALA C 55 -2.90 9.96 10.10
C ALA C 55 -1.84 10.81 10.82
N HIS C 56 -0.68 11.00 10.19
CA HIS C 56 0.36 11.82 10.81
C HIS C 56 -0.06 13.27 10.86
N LEU C 57 -0.78 13.71 9.84
CA LEU C 57 -1.34 15.06 9.82
C LEU C 57 -2.34 15.26 10.94
N TYR C 58 -2.98 14.18 11.41
CA TYR C 58 -3.99 14.30 12.45
C TYR C 58 -3.49 13.87 13.82
N GLY C 59 -2.18 13.78 14.01
CA GLY C 59 -1.61 13.69 15.33
C GLY C 59 -1.33 12.29 15.80
N ILE C 60 -1.22 11.31 14.90
CA ILE C 60 -1.04 9.94 15.34
C ILE C 60 0.23 9.80 16.17
N ALA C 61 1.25 10.61 15.89
CA ALA C 61 2.49 10.56 16.65
C ALA C 61 2.64 11.73 17.62
N GLY C 62 1.55 12.43 17.93
CA GLY C 62 1.58 13.49 18.92
C GLY C 62 2.00 14.86 18.43
N LYS C 72 2.16 20.19 2.62
CA LYS C 72 1.70 21.25 1.73
C LYS C 72 0.23 21.03 1.33
N LYS C 73 -0.40 22.07 0.78
CA LYS C 73 -1.64 21.86 0.06
C LYS C 73 -1.42 20.82 -1.04
N LEU C 74 -2.47 20.04 -1.31
CA LEU C 74 -2.33 18.92 -2.23
C LEU C 74 -1.99 19.38 -3.65
N ASP C 75 -2.57 20.51 -4.08
CA ASP C 75 -2.24 20.99 -5.42
C ASP C 75 -0.82 21.54 -5.48
N VAL C 76 -0.34 22.14 -4.39
CA VAL C 76 1.04 22.63 -4.36
C VAL C 76 2.03 21.47 -4.33
N LEU C 77 1.76 20.47 -3.49
CA LEU C 77 2.60 19.28 -3.47
C LEU C 77 2.66 18.61 -4.82
N SER C 78 1.51 18.47 -5.50
CA SER C 78 1.47 17.84 -6.81
C SER C 78 2.30 18.63 -7.82
N ASN C 79 2.17 19.96 -7.81
CA ASN C 79 3.03 20.77 -8.67
C ASN C 79 4.50 20.57 -8.34
N ASP C 80 4.86 20.51 -7.05
CA ASP C 80 6.26 20.30 -6.68
C ASP C 80 6.77 18.96 -7.19
N LEU C 81 5.95 17.92 -7.08
CA LEU C 81 6.36 16.60 -7.57
C LEU C 81 6.60 16.63 -9.08
N VAL C 82 5.65 17.16 -9.84
CA VAL C 82 5.85 17.19 -11.30
C VAL C 82 7.04 18.06 -11.66
N MET C 83 7.11 19.27 -11.08
CA MET C 83 8.19 20.19 -11.42
C MET C 83 9.56 19.55 -11.15
N ASN C 84 9.72 18.93 -9.97
CA ASN C 84 11.02 18.40 -9.61
C ASN C 84 11.41 17.19 -10.45
N MET C 85 10.46 16.31 -10.72
CA MET C 85 10.78 15.11 -11.49
C MET C 85 11.12 15.45 -12.93
N LEU C 86 10.41 16.43 -13.52
CA LEU C 86 10.72 16.85 -14.88
C LEU C 86 12.04 17.59 -14.95
N LYS C 87 12.31 18.49 -13.99
CA LYS C 87 13.60 19.18 -13.94
C LYS C 87 14.74 18.18 -13.86
N SER C 88 14.63 17.23 -12.94
CA SER C 88 15.72 16.28 -12.72
C SER C 88 15.79 15.20 -13.80
N SER C 89 14.89 15.21 -14.78
CA SER C 89 15.00 14.30 -15.93
C SER C 89 16.06 14.74 -16.95
N PHE C 90 16.50 16.01 -16.89
CA PHE C 90 17.38 16.61 -17.90
C PHE C 90 16.80 16.58 -19.31
N ALA C 91 15.47 16.46 -19.44
CA ALA C 91 14.82 16.38 -20.74
C ALA C 91 14.00 17.61 -21.09
N THR C 92 13.84 18.55 -20.16
CA THR C 92 12.95 19.70 -20.36
C THR C 92 13.73 21.01 -20.29
N CYS C 93 13.12 22.06 -20.86
CA CYS C 93 13.75 23.38 -20.80
C CYS C 93 12.76 24.45 -20.36
N VAL C 94 11.48 24.26 -20.67
CA VAL C 94 10.43 25.21 -20.31
C VAL C 94 9.27 24.41 -19.74
N LEU C 95 8.72 24.86 -18.62
CA LEU C 95 7.62 24.16 -17.96
C LEU C 95 6.53 25.15 -17.64
N VAL C 96 5.31 24.85 -18.06
CA VAL C 96 4.14 25.68 -17.78
C VAL C 96 3.17 24.88 -16.92
N SER C 97 2.77 25.44 -15.78
CA SER C 97 1.83 24.78 -14.87
C SER C 97 0.65 25.69 -14.60
N GLU C 98 -0.52 25.07 -14.44
CA GLU C 98 -1.67 25.80 -13.91
C GLU C 98 -1.31 26.52 -12.62
N GLU C 99 -0.36 25.98 -11.84
CA GLU C 99 -0.08 26.53 -10.51
C GLU C 99 0.85 27.74 -10.55
N ASP C 100 1.48 28.03 -11.69
CA ASP C 100 2.51 29.06 -11.76
C ASP C 100 2.11 30.15 -12.75
N LYS C 101 2.18 31.41 -12.29
CA LYS C 101 1.78 32.51 -13.16
C LYS C 101 2.67 32.60 -14.39
N HIS C 102 3.98 32.40 -14.22
CA HIS C 102 4.92 32.46 -15.32
C HIS C 102 5.53 31.09 -15.58
N ALA C 103 5.97 30.91 -16.82
CA ALA C 103 6.67 29.69 -17.17
C ALA C 103 7.93 29.55 -16.32
N ILE C 104 8.23 28.33 -15.93
CA ILE C 104 9.47 28.01 -15.24
C ILE C 104 10.53 27.68 -16.29
N ILE C 105 11.67 28.33 -16.21
CA ILE C 105 12.77 28.07 -17.14
C ILE C 105 13.77 27.18 -16.42
N VAL C 106 14.06 26.02 -17.00
CA VAL C 106 14.94 25.07 -16.35
C VAL C 106 16.36 25.61 -16.35
N GLU C 107 17.08 25.39 -15.25
CA GLU C 107 18.44 25.88 -15.12
C GLU C 107 19.32 25.29 -16.22
N PRO C 108 20.32 26.05 -16.69
CA PRO C 108 21.05 25.64 -17.90
C PRO C 108 21.58 24.22 -17.87
N GLU C 109 22.17 23.80 -16.75
CA GLU C 109 22.81 22.50 -16.71
C GLU C 109 21.83 21.34 -16.78
N LYS C 110 20.55 21.57 -16.52
CA LYS C 110 19.56 20.50 -16.55
C LYS C 110 18.66 20.57 -17.79
N ARG C 111 18.97 21.44 -18.73
CA ARG C 111 18.05 21.65 -19.84
C ARG C 111 18.12 20.49 -20.82
N GLY C 112 16.93 19.99 -21.18
CA GLY C 112 16.75 19.20 -22.36
C GLY C 112 15.94 19.96 -23.40
N LYS C 113 15.40 19.21 -24.36
CA LYS C 113 14.79 19.86 -25.53
C LYS C 113 13.27 19.99 -25.50
N TYR C 114 12.60 19.50 -24.45
CA TYR C 114 11.15 19.43 -24.45
C TYR C 114 10.51 20.53 -23.61
N VAL C 115 9.32 20.95 -24.04
CA VAL C 115 8.48 21.89 -23.30
C VAL C 115 7.27 21.13 -22.80
N VAL C 116 6.98 21.24 -21.49
CA VAL C 116 5.89 20.50 -20.88
C VAL C 116 4.92 21.51 -20.27
N CYS C 117 3.65 21.43 -20.70
CA CYS C 117 2.55 22.18 -20.11
C CYS C 117 1.68 21.19 -19.37
N PHE C 118 1.33 21.52 -18.13
CA PHE C 118 0.57 20.54 -17.34
C PHE C 118 -0.31 21.21 -16.31
N ASP C 119 -1.37 20.49 -15.93
CA ASP C 119 -2.17 20.82 -14.75
C ASP C 119 -1.92 19.73 -13.73
N PRO C 120 -1.18 19.99 -12.65
CA PRO C 120 -0.76 18.89 -11.78
C PRO C 120 -1.90 18.29 -10.99
N LEU C 121 -2.92 19.06 -10.65
CA LEU C 121 -4.07 18.48 -9.96
C LEU C 121 -5.32 19.18 -10.49
N ASP C 122 -5.74 18.76 -11.68
CA ASP C 122 -6.93 19.29 -12.30
C ASP C 122 -8.16 18.88 -11.48
N GLY C 123 -9.10 19.81 -11.31
CA GLY C 123 -10.31 19.60 -10.53
C GLY C 123 -10.17 19.73 -9.03
N SER C 124 -8.97 20.08 -8.53
CA SER C 124 -8.72 20.07 -7.09
C SER C 124 -9.49 21.15 -6.35
N SER C 125 -10.07 22.13 -7.05
CA SER C 125 -10.87 23.14 -6.36
C SER C 125 -12.05 22.51 -5.62
N ASN C 126 -12.50 21.34 -6.08
CA ASN C 126 -13.58 20.59 -5.43
C ASN C 126 -13.08 19.29 -4.79
N ILE C 127 -11.79 19.22 -4.46
CA ILE C 127 -11.26 18.00 -3.84
C ILE C 127 -11.88 17.76 -2.47
N ASP C 128 -12.50 18.78 -1.86
CA ASP C 128 -13.11 18.65 -0.53
C ASP C 128 -14.30 17.70 -0.52
N CYS C 129 -14.90 17.42 -1.67
CA CYS C 129 -15.99 16.46 -1.73
C CYS C 129 -15.53 15.14 -2.35
N LEU C 130 -14.21 14.95 -2.49
CA LEU C 130 -13.62 13.69 -2.94
C LEU C 130 -14.02 13.34 -4.38
N VAL C 131 -14.41 14.35 -5.17
CA VAL C 131 -14.59 14.17 -6.60
C VAL C 131 -13.28 13.71 -7.25
N SER C 132 -13.41 12.93 -8.32
CA SER C 132 -12.25 12.59 -9.13
C SER C 132 -11.43 13.83 -9.46
N VAL C 133 -10.12 13.68 -9.39
CA VAL C 133 -9.19 14.71 -9.84
C VAL C 133 -8.19 14.05 -10.77
N GLY C 134 -7.34 14.87 -11.38
CA GLY C 134 -6.41 14.30 -12.34
C GLY C 134 -5.24 15.21 -12.61
N THR C 135 -4.29 14.66 -13.37
CA THR C 135 -3.15 15.40 -13.88
C THR C 135 -3.23 15.37 -15.40
N ILE C 136 -3.08 16.53 -16.04
CA ILE C 136 -3.14 16.63 -17.49
C ILE C 136 -1.79 17.17 -17.98
N PHE C 137 -1.28 16.60 -19.08
CA PHE C 137 0.02 17.06 -19.56
C PHE C 137 0.07 17.00 -21.08
N GLY C 138 0.85 17.93 -21.66
CA GLY C 138 1.13 17.95 -23.07
C GLY C 138 2.61 18.24 -23.28
N ILE C 139 3.26 17.50 -24.17
CA ILE C 139 4.71 17.58 -24.35
C ILE C 139 4.99 18.08 -25.77
N TYR C 140 5.74 19.17 -25.86
CA TYR C 140 6.20 19.74 -27.13
C TYR C 140 7.73 19.67 -27.20
N ARG C 141 8.25 19.57 -28.42
N ARG C 141 8.26 19.60 -28.41
CA ARG C 141 9.66 19.86 -28.64
CA ARG C 141 9.69 19.83 -28.59
C ARG C 141 9.83 21.37 -28.72
C ARG C 141 9.89 21.33 -28.78
N LYS C 142 10.89 21.89 -28.11
CA LYS C 142 11.18 23.31 -28.27
C LYS C 142 11.45 23.58 -29.74
N LYS C 143 10.75 24.58 -30.29
CA LYS C 143 10.83 24.80 -31.72
C LYS C 143 11.75 25.94 -32.07
N SER C 144 12.00 26.85 -31.15
CA SER C 144 12.79 28.03 -31.44
C SER C 144 14.22 27.76 -30.99
N THR C 145 15.18 28.37 -31.67
CA THR C 145 16.57 28.29 -31.26
C THR C 145 16.97 29.41 -30.31
N ASP C 146 16.01 30.26 -29.91
CA ASP C 146 16.27 31.34 -28.97
C ASP C 146 16.54 30.79 -27.57
N GLU C 147 17.03 31.66 -26.69
CA GLU C 147 17.14 31.32 -25.28
C GLU C 147 15.76 30.88 -24.77
N PRO C 148 15.66 29.81 -24.00
CA PRO C 148 14.33 29.28 -23.66
C PRO C 148 13.52 30.32 -22.89
N SER C 149 12.24 30.41 -23.24
CA SER C 149 11.38 31.40 -22.63
C SER C 149 9.94 30.93 -22.72
N GLU C 150 9.07 31.71 -22.10
CA GLU C 150 7.64 31.46 -22.09
C GLU C 150 7.09 31.29 -23.51
N LYS C 151 7.70 31.96 -24.48
CA LYS C 151 7.23 31.86 -25.86
C LYS C 151 7.32 30.43 -26.39
N ASP C 152 8.26 29.65 -25.86
CA ASP C 152 8.42 28.28 -26.35
C ASP C 152 7.22 27.40 -26.03
N ALA C 153 6.38 27.81 -25.09
CA ALA C 153 5.17 27.07 -24.79
C ALA C 153 3.98 27.50 -25.65
N LEU C 154 4.15 28.53 -26.48
CA LEU C 154 3.06 29.07 -27.28
C LEU C 154 3.01 28.41 -28.67
N GLN C 155 2.79 27.11 -28.68
CA GLN C 155 2.69 26.31 -29.89
C GLN C 155 1.27 25.78 -30.02
N PRO C 156 0.73 25.65 -31.23
CA PRO C 156 -0.60 25.05 -31.35
C PRO C 156 -0.56 23.57 -30.98
N GLY C 157 -1.70 23.08 -30.48
CA GLY C 157 -1.77 21.70 -30.02
C GLY C 157 -1.40 20.71 -31.10
N ARG C 158 -1.59 21.05 -32.38
N ARG C 158 -1.70 21.05 -32.36
CA ARG C 158 -1.17 20.14 -33.44
CA ARG C 158 -1.14 20.52 -33.59
C ARG C 158 0.32 19.83 -33.37
C ARG C 158 0.27 19.94 -33.43
N ASN C 159 1.10 20.62 -32.64
CA ASN C 159 2.53 20.34 -32.54
C ASN C 159 2.89 19.34 -31.45
N LEU C 160 1.91 18.85 -30.69
CA LEU C 160 2.22 17.95 -29.58
C LEU C 160 2.95 16.69 -30.02
N VAL C 161 3.97 16.32 -29.25
CA VAL C 161 4.67 15.04 -29.42
C VAL C 161 3.99 13.93 -28.64
N ALA C 162 3.52 14.23 -27.43
CA ALA C 162 2.77 13.28 -26.63
C ALA C 162 1.88 14.07 -25.68
N ALA C 163 0.78 13.46 -25.27
CA ALA C 163 -0.11 14.14 -24.35
C ALA C 163 -0.96 13.09 -23.66
N GLY C 164 -1.57 13.48 -22.55
CA GLY C 164 -2.44 12.56 -21.85
C GLY C 164 -2.81 13.07 -20.49
N TYR C 165 -3.22 12.15 -19.63
CA TYR C 165 -3.72 12.56 -18.33
C TYR C 165 -3.66 11.35 -17.40
N ALA C 166 -3.58 11.62 -16.10
CA ALA C 166 -3.80 10.62 -15.07
C ALA C 166 -5.10 10.93 -14.38
N LEU C 167 -5.97 9.93 -14.23
CA LEU C 167 -7.25 10.08 -13.55
C LEU C 167 -7.15 9.39 -12.21
N TYR C 168 -7.31 10.17 -11.13
CA TYR C 168 -7.37 9.63 -9.77
C TYR C 168 -8.84 9.52 -9.41
N GLY C 169 -9.47 8.45 -9.93
CA GLY C 169 -10.87 8.18 -9.72
C GLY C 169 -11.05 7.00 -8.77
N SER C 170 -11.98 6.10 -9.11
CA SER C 170 -12.16 4.88 -8.31
C SER C 170 -10.89 4.02 -8.35
N ALA C 171 -10.19 4.00 -9.48
CA ALA C 171 -8.80 3.55 -9.54
C ALA C 171 -8.01 4.61 -10.28
N THR C 172 -6.69 4.48 -10.28
CA THR C 172 -5.82 5.44 -10.96
C THR C 172 -5.39 4.88 -12.30
N MET C 173 -5.63 5.66 -13.37
CA MET C 173 -5.31 5.28 -14.73
C MET C 173 -4.55 6.40 -15.43
N LEU C 174 -3.58 6.03 -16.25
CA LEU C 174 -2.87 6.97 -17.09
C LEU C 174 -3.25 6.71 -18.56
N VAL C 175 -3.69 7.75 -19.24
CA VAL C 175 -4.01 7.66 -20.66
C VAL C 175 -2.93 8.44 -21.40
N LEU C 176 -2.21 7.75 -22.28
CA LEU C 176 -1.08 8.35 -22.98
C LEU C 176 -1.34 8.28 -24.48
N ALA C 177 -1.31 9.44 -25.13
CA ALA C 177 -1.50 9.56 -26.57
C ALA C 177 -0.19 9.99 -27.23
N MET C 178 0.13 9.33 -28.34
CA MET C 178 1.23 9.70 -29.21
C MET C 178 0.80 9.36 -30.63
N ASP C 179 1.73 9.49 -31.58
CA ASP C 179 1.43 9.17 -32.97
C ASP C 179 0.93 7.73 -33.12
N CYS C 180 1.45 6.81 -32.30
CA CYS C 180 1.02 5.42 -32.43
C CYS C 180 -0.40 5.18 -31.91
N GLY C 181 -1.08 6.20 -31.40
CA GLY C 181 -2.42 6.04 -30.91
C GLY C 181 -2.54 6.25 -29.41
N VAL C 182 -3.65 5.83 -28.82
CA VAL C 182 -3.94 6.06 -27.41
C VAL C 182 -3.92 4.72 -26.69
N ASN C 183 -3.24 4.68 -25.56
CA ASN C 183 -3.12 3.47 -24.75
C ASN C 183 -3.39 3.82 -23.30
N CYS C 184 -4.08 2.92 -22.59
CA CYS C 184 -4.55 3.18 -21.22
C CYS C 184 -3.90 2.20 -20.26
N PHE C 185 -3.36 2.72 -19.16
CA PHE C 185 -2.61 1.94 -18.19
C PHE C 185 -3.24 2.10 -16.81
N MET C 186 -3.53 0.97 -16.15
CA MET C 186 -4.06 1.01 -14.80
C MET C 186 -2.92 0.92 -13.78
N LEU C 187 -2.92 1.82 -12.81
CA LEU C 187 -1.93 1.75 -11.74
C LEU C 187 -2.30 0.61 -10.78
N ASP C 188 -1.42 -0.38 -10.64
CA ASP C 188 -1.59 -1.40 -9.61
C ASP C 188 -0.91 -0.88 -8.35
N PRO C 189 -1.66 -0.42 -7.34
CA PRO C 189 -1.01 0.20 -6.18
C PRO C 189 -0.25 -0.80 -5.30
N ALA C 190 -0.50 -2.11 -5.45
CA ALA C 190 0.25 -3.08 -4.68
C ALA C 190 1.72 -3.09 -5.08
N ILE C 191 2.03 -2.76 -6.33
CA ILE C 191 3.39 -2.82 -6.83
C ILE C 191 3.84 -1.51 -7.44
N GLY C 192 3.02 -0.46 -7.41
CA GLY C 192 3.41 0.80 -8.03
C GLY C 192 3.79 0.63 -9.49
N GLU C 193 2.96 -0.07 -10.26
CA GLU C 193 3.24 -0.30 -11.67
C GLU C 193 2.00 0.00 -12.51
N PHE C 194 2.20 0.73 -13.62
CA PHE C 194 1.13 0.99 -14.58
C PHE C 194 1.06 -0.18 -15.57
N ILE C 195 -0.05 -0.90 -15.55
CA ILE C 195 -0.26 -2.09 -16.38
C ILE C 195 -1.08 -1.68 -17.59
N LEU C 196 -0.62 -2.06 -18.79
CA LEU C 196 -1.35 -1.74 -20.01
C LEU C 196 -2.64 -2.54 -20.05
N VAL C 197 -3.79 -1.88 -20.07
CA VAL C 197 -5.06 -2.59 -20.03
C VAL C 197 -5.94 -2.32 -21.25
N ASP C 198 -5.76 -1.23 -21.98
CA ASP C 198 -6.56 -0.99 -23.18
C ASP C 198 -5.69 -0.37 -24.25
N LYS C 199 -5.52 -1.08 -25.36
CA LYS C 199 -4.54 -0.77 -26.40
C LYS C 199 -5.20 -0.15 -27.61
N ASP C 200 -4.55 0.88 -28.16
CA ASP C 200 -4.98 1.53 -29.40
C ASP C 200 -6.47 1.88 -29.35
N VAL C 201 -6.83 2.67 -28.33
CA VAL C 201 -8.23 2.93 -28.02
C VAL C 201 -8.86 3.83 -29.08
N LYS C 202 -10.10 3.54 -29.44
CA LYS C 202 -10.88 4.38 -30.34
C LYS C 202 -12.24 4.70 -29.71
N ILE C 203 -12.69 5.94 -29.87
CA ILE C 203 -13.97 6.35 -29.31
C ILE C 203 -15.10 5.88 -30.22
N LYS C 204 -16.27 5.62 -29.63
CA LYS C 204 -17.46 5.31 -30.41
C LYS C 204 -17.74 6.45 -31.37
N LYS C 205 -18.24 6.07 -32.56
CA LYS C 205 -18.58 7.07 -33.57
C LYS C 205 -19.70 7.97 -33.11
N LYS C 206 -20.62 7.44 -32.29
CA LYS C 206 -21.71 8.24 -31.76
C LYS C 206 -22.09 7.69 -30.40
N GLY C 207 -22.29 8.59 -29.44
CA GLY C 207 -22.63 8.23 -28.09
C GLY C 207 -24.07 8.57 -27.73
N LYS C 208 -24.35 8.43 -26.44
CA LYS C 208 -25.70 8.64 -25.89
C LYS C 208 -25.67 9.45 -24.60
N ILE C 209 -24.59 10.19 -24.35
CA ILE C 209 -24.41 11.00 -23.14
C ILE C 209 -23.91 12.38 -23.57
N TYR C 210 -24.46 13.44 -22.97
CA TYR C 210 -23.91 14.79 -23.10
C TYR C 210 -23.50 15.30 -21.73
N SER C 211 -22.45 16.11 -21.70
CA SER C 211 -21.83 16.52 -20.45
C SER C 211 -21.55 18.00 -20.51
N LEU C 212 -22.25 18.79 -19.69
CA LEU C 212 -21.92 20.20 -19.57
C LEU C 212 -22.64 20.74 -18.36
N ASN C 213 -22.17 21.89 -17.87
CA ASN C 213 -22.79 22.56 -16.72
C ASN C 213 -23.99 23.33 -17.22
N GLU C 214 -25.19 22.77 -17.07
CA GLU C 214 -26.41 23.43 -17.51
C GLU C 214 -26.84 24.57 -16.58
N GLY C 215 -26.12 24.80 -15.49
CA GLY C 215 -26.36 25.97 -14.68
C GLY C 215 -26.16 27.27 -15.44
N TYR C 216 -25.38 27.23 -16.52
CA TYR C 216 -25.20 28.42 -17.34
C TYR C 216 -26.18 28.48 -18.51
N ALA C 217 -27.32 27.78 -18.42
CA ALA C 217 -28.27 27.77 -19.53
C ALA C 217 -28.66 29.19 -19.93
N LYS C 218 -28.76 30.10 -18.97
CA LYS C 218 -29.17 31.46 -19.28
C LYS C 218 -28.15 32.20 -20.16
N ASP C 219 -26.87 31.79 -20.15
CA ASP C 219 -25.86 32.47 -20.93
C ASP C 219 -25.53 31.78 -22.26
N PHE C 220 -26.08 30.61 -22.53
CA PHE C 220 -25.68 29.86 -23.71
C PHE C 220 -26.00 30.64 -24.98
N ASP C 221 -25.09 30.57 -25.95
CA ASP C 221 -25.41 31.01 -27.30
C ASP C 221 -26.50 30.12 -27.88
N PRO C 222 -27.27 30.65 -28.84
CA PRO C 222 -28.35 29.84 -29.45
C PRO C 222 -27.93 28.48 -29.97
N ALA C 223 -26.71 28.33 -30.48
CA ALA C 223 -26.29 27.03 -31.01
C ALA C 223 -26.22 25.97 -29.91
N VAL C 224 -25.67 26.34 -28.74
CA VAL C 224 -25.61 25.39 -27.62
C VAL C 224 -27.01 25.06 -27.13
N THR C 225 -27.85 26.08 -26.94
CA THR C 225 -29.23 25.86 -26.51
C THR C 225 -29.97 24.90 -27.44
N GLU C 226 -29.88 25.10 -28.76
CA GLU C 226 -30.59 24.22 -29.69
C GLU C 226 -30.00 22.81 -29.66
N TYR C 227 -28.67 22.68 -29.62
CA TYR C 227 -28.09 21.34 -29.63
C TYR C 227 -28.53 20.54 -28.42
N ILE C 228 -28.50 21.17 -27.24
CA ILE C 228 -28.92 20.46 -26.04
C ILE C 228 -30.39 20.13 -26.11
N GLN C 229 -31.20 21.04 -26.66
CA GLN C 229 -32.61 20.73 -26.87
C GLN C 229 -32.79 19.49 -27.75
N ARG C 230 -31.88 19.27 -28.71
CA ARG C 230 -31.95 18.07 -29.56
C ARG C 230 -31.61 16.79 -28.78
N LYS C 231 -30.77 16.90 -27.77
CA LYS C 231 -30.45 15.72 -26.97
C LYS C 231 -31.61 15.34 -26.06
N LYS C 232 -32.36 16.33 -25.57
CA LYS C 232 -33.46 16.03 -24.66
C LYS C 232 -34.73 15.69 -25.40
N PHE C 233 -34.97 16.34 -26.54
CA PHE C 233 -36.18 16.16 -27.33
C PHE C 233 -35.74 15.85 -28.74
N PRO C 234 -35.39 14.59 -29.02
CA PRO C 234 -34.82 14.25 -30.32
C PRO C 234 -35.84 14.52 -31.42
N PRO C 235 -35.42 15.23 -32.48
CA PRO C 235 -36.38 15.54 -33.55
C PRO C 235 -36.85 14.32 -34.31
N ASP C 236 -36.10 13.23 -34.24
CA ASP C 236 -36.44 12.00 -34.95
C ASP C 236 -37.15 10.99 -34.08
N ASN C 237 -37.48 11.35 -32.83
CA ASN C 237 -38.20 10.51 -31.88
C ASN C 237 -37.38 9.32 -31.39
N SER C 238 -36.07 9.41 -31.49
CA SER C 238 -35.18 8.43 -30.87
C SER C 238 -35.14 8.72 -29.37
N ALA C 239 -34.42 7.88 -28.62
CA ALA C 239 -34.37 8.06 -27.17
C ALA C 239 -33.49 9.25 -26.79
N PRO C 240 -33.89 10.04 -25.81
CA PRO C 240 -33.04 11.16 -25.37
C PRO C 240 -31.71 10.67 -24.82
N TYR C 241 -30.67 11.50 -25.00
CA TYR C 241 -29.37 11.22 -24.39
C TYR C 241 -29.49 11.32 -22.87
N GLY C 242 -28.67 10.53 -22.16
CA GLY C 242 -28.50 10.75 -20.75
C GLY C 242 -27.52 11.89 -20.45
N ALA C 243 -27.66 12.51 -19.28
CA ALA C 243 -26.78 13.59 -18.90
C ALA C 243 -25.85 13.14 -17.77
N ARG C 244 -24.58 13.56 -17.87
CA ARG C 244 -23.58 13.35 -16.83
C ARG C 244 -22.68 14.58 -16.74
N TYR C 245 -22.40 15.05 -15.53
CA TYR C 245 -21.43 16.14 -15.43
C TYR C 245 -20.77 16.09 -14.05
N VAL C 246 -19.54 15.55 -14.01
CA VAL C 246 -18.81 15.43 -12.76
C VAL C 246 -18.30 16.79 -12.30
N GLY C 247 -17.92 17.66 -13.24
CA GLY C 247 -17.31 18.93 -12.94
C GLY C 247 -15.80 18.88 -12.81
N SER C 248 -15.20 17.72 -13.04
CA SER C 248 -13.76 17.57 -13.13
C SER C 248 -13.45 17.11 -14.54
N MET C 249 -12.71 17.92 -15.29
CA MET C 249 -12.57 17.70 -16.72
C MET C 249 -12.02 16.33 -17.04
N VAL C 250 -11.01 15.87 -16.30
CA VAL C 250 -10.40 14.57 -16.56
C VAL C 250 -11.44 13.47 -16.42
N ALA C 251 -12.30 13.58 -15.41
CA ALA C 251 -13.33 12.56 -15.21
C ALA C 251 -14.35 12.59 -16.35
N ASP C 252 -14.84 13.78 -16.72
CA ASP C 252 -15.85 13.87 -17.77
C ASP C 252 -15.26 13.49 -19.13
N VAL C 253 -14.03 13.90 -19.42
CA VAL C 253 -13.45 13.53 -20.71
C VAL C 253 -13.14 12.03 -20.76
N HIS C 254 -12.62 11.46 -19.67
CA HIS C 254 -12.36 10.03 -19.68
C HIS C 254 -13.64 9.23 -19.92
N ARG C 255 -14.74 9.63 -19.27
CA ARG C 255 -16.00 8.96 -19.53
C ARG C 255 -16.39 9.09 -21.00
N THR C 256 -16.22 10.28 -21.57
CA THR C 256 -16.50 10.50 -22.98
C THR C 256 -15.67 9.55 -23.84
N LEU C 257 -14.39 9.38 -23.52
CA LEU C 257 -13.54 8.43 -24.24
C LEU C 257 -14.06 6.99 -24.11
N VAL C 258 -14.40 6.57 -22.90
CA VAL C 258 -14.75 5.16 -22.67
C VAL C 258 -16.13 4.83 -23.20
N TYR C 259 -17.10 5.72 -23.01
CA TYR C 259 -18.50 5.45 -23.34
C TYR C 259 -18.97 6.13 -24.61
N GLY C 260 -18.20 7.10 -25.12
CA GLY C 260 -18.67 7.92 -26.22
C GLY C 260 -19.55 9.04 -25.72
N GLY C 261 -19.93 9.91 -26.65
CA GLY C 261 -20.80 11.03 -26.36
C GLY C 261 -20.11 12.36 -26.62
N ILE C 262 -20.55 13.38 -25.89
CA ILE C 262 -20.07 14.74 -26.12
C ILE C 262 -19.89 15.46 -24.78
N PHE C 263 -18.82 16.25 -24.70
CA PHE C 263 -18.52 17.13 -23.57
C PHE C 263 -18.42 18.57 -24.08
N LEU C 264 -19.04 19.49 -23.36
CA LEU C 264 -19.09 20.90 -23.75
C LEU C 264 -18.72 21.77 -22.55
N TYR C 265 -17.79 22.68 -22.77
CA TYR C 265 -17.64 23.86 -21.91
C TYR C 265 -17.61 25.09 -22.80
N PRO C 266 -18.77 25.62 -23.17
CA PRO C 266 -18.81 26.76 -24.07
C PRO C 266 -18.60 28.05 -23.29
N ALA C 267 -18.46 29.15 -24.03
CA ALA C 267 -18.34 30.47 -23.42
C ALA C 267 -19.66 30.85 -22.71
N ASN C 268 -19.52 31.63 -21.64
CA ASN C 268 -20.65 32.22 -20.93
C ASN C 268 -20.26 33.63 -20.50
N LYS C 269 -21.14 34.28 -19.71
CA LYS C 269 -20.91 35.69 -19.38
C LYS C 269 -19.75 35.86 -18.41
N LYS C 270 -19.54 34.89 -17.52
CA LYS C 270 -18.40 34.93 -16.63
C LYS C 270 -17.12 34.51 -17.33
N SER C 271 -17.23 33.75 -18.41
CA SER C 271 -16.07 33.19 -19.12
C SER C 271 -16.30 33.40 -20.61
N PRO C 272 -16.13 34.64 -21.08
CA PRO C 272 -16.45 34.93 -22.50
C PRO C 272 -15.46 34.35 -23.49
N ASN C 273 -14.25 33.98 -23.06
CA ASN C 273 -13.29 33.26 -23.90
C ASN C 273 -13.30 31.77 -23.56
N GLY C 274 -14.37 31.30 -22.92
CA GLY C 274 -14.46 29.99 -22.35
C GLY C 274 -13.82 29.96 -20.98
N LYS C 275 -13.88 28.78 -20.36
CA LYS C 275 -13.36 28.63 -19.00
C LYS C 275 -12.11 27.77 -18.94
N LEU C 276 -12.07 26.70 -19.72
CA LEU C 276 -10.95 25.75 -19.64
C LEU C 276 -9.69 26.37 -20.27
N ARG C 277 -8.54 25.89 -19.82
CA ARG C 277 -7.26 26.48 -20.23
C ARG C 277 -6.75 25.78 -21.48
N LEU C 278 -6.37 26.56 -22.49
CA LEU C 278 -5.98 25.98 -23.78
C LEU C 278 -4.73 25.12 -23.64
N LEU C 279 -3.71 25.61 -22.92
CA LEU C 279 -2.38 25.02 -23.03
C LEU C 279 -2.32 23.65 -22.38
N TYR C 280 -2.94 23.51 -21.21
CA TYR C 280 -2.78 22.31 -20.39
C TYR C 280 -4.11 21.68 -19.99
N GLU C 281 -5.22 22.10 -20.59
CA GLU C 281 -6.47 21.37 -20.45
C GLU C 281 -7.01 21.03 -21.83
N CYS C 282 -7.31 22.04 -22.66
CA CYS C 282 -7.96 21.76 -23.94
C CYS C 282 -7.03 21.02 -24.89
N ASN C 283 -5.82 21.53 -25.12
CA ASN C 283 -4.96 20.90 -26.12
C ASN C 283 -4.67 19.43 -25.79
N PRO C 284 -4.22 19.07 -24.59
CA PRO C 284 -3.98 17.64 -24.34
C PRO C 284 -5.21 16.78 -24.53
N MET C 285 -6.36 17.23 -24.04
CA MET C 285 -7.57 16.44 -24.19
C MET C 285 -8.00 16.37 -25.65
N ALA C 286 -7.84 17.49 -26.38
CA ALA C 286 -8.10 17.49 -27.82
C ALA C 286 -7.17 16.53 -28.57
N TYR C 287 -5.91 16.45 -28.15
CA TYR C 287 -4.96 15.54 -28.80
C TYR C 287 -5.35 14.08 -28.55
N VAL C 288 -5.66 13.74 -27.30
CA VAL C 288 -6.14 12.38 -27.00
C VAL C 288 -7.37 12.08 -27.86
N MET C 289 -8.31 13.02 -27.93
CA MET C 289 -9.54 12.77 -28.67
C MET C 289 -9.25 12.48 -30.15
N GLU C 290 -8.49 13.35 -30.82
CA GLU C 290 -8.24 13.14 -32.25
C GLU C 290 -7.47 11.84 -32.49
N LYS C 291 -6.47 11.53 -31.65
CA LYS C 291 -5.76 10.26 -31.78
C LYS C 291 -6.65 9.05 -31.50
N ALA C 292 -7.79 9.24 -30.82
CA ALA C 292 -8.75 8.18 -30.58
C ALA C 292 -9.85 8.14 -31.64
N GLY C 293 -9.72 8.93 -32.69
CA GLY C 293 -10.77 9.03 -33.67
C GLY C 293 -11.89 9.96 -33.31
N GLY C 294 -11.71 10.80 -32.28
CA GLY C 294 -12.72 11.76 -31.90
C GLY C 294 -12.42 13.13 -32.49
N MET C 295 -13.20 14.11 -32.03
CA MET C 295 -13.07 15.48 -32.51
C MET C 295 -13.08 16.42 -31.32
N ALA C 296 -12.51 17.61 -31.54
CA ALA C 296 -12.46 18.65 -30.52
C ALA C 296 -12.43 20.00 -31.21
N THR C 297 -13.44 20.82 -30.96
CA THR C 297 -13.61 22.10 -31.65
C THR C 297 -13.87 23.21 -30.62
N THR C 298 -13.51 24.44 -30.99
CA THR C 298 -13.95 25.60 -30.21
C THR C 298 -15.31 26.11 -30.67
N GLY C 299 -15.88 25.54 -31.73
CA GLY C 299 -16.99 26.12 -32.44
C GLY C 299 -16.53 26.76 -33.73
N LYS C 300 -15.43 27.50 -33.67
CA LYS C 300 -14.90 28.21 -34.83
C LYS C 300 -13.80 27.44 -35.54
N GLU C 301 -13.07 26.59 -34.83
CA GLU C 301 -11.91 25.91 -35.40
C GLU C 301 -11.58 24.74 -34.50
N ALA C 302 -10.71 23.87 -35.00
CA ALA C 302 -10.20 22.77 -34.19
C ALA C 302 -9.38 23.33 -33.04
N VAL C 303 -9.58 22.77 -31.84
CA VAL C 303 -8.78 23.19 -30.69
C VAL C 303 -7.30 23.19 -31.03
N LEU C 304 -6.84 22.14 -31.70
CA LEU C 304 -5.42 21.94 -32.00
C LEU C 304 -4.88 22.94 -33.02
N ASP C 305 -5.74 23.69 -33.71
CA ASP C 305 -5.28 24.69 -34.67
C ASP C 305 -5.15 26.08 -34.07
N VAL C 306 -5.68 26.29 -32.86
CA VAL C 306 -5.57 27.58 -32.18
C VAL C 306 -4.12 27.89 -31.87
N ILE C 307 -3.68 29.09 -32.25
CA ILE C 307 -2.32 29.54 -31.99
C ILE C 307 -2.36 30.39 -30.73
N PRO C 308 -1.80 29.93 -29.61
CA PRO C 308 -1.93 30.69 -28.36
C PRO C 308 -1.04 31.91 -28.34
N THR C 309 -1.49 32.92 -27.61
CA THR C 309 -0.69 34.12 -27.38
C THR C 309 -0.28 34.30 -25.94
N ASP C 310 -0.92 33.58 -25.01
CA ASP C 310 -0.74 33.74 -23.57
C ASP C 310 -0.82 32.37 -22.92
N ILE C 311 0.11 32.05 -22.01
CA ILE C 311 0.20 30.67 -21.52
C ILE C 311 -1.02 30.23 -20.71
N HIS C 312 -1.76 31.14 -20.07
CA HIS C 312 -2.94 30.72 -19.31
C HIS C 312 -4.25 31.06 -20.03
N GLN C 313 -4.21 31.31 -21.33
CA GLN C 313 -5.43 31.73 -22.04
C GLN C 313 -6.45 30.59 -22.10
N ARG C 314 -7.71 30.98 -22.16
CA ARG C 314 -8.86 30.07 -22.15
C ARG C 314 -9.40 29.83 -23.55
N ALA C 315 -10.19 28.76 -23.68
CA ALA C 315 -10.84 28.41 -24.92
C ALA C 315 -12.16 27.72 -24.63
N PRO C 316 -13.19 27.96 -25.44
CA PRO C 316 -14.37 27.11 -25.39
C PRO C 316 -13.99 25.77 -25.99
N VAL C 317 -14.65 24.72 -25.56
CA VAL C 317 -14.33 23.40 -26.08
C VAL C 317 -15.60 22.57 -26.20
N ILE C 318 -15.72 21.87 -27.32
CA ILE C 318 -16.75 20.87 -27.57
C ILE C 318 -16.02 19.65 -28.13
N LEU C 319 -16.15 18.50 -27.46
CA LEU C 319 -15.35 17.34 -27.86
C LEU C 319 -16.08 16.03 -27.57
N GLY C 320 -15.60 14.98 -28.25
CA GLY C 320 -16.08 13.62 -28.07
C GLY C 320 -16.29 12.88 -29.38
N SER C 321 -17.36 12.08 -29.42
CA SER C 321 -17.64 11.24 -30.58
C SER C 321 -17.78 12.10 -31.83
N PRO C 322 -17.24 11.65 -32.96
CA PRO C 322 -17.25 12.50 -34.17
C PRO C 322 -18.65 12.82 -34.65
N ASP C 323 -19.55 11.84 -34.67
CA ASP C 323 -20.92 12.12 -35.10
C ASP C 323 -21.62 13.13 -34.17
N ASP C 324 -21.27 13.13 -32.87
CA ASP C 324 -21.91 14.09 -31.97
C ASP C 324 -21.37 15.50 -32.15
N VAL C 325 -20.05 15.66 -32.26
CA VAL C 325 -19.47 16.98 -32.48
C VAL C 325 -19.89 17.52 -33.86
N LEU C 326 -19.90 16.67 -34.88
CA LEU C 326 -20.36 17.10 -36.21
C LEU C 326 -21.80 17.57 -36.15
N GLU C 327 -22.64 16.88 -35.39
CA GLU C 327 -24.02 17.33 -35.23
C GLU C 327 -24.05 18.70 -34.57
N PHE C 328 -23.25 18.89 -33.53
CA PHE C 328 -23.15 20.21 -32.92
C PHE C 328 -22.71 21.24 -33.97
N LEU C 329 -21.71 20.91 -34.78
CA LEU C 329 -21.18 21.87 -35.75
C LEU C 329 -22.21 22.25 -36.80
N LYS C 330 -23.05 21.29 -37.22
CA LYS C 330 -24.15 21.64 -38.12
C LYS C 330 -25.10 22.64 -37.48
N VAL C 331 -25.46 22.42 -36.21
CA VAL C 331 -26.32 23.39 -35.52
C VAL C 331 -25.59 24.72 -35.41
N TYR C 332 -24.29 24.69 -35.17
CA TYR C 332 -23.51 25.92 -35.07
C TYR C 332 -23.54 26.68 -36.39
N GLU C 333 -23.38 25.97 -37.50
CA GLU C 333 -23.39 26.61 -38.81
C GLU C 333 -24.76 27.19 -39.15
N LYS C 334 -25.82 26.52 -38.67
CA LYS C 334 -27.18 27.03 -38.87
C LYS C 334 -27.36 28.40 -38.22
N HIS C 335 -26.63 28.67 -37.15
CA HIS C 335 -26.64 29.96 -36.50
C HIS C 335 -25.49 30.85 -36.98
N SER C 336 -24.92 30.53 -38.15
CA SER C 336 -23.85 31.28 -38.77
C SER C 336 -22.62 31.27 -37.88
N ASP D 10 -6.63 15.31 20.17
CA ASP D 10 -6.21 13.90 20.15
C ASP D 10 -6.70 13.19 18.90
N VAL D 11 -5.82 12.39 18.30
CA VAL D 11 -6.20 11.61 17.13
C VAL D 11 -7.29 10.61 17.53
N ASN D 12 -8.19 10.32 16.57
CA ASN D 12 -9.29 9.40 16.78
C ASN D 12 -9.47 8.56 15.54
N THR D 13 -9.66 7.26 15.71
CA THR D 13 -9.92 6.33 14.63
C THR D 13 -11.37 5.88 14.69
N LEU D 14 -11.85 5.33 13.57
CA LEU D 14 -13.20 4.76 13.58
C LEU D 14 -13.33 3.66 14.62
N THR D 15 -12.30 2.80 14.71
CA THR D 15 -12.32 1.71 15.70
C THR D 15 -12.45 2.27 17.12
N ARG D 16 -11.64 3.26 17.45
CA ARG D 16 -11.71 3.86 18.80
C ARG D 16 -13.03 4.59 19.00
N PHE D 17 -13.51 5.29 17.95
CA PHE D 17 -14.76 6.03 18.05
C PHE D 17 -15.94 5.10 18.27
N VAL D 18 -16.03 4.04 17.46
CA VAL D 18 -17.14 3.11 17.60
C VAL D 18 -17.13 2.48 18.98
N MET D 19 -15.96 2.04 19.44
CA MET D 19 -15.85 1.39 20.74
C MET D 19 -16.28 2.34 21.86
N GLU D 20 -15.85 3.60 21.79
CA GLU D 20 -16.19 4.53 22.86
C GLU D 20 -17.68 4.86 22.87
N GLU D 21 -18.29 4.99 21.68
CA GLU D 21 -19.74 5.19 21.63
C GLU D 21 -20.48 4.00 22.22
N GLY D 22 -19.98 2.79 21.98
CA GLY D 22 -20.59 1.61 22.57
C GLY D 22 -20.42 1.56 24.07
N ARG D 23 -19.26 1.99 24.56
CA ARG D 23 -19.05 2.02 26.01
C ARG D 23 -19.94 3.07 26.67
N LYS D 24 -20.05 4.26 26.07
CA LYS D 24 -20.94 5.28 26.63
C LYS D 24 -22.36 4.76 26.74
N ALA D 25 -22.80 3.99 25.75
CA ALA D 25 -24.17 3.50 25.71
C ALA D 25 -24.38 2.23 26.54
N ARG D 26 -23.32 1.72 27.15
CA ARG D 26 -23.39 0.49 27.94
C ARG D 26 -23.92 -0.66 27.09
N GLY D 27 -23.57 -0.68 25.81
CA GLY D 27 -23.97 -1.78 24.97
C GLY D 27 -23.24 -3.05 25.35
N THR D 28 -23.73 -4.18 24.85
CA THR D 28 -23.06 -5.43 25.12
C THR D 28 -21.85 -5.65 24.23
N GLY D 29 -21.62 -4.77 23.27
CA GLY D 29 -20.51 -4.92 22.33
C GLY D 29 -20.88 -5.57 21.00
N GLU D 30 -22.15 -5.95 20.81
CA GLU D 30 -22.54 -6.61 19.57
C GLU D 30 -22.52 -5.63 18.39
N LEU D 31 -23.11 -4.44 18.55
CA LEU D 31 -23.08 -3.46 17.45
C LEU D 31 -21.65 -3.04 17.14
N THR D 32 -20.80 -2.92 18.16
CA THR D 32 -19.40 -2.56 17.93
C THR D 32 -18.74 -3.59 17.02
N GLN D 33 -18.98 -4.88 17.29
CA GLN D 33 -18.41 -5.93 16.44
C GLN D 33 -18.98 -5.88 15.03
N LEU D 34 -20.29 -5.63 14.91
CA LEU D 34 -20.88 -5.42 13.59
C LEU D 34 -20.13 -4.32 12.85
N LEU D 35 -19.94 -3.17 13.51
CA LEU D 35 -19.34 -2.02 12.87
C LEU D 35 -17.85 -2.25 12.58
N ASN D 36 -17.14 -2.94 13.48
CA ASN D 36 -15.76 -3.32 13.17
C ASN D 36 -15.71 -4.19 11.94
N SER D 37 -16.64 -5.14 11.82
CA SER D 37 -16.65 -6.04 10.67
C SER D 37 -16.94 -5.30 9.37
N LEU D 38 -17.90 -4.37 9.42
CA LEU D 38 -18.23 -3.59 8.23
C LEU D 38 -17.04 -2.75 7.78
N CYS D 39 -16.34 -2.14 8.76
CA CYS D 39 -15.15 -1.33 8.48
C CYS D 39 -14.07 -2.14 7.78
N THR D 40 -13.83 -3.37 8.25
CA THR D 40 -12.86 -4.24 7.58
C THR D 40 -13.29 -4.53 6.15
N ALA D 41 -14.58 -4.82 5.94
CA ALA D 41 -15.08 -5.08 4.59
C ALA D 41 -14.87 -3.86 3.69
N VAL D 42 -15.13 -2.66 4.22
CA VAL D 42 -15.00 -1.45 3.42
C VAL D 42 -13.55 -1.26 2.98
N LYS D 43 -12.59 -1.51 3.89
CA LYS D 43 -11.19 -1.42 3.50
C LYS D 43 -10.85 -2.42 2.39
N ALA D 44 -11.40 -3.63 2.48
CA ALA D 44 -11.14 -4.63 1.45
C ALA D 44 -11.79 -4.24 0.11
N ILE D 45 -12.98 -3.66 0.15
CA ILE D 45 -13.61 -3.19 -1.09
C ILE D 45 -12.77 -2.08 -1.71
N SER D 46 -12.35 -1.11 -0.90
CA SER D 46 -11.49 -0.02 -1.37
C SER D 46 -10.24 -0.57 -2.05
N SER D 47 -9.55 -1.52 -1.40
CA SER D 47 -8.36 -2.09 -2.01
C SER D 47 -8.67 -2.67 -3.39
N ALA D 48 -9.80 -3.38 -3.50
CA ALA D 48 -10.19 -3.98 -4.77
C ALA D 48 -10.61 -2.93 -5.78
N VAL D 49 -11.36 -1.91 -5.35
CA VAL D 49 -11.78 -0.86 -6.27
C VAL D 49 -10.57 -0.12 -6.85
N ARG D 50 -9.55 0.10 -6.02
CA ARG D 50 -8.34 0.77 -6.50
C ARG D 50 -7.43 -0.14 -7.30
N LYS D 51 -7.84 -1.40 -7.50
CA LYS D 51 -7.21 -2.35 -8.42
C LYS D 51 -5.90 -2.89 -7.90
N ALA D 52 -5.71 -2.95 -6.60
CA ALA D 52 -4.57 -3.69 -6.08
C ALA D 52 -4.62 -5.11 -6.60
N GLY D 53 -3.52 -5.55 -7.20
CA GLY D 53 -3.42 -6.89 -7.72
C GLY D 53 -3.89 -7.09 -9.14
N ILE D 54 -4.27 -6.02 -9.84
CA ILE D 54 -4.72 -6.18 -11.21
C ILE D 54 -3.60 -6.72 -12.11
N ALA D 55 -2.34 -6.54 -11.74
CA ALA D 55 -1.24 -7.05 -12.55
C ALA D 55 -1.32 -8.57 -12.69
N HIS D 56 -1.78 -9.26 -11.65
CA HIS D 56 -1.91 -10.70 -11.74
C HIS D 56 -3.02 -11.11 -12.70
N LEU D 57 -4.09 -10.31 -12.77
CA LEU D 57 -5.14 -10.59 -13.77
C LEU D 57 -4.62 -10.41 -15.19
N TYR D 58 -3.59 -9.57 -15.38
CA TYR D 58 -3.04 -9.31 -16.70
C TYR D 58 -1.74 -10.06 -16.96
N GLY D 59 -1.46 -11.09 -16.16
CA GLY D 59 -0.45 -12.07 -16.54
C GLY D 59 0.97 -11.84 -16.06
N ILE D 60 1.17 -10.99 -15.04
CA ILE D 60 2.54 -10.69 -14.61
C ILE D 60 3.27 -11.95 -14.18
N ALA D 61 2.54 -12.94 -13.66
CA ALA D 61 3.16 -14.19 -13.24
C ALA D 61 2.93 -15.32 -14.24
N GLY D 62 2.53 -14.99 -15.48
CA GLY D 62 2.35 -16.03 -16.49
C GLY D 62 0.99 -16.71 -16.49
N LYS D 73 -17.45 -8.73 -11.76
CA LYS D 73 -16.94 -9.45 -10.62
C LYS D 73 -16.78 -8.51 -9.43
N LEU D 74 -16.47 -7.23 -9.66
CA LEU D 74 -16.18 -6.32 -8.55
C LEU D 74 -17.39 -6.12 -7.66
N ASP D 75 -18.58 -5.98 -8.25
CA ASP D 75 -19.77 -5.82 -7.43
C ASP D 75 -20.09 -7.12 -6.71
N VAL D 76 -19.81 -8.26 -7.34
CA VAL D 76 -20.04 -9.55 -6.68
C VAL D 76 -19.02 -9.76 -5.57
N LEU D 77 -17.75 -9.46 -5.85
CA LEU D 77 -16.73 -9.54 -4.80
C LEU D 77 -17.09 -8.65 -3.61
N SER D 78 -17.51 -7.40 -3.87
CA SER D 78 -17.90 -6.50 -2.78
C SER D 78 -19.04 -7.07 -1.95
N ASN D 79 -20.07 -7.62 -2.62
CA ASN D 79 -21.15 -8.26 -1.91
C ASN D 79 -20.64 -9.41 -1.04
N ASP D 80 -19.70 -10.20 -1.57
CA ASP D 80 -19.12 -11.30 -0.80
C ASP D 80 -18.37 -10.80 0.44
N LEU D 81 -17.62 -9.71 0.29
CA LEU D 81 -16.88 -9.19 1.43
C LEU D 81 -17.83 -8.77 2.55
N VAL D 82 -18.86 -7.99 2.22
CA VAL D 82 -19.79 -7.51 3.24
C VAL D 82 -20.57 -8.66 3.85
N MET D 83 -21.08 -9.57 3.01
CA MET D 83 -21.83 -10.72 3.51
C MET D 83 -20.98 -11.53 4.48
N ASN D 84 -19.76 -11.86 4.07
CA ASN D 84 -18.96 -12.74 4.90
C ASN D 84 -18.53 -12.04 6.19
N MET D 85 -18.17 -10.75 6.11
CA MET D 85 -17.73 -10.06 7.31
C MET D 85 -18.88 -9.84 8.28
N LEU D 86 -20.08 -9.53 7.77
CA LEU D 86 -21.23 -9.35 8.65
C LEU D 86 -21.69 -10.67 9.26
N LYS D 87 -21.75 -11.73 8.45
CA LYS D 87 -22.11 -13.05 8.98
C LYS D 87 -21.20 -13.44 10.12
N SER D 88 -19.89 -13.31 9.91
CA SER D 88 -18.92 -13.73 10.92
C SER D 88 -18.77 -12.75 12.07
N SER D 89 -19.52 -11.64 12.08
CA SER D 89 -19.50 -10.77 13.27
C SER D 89 -20.30 -11.37 14.41
N PHE D 90 -21.17 -12.35 14.13
CA PHE D 90 -22.12 -12.88 15.09
C PHE D 90 -23.08 -11.80 15.61
N ALA D 91 -23.25 -10.71 14.85
CA ALA D 91 -24.10 -9.61 15.26
C ALA D 91 -25.37 -9.45 14.42
N THR D 92 -25.52 -10.21 13.34
CA THR D 92 -26.63 -10.00 12.41
C THR D 92 -27.48 -11.26 12.32
N CYS D 93 -28.72 -11.08 11.84
CA CYS D 93 -29.62 -12.21 11.61
C CYS D 93 -30.26 -12.16 10.22
N VAL D 94 -30.46 -10.96 9.68
CA VAL D 94 -31.04 -10.80 8.35
C VAL D 94 -30.21 -9.78 7.59
N LEU D 95 -29.87 -10.11 6.33
CA LEU D 95 -29.05 -9.25 5.48
C LEU D 95 -29.78 -9.06 4.15
N VAL D 96 -30.00 -7.79 3.77
CA VAL D 96 -30.64 -7.46 2.51
C VAL D 96 -29.60 -6.71 1.65
N SER D 97 -29.34 -7.22 0.46
CA SER D 97 -28.36 -6.61 -0.44
C SER D 97 -29.01 -6.30 -1.78
N GLU D 98 -28.60 -5.17 -2.38
CA GLU D 98 -28.99 -4.86 -3.76
C GLU D 98 -28.74 -6.02 -4.70
N GLU D 99 -27.70 -6.83 -4.43
CA GLU D 99 -27.23 -7.91 -5.29
C GLU D 99 -27.99 -9.22 -5.10
N ASP D 100 -28.85 -9.33 -4.08
CA ASP D 100 -29.48 -10.60 -3.77
C ASP D 100 -30.99 -10.50 -3.86
N LYS D 101 -31.58 -11.45 -4.59
CA LYS D 101 -33.02 -11.43 -4.87
C LYS D 101 -33.84 -11.47 -3.58
N HIS D 102 -33.47 -12.35 -2.66
CA HIS D 102 -34.17 -12.53 -1.39
C HIS D 102 -33.28 -12.07 -0.24
N ALA D 103 -33.92 -11.77 0.88
CA ALA D 103 -33.13 -11.51 2.07
C ALA D 103 -32.32 -12.75 2.43
N ILE D 104 -31.10 -12.54 2.89
CA ILE D 104 -30.24 -13.62 3.36
C ILE D 104 -30.49 -13.82 4.84
N ILE D 105 -30.75 -15.06 5.25
CA ILE D 105 -30.98 -15.38 6.65
C ILE D 105 -29.72 -15.99 7.23
N VAL D 106 -29.20 -15.41 8.31
CA VAL D 106 -27.97 -15.90 8.89
C VAL D 106 -28.23 -17.24 9.56
N GLU D 107 -27.26 -18.15 9.47
CA GLU D 107 -27.39 -19.45 10.09
C GLU D 107 -27.56 -19.32 11.61
N PRO D 108 -28.31 -20.23 12.25
CA PRO D 108 -28.68 -20.04 13.66
C PRO D 108 -27.52 -19.74 14.58
N GLU D 109 -26.42 -20.48 14.41
CA GLU D 109 -25.29 -20.38 15.33
C GLU D 109 -24.56 -19.04 15.23
N LYS D 110 -24.80 -18.26 14.17
CA LYS D 110 -24.12 -16.98 14.00
C LYS D 110 -25.04 -15.77 14.17
N ARG D 111 -26.29 -15.98 14.59
CA ARG D 111 -27.27 -14.90 14.59
C ARG D 111 -27.03 -13.94 15.74
N GLY D 112 -27.03 -12.64 15.43
CA GLY D 112 -27.20 -11.60 16.39
C GLY D 112 -28.51 -10.88 16.19
N LYS D 113 -28.61 -9.68 16.77
CA LYS D 113 -29.90 -9.02 16.79
C LYS D 113 -30.11 -8.01 15.67
N TYR D 114 -29.10 -7.78 14.81
CA TYR D 114 -29.23 -6.67 13.87
C TYR D 114 -29.59 -7.13 12.46
N VAL D 115 -30.36 -6.27 11.79
CA VAL D 115 -30.71 -6.41 10.38
C VAL D 115 -29.92 -5.35 9.63
N VAL D 116 -29.25 -5.76 8.55
CA VAL D 116 -28.43 -4.82 7.77
C VAL D 116 -28.90 -4.83 6.34
N CYS D 117 -29.20 -3.65 5.80
CA CYS D 117 -29.50 -3.46 4.38
C CYS D 117 -28.37 -2.72 3.72
N PHE D 118 -27.88 -3.20 2.59
CA PHE D 118 -26.73 -2.54 2.02
C PHE D 118 -26.71 -2.63 0.51
N ASP D 119 -26.06 -1.64 -0.10
CA ASP D 119 -25.69 -1.69 -1.52
C ASP D 119 -24.18 -1.80 -1.53
N PRO D 120 -23.60 -2.97 -1.84
CA PRO D 120 -22.16 -3.13 -1.62
C PRO D 120 -21.30 -2.33 -2.58
N LEU D 121 -21.77 -2.06 -3.81
CA LEU D 121 -20.98 -1.23 -4.73
C LEU D 121 -21.95 -0.38 -5.55
N ASP D 122 -22.45 0.68 -4.92
CA ASP D 122 -23.35 1.61 -5.58
C ASP D 122 -22.61 2.40 -6.67
N GLY D 123 -23.27 2.59 -7.81
CA GLY D 123 -22.65 3.26 -8.93
C GLY D 123 -21.74 2.38 -9.76
N SER D 124 -21.58 1.11 -9.41
CA SER D 124 -20.62 0.27 -10.12
C SER D 124 -21.04 -0.06 -11.53
N SER D 125 -22.31 0.20 -11.89
CA SER D 125 -22.74 -0.05 -13.26
C SER D 125 -21.93 0.75 -14.26
N ASN D 126 -21.38 1.89 -13.84
CA ASN D 126 -20.52 2.71 -14.69
C ASN D 126 -19.07 2.70 -14.21
N ILE D 127 -18.66 1.67 -13.47
CA ILE D 127 -17.30 1.59 -12.95
C ILE D 127 -16.27 1.47 -14.05
N ASP D 128 -16.71 1.14 -15.27
CA ASP D 128 -15.77 1.03 -16.39
C ASP D 128 -15.14 2.36 -16.76
N CYS D 129 -15.72 3.49 -16.33
CA CYS D 129 -15.10 4.79 -16.57
C CYS D 129 -14.41 5.36 -15.34
N LEU D 130 -14.21 4.53 -14.30
CA LEU D 130 -13.49 4.89 -13.08
C LEU D 130 -14.18 6.01 -12.32
N VAL D 131 -15.47 6.19 -12.57
CA VAL D 131 -16.28 7.10 -11.78
C VAL D 131 -16.27 6.64 -10.32
N SER D 132 -16.34 7.61 -9.41
CA SER D 132 -16.48 7.30 -7.99
C SER D 132 -17.59 6.29 -7.77
N VAL D 133 -17.35 5.33 -6.87
CA VAL D 133 -18.38 4.40 -6.45
C VAL D 133 -18.40 4.35 -4.94
N GLY D 134 -19.38 3.63 -4.39
CA GLY D 134 -19.50 3.60 -2.95
C GLY D 134 -20.25 2.40 -2.41
N THR D 135 -20.21 2.29 -1.08
CA THR D 135 -20.96 1.28 -0.34
C THR D 135 -21.94 2.01 0.57
N ILE D 136 -23.20 1.60 0.55
CA ILE D 136 -24.23 2.22 1.38
C ILE D 136 -24.81 1.18 2.31
N PHE D 137 -25.04 1.55 3.58
CA PHE D 137 -25.55 0.58 4.53
C PHE D 137 -26.51 1.25 5.53
N GLY D 138 -27.47 0.45 6.00
CA GLY D 138 -28.36 0.84 7.08
C GLY D 138 -28.54 -0.31 8.06
N ILE D 139 -28.48 -0.01 9.35
CA ILE D 139 -28.49 -1.03 10.40
C ILE D 139 -29.75 -0.81 11.23
N TYR D 140 -30.59 -1.85 11.28
CA TYR D 140 -31.78 -1.91 12.10
C TYR D 140 -31.61 -2.94 13.20
N ARG D 141 -32.35 -2.74 14.30
N ARG D 141 -32.34 -2.73 14.29
CA ARG D 141 -32.47 -3.76 15.32
CA ARG D 141 -32.51 -3.76 15.31
C ARG D 141 -33.67 -4.63 14.95
C ARG D 141 -33.68 -4.64 14.91
N LYS D 142 -33.50 -5.96 15.05
CA LYS D 142 -34.63 -6.85 14.79
C LYS D 142 -35.72 -6.54 15.82
N LYS D 143 -36.96 -6.40 15.36
CA LYS D 143 -38.04 -5.90 16.19
C LYS D 143 -38.92 -6.98 16.83
N SER D 144 -38.97 -8.17 16.26
CA SER D 144 -39.79 -9.25 16.82
C SER D 144 -38.90 -10.44 17.15
N THR D 145 -39.39 -11.30 18.02
CA THR D 145 -38.72 -12.55 18.37
C THR D 145 -39.07 -13.68 17.42
N ASP D 146 -39.80 -13.41 16.34
CA ASP D 146 -40.11 -14.47 15.40
C ASP D 146 -38.83 -14.99 14.72
N GLU D 147 -38.96 -16.14 14.08
CA GLU D 147 -37.88 -16.67 13.28
C GLU D 147 -37.52 -15.63 12.22
N PRO D 148 -36.24 -15.34 12.02
CA PRO D 148 -35.86 -14.24 11.12
C PRO D 148 -36.30 -14.47 9.68
N SER D 149 -36.76 -13.40 9.05
CA SER D 149 -37.27 -13.45 7.68
C SER D 149 -37.14 -12.07 7.06
N GLU D 150 -37.49 -11.97 5.78
CA GLU D 150 -37.49 -10.69 5.07
C GLU D 150 -38.28 -9.62 5.81
N LYS D 151 -39.34 -10.02 6.54
CA LYS D 151 -40.19 -9.05 7.20
C LYS D 151 -39.41 -8.21 8.21
N ASP D 152 -38.37 -8.77 8.80
CA ASP D 152 -37.57 -8.01 9.75
C ASP D 152 -36.86 -6.85 9.09
N ALA D 153 -36.71 -6.89 7.77
CA ALA D 153 -36.12 -5.77 7.06
C ALA D 153 -37.15 -4.76 6.60
N LEU D 154 -38.45 -5.03 6.77
CA LEU D 154 -39.48 -4.09 6.30
C LEU D 154 -39.83 -3.08 7.40
N GLN D 155 -38.86 -2.30 7.74
CA GLN D 155 -38.95 -1.26 8.76
C GLN D 155 -38.78 0.12 8.12
N PRO D 156 -39.47 1.13 8.64
CA PRO D 156 -39.23 2.49 8.14
C PRO D 156 -37.86 2.99 8.55
N GLY D 157 -37.28 3.84 7.69
CA GLY D 157 -35.96 4.36 7.97
C GLY D 157 -35.84 5.05 9.30
N ARG D 158 -36.96 5.57 9.84
N ARG D 158 -36.96 5.55 9.84
CA ARG D 158 -36.91 6.16 11.17
CA ARG D 158 -36.97 6.14 11.17
C ARG D 158 -36.55 5.15 12.25
C ARG D 158 -36.52 5.16 12.24
N ASN D 159 -36.54 3.86 11.95
CA ASN D 159 -36.10 2.85 12.91
C ASN D 159 -34.60 2.57 12.87
N LEU D 160 -33.87 3.17 11.94
CA LEU D 160 -32.44 2.93 11.80
C LEU D 160 -31.71 3.26 13.10
N VAL D 161 -30.79 2.37 13.48
CA VAL D 161 -29.88 2.59 14.60
C VAL D 161 -28.60 3.30 14.14
N ALA D 162 -28.12 2.96 12.95
CA ALA D 162 -26.96 3.63 12.36
C ALA D 162 -27.06 3.45 10.85
N ALA D 163 -26.45 4.35 10.11
CA ALA D 163 -26.47 4.25 8.66
C ALA D 163 -25.32 5.09 8.11
N GLY D 164 -25.00 4.87 6.85
CA GLY D 164 -23.95 5.69 6.28
C GLY D 164 -23.45 5.09 4.99
N TYR D 165 -22.24 5.48 4.62
CA TYR D 165 -21.73 5.07 3.33
C TYR D 165 -20.21 5.20 3.33
N ALA D 166 -19.60 4.42 2.46
CA ALA D 166 -18.20 4.61 2.10
C ALA D 166 -18.15 5.12 0.67
N LEU D 167 -17.39 6.18 0.44
CA LEU D 167 -17.18 6.72 -0.90
C LEU D 167 -15.78 6.36 -1.35
N TYR D 168 -15.66 5.60 -2.44
CA TYR D 168 -14.36 5.32 -3.07
C TYR D 168 -14.17 6.36 -4.17
N GLY D 169 -13.74 7.56 -3.75
CA GLY D 169 -13.54 8.65 -4.66
C GLY D 169 -12.07 8.95 -4.88
N SER D 170 -11.70 10.24 -4.93
CA SER D 170 -10.28 10.57 -5.00
C SER D 170 -9.55 10.03 -3.80
N ALA D 171 -10.21 10.01 -2.64
CA ALA D 171 -9.81 9.24 -1.47
C ALA D 171 -11.00 8.42 -1.00
N THR D 172 -10.77 7.54 -0.03
CA THR D 172 -11.83 6.70 0.54
C THR D 172 -12.27 7.31 1.86
N MET D 173 -13.58 7.55 1.98
CA MET D 173 -14.12 8.15 3.19
C MET D 173 -15.32 7.33 3.65
N LEU D 174 -15.43 7.14 4.95
CA LEU D 174 -16.61 6.51 5.56
C LEU D 174 -17.37 7.57 6.32
N VAL D 175 -18.65 7.73 5.98
CA VAL D 175 -19.54 8.66 6.66
C VAL D 175 -20.50 7.81 7.49
N LEU D 176 -20.50 8.02 8.81
CA LEU D 176 -21.29 7.22 9.74
C LEU D 176 -22.24 8.13 10.51
N ALA D 177 -23.52 7.85 10.42
CA ALA D 177 -24.54 8.61 11.11
C ALA D 177 -25.17 7.72 12.17
N MET D 178 -25.35 8.29 13.36
CA MET D 178 -26.09 7.64 14.44
C MET D 178 -26.82 8.74 15.20
N ASP D 179 -27.42 8.37 16.33
CA ASP D 179 -28.11 9.34 17.16
C ASP D 179 -27.18 10.50 17.56
N CYS D 180 -25.90 10.23 17.75
CA CYS D 180 -24.97 11.28 18.16
C CYS D 180 -24.61 12.24 17.03
N GLY D 181 -25.07 12.02 15.81
CA GLY D 181 -24.78 12.89 14.69
C GLY D 181 -24.01 12.18 13.60
N VAL D 182 -23.45 12.98 12.69
CA VAL D 182 -22.75 12.49 11.51
C VAL D 182 -21.26 12.75 11.68
N ASN D 183 -20.46 11.72 11.47
CA ASN D 183 -19.01 11.85 11.56
C ASN D 183 -18.35 11.19 10.35
N CYS D 184 -17.32 11.85 9.83
CA CYS D 184 -16.63 11.47 8.60
C CYS D 184 -15.19 11.06 8.90
N PHE D 185 -14.80 9.90 8.38
CA PHE D 185 -13.50 9.28 8.65
C PHE D 185 -12.77 9.07 7.34
N MET D 186 -11.51 9.52 7.27
CA MET D 186 -10.73 9.34 6.05
C MET D 186 -9.85 8.10 6.16
N LEU D 187 -9.90 7.25 5.13
CA LEU D 187 -9.07 6.05 5.12
C LEU D 187 -7.63 6.44 4.79
N ASP D 188 -6.70 6.16 5.73
CA ASP D 188 -5.26 6.26 5.49
C ASP D 188 -4.79 4.90 4.99
N PRO D 189 -4.58 4.73 3.68
CA PRO D 189 -4.22 3.41 3.15
C PRO D 189 -2.82 2.96 3.53
N ALA D 190 -1.96 3.86 4.01
CA ALA D 190 -0.66 3.44 4.50
C ALA D 190 -0.77 2.51 5.70
N ILE D 191 -1.78 2.70 6.55
CA ILE D 191 -1.89 1.92 7.78
C ILE D 191 -3.24 1.25 7.94
N GLY D 192 -4.12 1.36 6.95
CA GLY D 192 -5.47 0.81 7.04
C GLY D 192 -6.24 1.28 8.25
N GLU D 193 -6.26 2.59 8.50
CA GLU D 193 -7.01 3.16 9.61
C GLU D 193 -7.89 4.26 9.08
N PHE D 194 -9.15 4.27 9.51
CA PHE D 194 -10.07 5.37 9.21
C PHE D 194 -9.86 6.45 10.25
N ILE D 195 -9.41 7.63 9.80
CA ILE D 195 -9.07 8.72 10.71
C ILE D 195 -10.24 9.70 10.74
N LEU D 196 -10.68 10.05 11.95
CA LEU D 196 -11.77 11.00 12.09
C LEU D 196 -11.30 12.40 11.67
N VAL D 197 -11.93 12.97 10.64
CA VAL D 197 -11.48 14.26 10.12
C VAL D 197 -12.56 15.33 10.17
N ASP D 198 -13.84 14.96 10.24
CA ASP D 198 -14.92 15.94 10.31
C ASP D 198 -15.92 15.48 11.35
N LYS D 199 -16.08 16.25 12.42
CA LYS D 199 -16.89 15.84 13.55
C LYS D 199 -18.24 16.54 13.54
N ASP D 200 -19.31 15.77 13.77
CA ASP D 200 -20.67 16.28 13.96
C ASP D 200 -21.06 17.25 12.84
N VAL D 201 -20.98 16.76 11.60
CA VAL D 201 -21.12 17.62 10.44
C VAL D 201 -22.58 17.99 10.24
N LYS D 202 -22.80 19.22 9.82
CA LYS D 202 -24.10 19.76 9.52
C LYS D 202 -24.09 20.32 8.10
N ILE D 203 -25.19 20.12 7.40
CA ILE D 203 -25.31 20.62 6.02
C ILE D 203 -25.69 22.11 6.06
N LYS D 204 -25.29 22.82 5.00
CA LYS D 204 -25.72 24.21 4.81
C LYS D 204 -27.24 24.31 4.73
N LYS D 205 -27.79 25.42 5.26
CA LYS D 205 -29.23 25.62 5.21
C LYS D 205 -29.76 25.77 3.78
N LYS D 206 -28.95 26.38 2.89
CA LYS D 206 -29.31 26.58 1.50
C LYS D 206 -28.04 26.46 0.67
N GLY D 207 -28.13 25.73 -0.44
CA GLY D 207 -26.99 25.49 -1.28
C GLY D 207 -27.06 26.29 -2.57
N LYS D 208 -26.14 25.96 -3.48
CA LYS D 208 -26.08 26.62 -4.78
C LYS D 208 -25.85 25.62 -5.90
N ILE D 209 -26.17 24.35 -5.66
CA ILE D 209 -25.97 23.29 -6.63
C ILE D 209 -27.24 22.45 -6.69
N TYR D 210 -27.67 22.10 -7.90
CA TYR D 210 -28.72 21.10 -8.07
C TYR D 210 -28.16 19.95 -8.87
N SER D 211 -28.66 18.75 -8.58
CA SER D 211 -28.12 17.51 -9.13
C SER D 211 -29.27 16.58 -9.52
N LEU D 212 -29.43 16.33 -10.82
CA LEU D 212 -30.35 15.33 -11.36
C LEU D 212 -30.00 15.12 -12.83
N ASN D 213 -30.51 14.03 -13.39
CA ASN D 213 -30.27 13.69 -14.79
C ASN D 213 -31.21 14.48 -15.68
N GLU D 214 -30.75 15.60 -16.24
CA GLU D 214 -31.62 16.40 -17.09
C GLU D 214 -31.81 15.83 -18.48
N GLY D 215 -31.13 14.72 -18.82
CA GLY D 215 -31.35 14.11 -20.11
C GLY D 215 -32.77 13.59 -20.30
N TYR D 216 -33.44 13.26 -19.20
CA TYR D 216 -34.80 12.76 -19.24
C TYR D 216 -35.84 13.84 -18.95
N ALA D 217 -35.51 15.08 -19.28
CA ALA D 217 -36.43 16.19 -19.03
C ALA D 217 -37.78 15.98 -19.70
N LYS D 218 -37.82 15.32 -20.87
CA LYS D 218 -39.12 15.14 -21.52
C LYS D 218 -40.05 14.27 -20.70
N ASP D 219 -39.52 13.52 -19.74
CA ASP D 219 -40.33 12.69 -18.87
C ASP D 219 -40.59 13.36 -17.51
N PHE D 220 -40.05 14.55 -17.27
CA PHE D 220 -40.18 15.17 -15.95
C PHE D 220 -41.64 15.40 -15.59
N ASP D 221 -41.94 15.21 -14.31
CA ASP D 221 -43.17 15.75 -13.79
C ASP D 221 -43.13 17.27 -13.96
N PRO D 222 -44.27 17.91 -14.23
CA PRO D 222 -44.28 19.35 -14.42
C PRO D 222 -43.67 20.13 -13.26
N ALA D 223 -43.81 19.63 -12.02
CA ALA D 223 -43.24 20.32 -10.88
C ALA D 223 -41.71 20.29 -10.92
N VAL D 224 -41.13 19.17 -11.32
CA VAL D 224 -39.68 19.10 -11.42
C VAL D 224 -39.20 20.06 -12.51
N THR D 225 -39.87 20.04 -13.67
CA THR D 225 -39.53 20.98 -14.74
C THR D 225 -39.52 22.41 -14.23
N GLU D 226 -40.58 22.82 -13.52
CA GLU D 226 -40.66 24.21 -13.04
C GLU D 226 -39.57 24.50 -12.00
N TYR D 227 -39.34 23.58 -11.06
CA TYR D 227 -38.31 23.83 -10.04
C TYR D 227 -36.93 23.99 -10.68
N ILE D 228 -36.57 23.10 -11.61
CA ILE D 228 -35.25 23.17 -12.24
C ILE D 228 -35.12 24.42 -13.10
N GLN D 229 -36.19 24.79 -13.82
CA GLN D 229 -36.19 26.05 -14.56
C GLN D 229 -35.94 27.24 -13.64
N ARG D 230 -36.47 27.20 -12.41
CA ARG D 230 -36.21 28.27 -11.45
C ARG D 230 -34.78 28.26 -10.96
N LYS D 231 -34.14 27.10 -10.95
CA LYS D 231 -32.73 27.08 -10.56
C LYS D 231 -31.87 27.67 -11.66
N LYS D 232 -32.26 27.51 -12.92
CA LYS D 232 -31.49 28.02 -14.04
C LYS D 232 -31.82 29.46 -14.40
N PHE D 233 -33.09 29.84 -14.27
CA PHE D 233 -33.58 31.16 -14.63
C PHE D 233 -34.30 31.72 -13.41
N PRO D 234 -33.56 32.17 -12.40
CA PRO D 234 -34.16 32.63 -11.14
C PRO D 234 -34.98 33.88 -11.34
N PRO D 235 -36.17 33.96 -10.75
CA PRO D 235 -37.04 35.13 -10.98
C PRO D 235 -36.50 36.41 -10.37
N ASP D 236 -35.63 36.34 -9.36
CA ASP D 236 -35.13 37.53 -8.70
C ASP D 236 -33.75 37.91 -9.25
N ASN D 237 -32.93 38.57 -8.43
CA ASN D 237 -31.59 38.97 -8.83
C ASN D 237 -30.51 37.98 -8.36
N SER D 238 -30.90 36.75 -8.04
CA SER D 238 -29.91 35.79 -7.59
C SER D 238 -29.18 35.12 -8.74
N ALA D 239 -28.06 34.54 -8.43
CA ALA D 239 -27.32 33.82 -9.44
C ALA D 239 -27.97 32.46 -9.67
N PRO D 240 -28.02 31.99 -10.91
CA PRO D 240 -28.50 30.62 -11.14
C PRO D 240 -27.62 29.63 -10.41
N TYR D 241 -28.21 28.52 -9.98
CA TYR D 241 -27.45 27.44 -9.34
C TYR D 241 -26.51 26.79 -10.35
N GLY D 242 -25.39 26.25 -9.83
CA GLY D 242 -24.58 25.36 -10.66
C GLY D 242 -25.17 23.97 -10.72
N ALA D 243 -24.84 23.22 -11.78
CA ALA D 243 -25.30 21.85 -11.95
C ALA D 243 -24.13 20.86 -11.84
N ARG D 244 -24.37 19.76 -11.14
CA ARG D 244 -23.43 18.64 -11.05
C ARG D 244 -24.25 17.36 -11.06
N TYR D 245 -23.83 16.38 -11.84
CA TYR D 245 -24.51 15.08 -11.80
C TYR D 245 -23.49 14.01 -12.14
N VAL D 246 -22.94 13.38 -11.09
CA VAL D 246 -21.94 12.34 -11.30
C VAL D 246 -22.57 11.06 -11.83
N GLY D 247 -23.79 10.76 -11.40
CA GLY D 247 -24.47 9.52 -11.75
C GLY D 247 -24.19 8.37 -10.81
N SER D 248 -23.42 8.60 -9.75
CA SER D 248 -23.21 7.66 -8.66
C SER D 248 -23.77 8.28 -7.38
N MET D 249 -24.78 7.64 -6.77
CA MET D 249 -25.53 8.28 -5.70
C MET D 249 -24.65 8.71 -4.54
N VAL D 250 -23.70 7.85 -4.14
CA VAL D 250 -22.83 8.19 -3.01
C VAL D 250 -22.01 9.44 -3.29
N ALA D 251 -21.50 9.59 -4.52
CA ALA D 251 -20.72 10.79 -4.84
C ALA D 251 -21.60 12.03 -4.81
N ASP D 252 -22.77 11.96 -5.45
CA ASP D 252 -23.63 13.14 -5.50
C ASP D 252 -24.18 13.49 -4.12
N VAL D 253 -24.58 12.49 -3.33
CA VAL D 253 -25.11 12.80 -2.00
C VAL D 253 -23.99 13.34 -1.11
N HIS D 254 -22.78 12.77 -1.22
CA HIS D 254 -21.68 13.28 -0.41
C HIS D 254 -21.36 14.73 -0.76
N ARG D 255 -21.31 15.05 -2.06
CA ARG D 255 -21.10 16.46 -2.46
C ARG D 255 -22.19 17.35 -1.89
N THR D 256 -23.44 16.88 -1.92
CA THR D 256 -24.55 17.64 -1.35
C THR D 256 -24.30 17.89 0.13
N LEU D 257 -23.87 16.86 0.86
CA LEU D 257 -23.54 17.01 2.28
C LEU D 257 -22.45 18.06 2.49
N VAL D 258 -21.37 18.00 1.69
CA VAL D 258 -20.20 18.85 1.90
C VAL D 258 -20.47 20.29 1.46
N TYR D 259 -21.15 20.46 0.32
CA TYR D 259 -21.33 21.77 -0.28
C TYR D 259 -22.74 22.33 -0.12
N GLY D 260 -23.71 21.51 0.27
CA GLY D 260 -25.09 21.95 0.30
C GLY D 260 -25.70 21.89 -1.07
N GLY D 261 -27.01 22.15 -1.13
CA GLY D 261 -27.74 22.11 -2.37
C GLY D 261 -28.80 21.01 -2.34
N ILE D 262 -29.11 20.49 -3.52
CA ILE D 262 -30.24 19.57 -3.64
C ILE D 262 -29.89 18.46 -4.63
N PHE D 263 -30.28 17.24 -4.29
CA PHE D 263 -30.12 16.08 -5.17
C PHE D 263 -31.51 15.52 -5.43
N LEU D 264 -31.82 15.19 -6.69
CA LEU D 264 -33.16 14.75 -7.03
C LEU D 264 -33.10 13.48 -7.86
N TYR D 265 -33.85 12.47 -7.42
CA TYR D 265 -34.24 11.35 -8.27
C TYR D 265 -35.75 11.17 -8.08
N PRO D 266 -36.56 12.05 -8.67
CA PRO D 266 -37.99 12.08 -8.36
C PRO D 266 -38.83 11.12 -9.20
N ALA D 267 -40.08 10.98 -8.81
CA ALA D 267 -41.07 10.19 -9.53
C ALA D 267 -41.55 10.90 -10.80
N ASN D 268 -41.97 10.10 -11.79
CA ASN D 268 -42.69 10.63 -12.93
C ASN D 268 -43.79 9.63 -13.28
N LYS D 269 -44.51 9.87 -14.38
CA LYS D 269 -45.65 9.01 -14.67
C LYS D 269 -45.22 7.63 -15.12
N LYS D 270 -44.10 7.54 -15.83
CA LYS D 270 -43.56 6.24 -16.21
C LYS D 270 -42.85 5.56 -15.05
N SER D 271 -42.46 6.31 -14.01
CA SER D 271 -41.83 5.77 -12.81
C SER D 271 -42.47 6.41 -11.58
N PRO D 272 -43.68 6.00 -11.22
CA PRO D 272 -44.39 6.69 -10.13
C PRO D 272 -43.76 6.49 -8.76
N ASN D 273 -42.91 5.49 -8.59
CA ASN D 273 -42.21 5.31 -7.33
C ASN D 273 -40.74 5.70 -7.43
N GLY D 274 -40.32 6.39 -8.48
CA GLY D 274 -38.89 6.64 -8.63
C GLY D 274 -38.14 5.43 -9.14
N LYS D 275 -36.81 5.54 -9.14
CA LYS D 275 -35.90 4.47 -9.54
C LYS D 275 -35.02 3.94 -8.42
N LEU D 276 -34.59 4.80 -7.50
CA LEU D 276 -33.69 4.35 -6.43
C LEU D 276 -34.44 3.46 -5.44
N ARG D 277 -33.69 2.60 -4.75
CA ARG D 277 -34.28 1.61 -3.86
C ARG D 277 -34.34 2.14 -2.42
N LEU D 278 -35.50 1.97 -1.78
CA LEU D 278 -35.73 2.54 -0.45
C LEU D 278 -34.80 1.94 0.60
N LEU D 279 -34.65 0.62 0.63
CA LEU D 279 -34.06 -0.01 1.80
C LEU D 279 -32.57 0.28 1.93
N TYR D 280 -31.85 0.28 0.81
CA TYR D 280 -30.40 0.38 0.82
C TYR D 280 -29.86 1.53 -0.03
N GLU D 281 -30.71 2.44 -0.49
CA GLU D 281 -30.18 3.68 -1.05
C GLU D 281 -30.83 4.89 -0.38
N CYS D 282 -32.15 5.00 -0.46
CA CYS D 282 -32.83 6.21 0.02
C CYS D 282 -32.76 6.34 1.53
N ASN D 283 -33.19 5.28 2.26
CA ASN D 283 -33.24 5.36 3.72
C ASN D 283 -31.89 5.65 4.34
N PRO D 284 -30.80 4.99 3.97
CA PRO D 284 -29.52 5.37 4.60
C PRO D 284 -29.16 6.82 4.32
N MET D 285 -29.31 7.26 3.07
CA MET D 285 -28.95 8.64 2.73
C MET D 285 -29.89 9.64 3.40
N ALA D 286 -31.18 9.29 3.46
CA ALA D 286 -32.13 10.13 4.20
C ALA D 286 -31.74 10.23 5.67
N TYR D 287 -31.27 9.12 6.26
CA TYR D 287 -30.89 9.17 7.66
C TYR D 287 -29.68 10.07 7.87
N VAL D 288 -28.64 9.91 7.04
CA VAL D 288 -27.46 10.77 7.14
C VAL D 288 -27.86 12.23 7.03
N MET D 289 -28.70 12.55 6.04
CA MET D 289 -29.10 13.94 5.79
C MET D 289 -29.82 14.52 7.01
N GLU D 290 -30.81 13.80 7.55
CA GLU D 290 -31.54 14.37 8.67
C GLU D 290 -30.64 14.56 9.90
N LYS D 291 -29.74 13.60 10.17
CA LYS D 291 -28.79 13.77 11.27
C LYS D 291 -27.81 14.92 11.03
N ALA D 292 -27.63 15.33 9.77
CA ALA D 292 -26.81 16.48 9.43
C ALA D 292 -27.62 17.76 9.36
N GLY D 293 -28.90 17.72 9.75
CA GLY D 293 -29.74 18.90 9.62
C GLY D 293 -30.35 19.11 8.26
N GLY D 294 -30.32 18.08 7.40
CA GLY D 294 -30.91 18.16 6.09
C GLY D 294 -32.29 17.54 6.03
N MET D 295 -32.80 17.42 4.82
CA MET D 295 -34.13 16.90 4.61
C MET D 295 -34.09 15.91 3.47
N ALA D 296 -35.07 15.02 3.47
CA ALA D 296 -35.16 14.00 2.42
C ALA D 296 -36.63 13.62 2.27
N THR D 297 -37.21 13.90 1.11
CA THR D 297 -38.64 13.71 0.88
C THR D 297 -38.89 12.89 -0.37
N THR D 298 -40.02 12.19 -0.39
CA THR D 298 -40.48 11.60 -1.66
C THR D 298 -41.30 12.58 -2.47
N GLY D 299 -41.55 13.79 -1.94
CA GLY D 299 -42.55 14.66 -2.52
C GLY D 299 -43.82 14.62 -1.71
N LYS D 300 -44.23 13.43 -1.27
CA LYS D 300 -45.45 13.22 -0.50
C LYS D 300 -45.22 13.09 1.01
N GLU D 301 -44.04 12.64 1.42
CA GLU D 301 -43.74 12.40 2.84
C GLU D 301 -42.23 12.27 2.98
N ALA D 302 -41.76 12.31 4.23
CA ALA D 302 -40.34 12.07 4.47
C ALA D 302 -40.01 10.64 4.09
N VAL D 303 -38.86 10.46 3.41
CA VAL D 303 -38.39 9.12 3.04
C VAL D 303 -38.37 8.20 4.25
N LEU D 304 -37.89 8.69 5.40
CA LEU D 304 -37.77 7.84 6.59
C LEU D 304 -39.11 7.40 7.18
N ASP D 305 -40.23 7.96 6.75
CA ASP D 305 -41.57 7.57 7.22
C ASP D 305 -42.23 6.53 6.32
N VAL D 306 -41.66 6.27 5.13
CA VAL D 306 -42.23 5.26 4.26
C VAL D 306 -42.12 3.90 4.93
N ILE D 307 -43.24 3.17 4.98
CA ILE D 307 -43.27 1.82 5.53
C ILE D 307 -43.17 0.85 4.36
N PRO D 308 -42.05 0.17 4.18
CA PRO D 308 -41.88 -0.68 3.00
C PRO D 308 -42.68 -1.98 3.10
N THR D 309 -43.09 -2.47 1.92
CA THR D 309 -43.75 -3.76 1.79
C THR D 309 -42.93 -4.76 0.99
N ASP D 310 -41.85 -4.32 0.35
CA ASP D 310 -40.98 -5.09 -0.53
C ASP D 310 -39.53 -4.70 -0.26
N ILE D 311 -38.66 -5.67 -0.09
CA ILE D 311 -37.27 -5.33 0.26
C ILE D 311 -36.56 -4.62 -0.90
N HIS D 312 -37.05 -4.77 -2.12
CA HIS D 312 -36.42 -4.07 -3.24
C HIS D 312 -37.27 -2.92 -3.77
N GLN D 313 -38.22 -2.43 -2.99
CA GLN D 313 -39.11 -1.41 -3.52
C GLN D 313 -38.38 -0.10 -3.75
N ARG D 314 -38.88 0.67 -4.70
CA ARG D 314 -38.27 1.91 -5.10
C ARG D 314 -38.92 3.06 -4.35
N ALA D 315 -38.24 4.20 -4.32
CA ALA D 315 -38.83 5.38 -3.71
C ALA D 315 -38.30 6.61 -4.43
N PRO D 316 -39.12 7.64 -4.64
CA PRO D 316 -38.58 8.92 -5.08
C PRO D 316 -37.81 9.58 -3.96
N VAL D 317 -36.81 10.36 -4.32
CA VAL D 317 -36.01 10.97 -3.28
C VAL D 317 -35.57 12.35 -3.74
N ILE D 318 -35.78 13.33 -2.88
CA ILE D 318 -35.26 14.68 -3.04
C ILE D 318 -34.67 15.05 -1.69
N LEU D 319 -33.37 15.36 -1.66
CA LEU D 319 -32.69 15.52 -0.39
C LEU D 319 -31.66 16.64 -0.48
N GLY D 320 -31.27 17.12 0.69
CA GLY D 320 -30.19 18.08 0.77
C GLY D 320 -30.48 19.20 1.75
N SER D 321 -30.03 20.41 1.40
CA SER D 321 -30.21 21.56 2.28
C SER D 321 -31.70 21.81 2.49
N PRO D 322 -32.13 22.11 3.73
CA PRO D 322 -33.57 22.20 4.02
C PRO D 322 -34.27 23.32 3.25
N ASP D 323 -33.67 24.50 3.15
CA ASP D 323 -34.29 25.56 2.39
C ASP D 323 -34.49 25.16 0.94
N ASP D 324 -33.58 24.35 0.38
CA ASP D 324 -33.75 23.91 -0.99
C ASP D 324 -34.82 22.83 -1.11
N VAL D 325 -34.81 21.86 -0.21
CA VAL D 325 -35.83 20.81 -0.22
C VAL D 325 -37.22 21.43 0.02
N LEU D 326 -37.32 22.38 0.95
CA LEU D 326 -38.61 23.05 1.18
C LEU D 326 -39.06 23.85 -0.05
N GLU D 327 -38.13 24.48 -0.75
CA GLU D 327 -38.53 25.19 -1.97
C GLU D 327 -39.06 24.21 -3.02
N PHE D 328 -38.41 23.06 -3.16
CA PHE D 328 -38.95 22.05 -4.06
C PHE D 328 -40.36 21.63 -3.66
N LEU D 329 -40.60 21.41 -2.35
CA LEU D 329 -41.92 20.99 -1.92
C LEU D 329 -42.96 22.06 -2.18
N LYS D 330 -42.56 23.33 -2.10
CA LYS D 330 -43.48 24.40 -2.45
C LYS D 330 -43.94 24.28 -3.90
N VAL D 331 -42.98 24.08 -4.80
CA VAL D 331 -43.30 23.90 -6.21
C VAL D 331 -44.08 22.60 -6.43
N TYR D 332 -43.70 21.53 -5.73
CA TYR D 332 -44.38 20.25 -5.89
C TYR D 332 -45.86 20.37 -5.51
N GLU D 333 -46.16 21.04 -4.39
CA GLU D 333 -47.56 21.17 -4.00
C GLU D 333 -48.35 22.06 -4.96
N LYS D 334 -47.67 23.01 -5.60
CA LYS D 334 -48.36 23.85 -6.59
C LYS D 334 -48.95 23.02 -7.72
N HIS D 335 -48.30 21.91 -8.08
CA HIS D 335 -48.83 21.01 -9.11
C HIS D 335 -49.55 19.81 -8.52
N SER D 336 -49.91 19.85 -7.25
CA SER D 336 -50.62 18.72 -6.67
C SER D 336 -52.11 19.01 -6.66
C7 94D E . 24.19 -1.82 -22.05
C9 94D E . 23.60 -2.80 -23.91
C10 94D E . 24.94 -2.64 -23.97
C3 94D E . 23.85 -1.24 -20.77
C1 94D E . 22.35 -0.49 -19.34
C4 94D E . 24.71 -0.92 -19.78
C11 94D E . 25.33 -2.01 -22.76
C15 94D E . 26.39 -3.08 -18.27
C14 94D E . 26.79 -1.62 -18.45
C13 94D E . 26.23 -1.07 -19.73
C16 94D E . 28.33 -1.47 -18.42
N2 94D E . 22.50 -1.00 -20.52
N6 94D E . 21.14 -0.15 -18.83
O17 94D E . 21.06 -3.01 -24.70
O18 94D E . 22.67 -3.00 -26.58
O19 94D E . 22.44 -5.09 -24.93
O8 94D E . 23.14 -2.31 -22.75
P12 94D E . 22.38 -3.57 -25.14
S5 94D E . 23.81 -0.28 -18.43
C7 94D F . -10.30 -7.22 30.16
C9 94D F . -10.82 -5.51 31.37
C10 94D F . -10.80 -6.56 32.22
C3 94D F . -9.97 -7.81 28.89
C1 94D F . -9.77 -7.68 26.68
C4 94D F . -9.53 -9.06 28.68
C11 94D F . -10.46 -7.68 31.42
C15 94D F . -6.79 -10.20 29.38
C14 94D F . -8.06 -11.04 29.40
C13 94D F . -9.27 -10.16 29.70
C16 94D F . -7.94 -12.18 30.41
N2 94D F . -10.11 -7.02 27.75
N6 94D F . -9.80 -7.17 25.44
O17 94D F . -11.33 -3.17 30.29
O18 94D F . -12.48 -3.51 32.55
O19 94D F . -9.87 -3.10 32.32
O8 94D F . -10.52 -5.87 30.12
P12 94D F . -11.19 -3.69 31.69
S5 94D F . -9.26 -9.31 26.97
C7 94D G . 11.36 9.59 -29.21
C9 94D G . 13.13 10.86 -29.13
C10 94D G . 12.72 10.85 -30.44
C3 94D G . 10.41 8.76 -28.55
C1 94D G . 9.80 7.60 -26.76
C4 94D G . 9.22 8.34 -29.01
C11 94D G . 11.57 10.02 -30.48
C15 94D G . 6.96 10.34 -29.57
C14 94D G . 7.12 9.02 -30.29
C13 94D G . 8.58 8.63 -30.35
C16 94D G . 6.55 9.12 -31.68
N2 94D G . 10.73 8.34 -27.27
N6 94D G . 9.86 7.06 -25.54
O17 94D G . 14.67 11.05 -26.88
O18 94D G . 14.10 13.14 -27.82
O19 94D G . 15.87 11.54 -29.10
O8 94D G . 12.31 10.11 -28.38
P12 94D G . 14.57 11.72 -28.23
S5 94D G . 8.45 7.35 -27.80
C7 94D H . -24.87 0.03 21.24
C9 94D H . -25.58 -1.92 21.76
C10 94D H . -26.43 -1.07 22.34
C3 94D H . -23.93 0.88 20.59
C1 94D H . -21.97 1.21 19.60
C4 94D H . -24.10 2.17 20.33
C11 94D H . -25.96 0.22 22.00
C15 94D H . -25.96 3.39 18.27
C14 94D H . -25.60 4.08 19.57
C13 94D H . -25.29 3.05 20.63
C16 94D H . -26.68 5.04 20.03
N2 94D H . -22.72 0.32 20.19
N6 94D H . -20.76 0.95 19.10
O17 94D H . -25.85 -4.34 23.19
O18 94D H . -26.50 -4.27 20.67
O19 94D H . -24.16 -4.08 21.23
O8 94D H . -24.62 -1.29 21.08
P12 94D H . -25.54 -3.81 21.74
S5 94D H . -22.69 2.78 19.51
#